data_3CEM
#
_entry.id   3CEM
#
_cell.length_a   124.383
_cell.length_b   124.383
_cell.length_c   123.429
_cell.angle_alpha   90.00
_cell.angle_beta   90.00
_cell.angle_gamma   120.00
#
_symmetry.space_group_name_H-M   'P 31'
#
loop_
_entity.id
_entity.type
_entity.pdbx_description
1 polymer 'Glycogen phosphorylase, liver form'
2 non-polymer N-acetyl-beta-D-glucopyranosylamine
3 non-polymer "PYRIDOXAL-5'-PHOSPHATE"
4 non-polymer '1-(2-carboxyphenyl)-7-chloro-6-[(2-chloro-4,6-difluorophenyl)amino]-4-oxo-1,4-dihydroquinoline-3-carboxylic acid'
5 water water
#
_entity_poly.entity_id   1
_entity_poly.type   'polypeptide(L)'
_entity_poly.pdbx_seq_one_letter_code
;NVAELKKSFNRHLHFTLVKDRNVATTRDYYFALAHTVRDHLVGRWIRTQQHYYDKCPKRVYYLSLEFYMGRTLQNTMINL
GLQNACDEAIYQLGLDIEELEEIEEDAGLGNGGLGRLAACFLDSMATLGLAAYGYGIRYEYGIFNQKIRDGWQVEEADDW
LRYGNPWEKSRPEFMLPVHFYGKVEHTNTGTKWIDTQVVLALPYDTPVPGYMNNTVNTMRLWSARAPNDFNLRDFNVGDY
IQAVLDRNLAENISRVLYPNDNFFEGKELRLKQEYFVVAATLQDIIRRFKASKFGSTRGAGTVFDAFPDQVAIQLNDTHP
ALAIPELMRIFVDIEKLPWSKAWELTQKTFAYTNHTVLPEALERWPVDLVEKLLPRHLEIIYEINQKHLDRIVALFPKDV
DRLRRMSLIEEEGSKRINMAHLCIVGSHAVNGVAKIHSDIVKTKVFKDFSELEPDKFQNKTNGITPRRWLLLCNPGLAEL
IAEKIGEDYVKDLSQLTKLHSFLGDDVFLRELAKVKQENKLKFSQFLETEYKVKINPSSMFDVQVKRIHEYKRQLLNCLH
VITMYNRIKKDPKKLFVPRTVIIGGKAAPGYHMAKMIIKLITSVADVVNNDPMVGSKLKVIFLENYRVSLAEKVIPATDL
SEQISTAGTEASGTGNMKFMLNGALTIGTMDGANVEMAEEAGEENLFIFGMRIDDVAALDKKGYEAKEYYEALPELKLVI
DQIDNGFFSPKQPDLFKDIINMLFYHDRFKVFADYEAYVKCQDKVSQLYMNPKAWNTMVLKNIAASGKFSSDRTIKEYAQ
NIWNVEPSD
;
_entity_poly.pdbx_strand_id   A,B
#
# COMPACT_ATOMS: atom_id res chain seq x y z
N ASN A 1 -19.75 -19.99 21.32
CA ASN A 1 -21.26 -20.19 21.15
C ASN A 1 -21.78 -19.96 19.70
N VAL A 2 -22.45 -20.99 19.16
CA VAL A 2 -22.84 -21.06 17.72
C VAL A 2 -23.71 -19.89 17.27
N ALA A 3 -24.90 -19.80 17.83
CA ALA A 3 -25.77 -18.68 17.55
C ALA A 3 -25.00 -17.30 17.58
N GLU A 4 -24.05 -17.11 18.52
CA GLU A 4 -23.39 -15.80 18.62
C GLU A 4 -22.34 -15.51 17.53
N LEU A 5 -21.60 -16.54 17.13
CA LEU A 5 -20.70 -16.51 16.02
C LEU A 5 -21.48 -16.20 14.75
N LYS A 6 -22.70 -16.72 14.59
CA LYS A 6 -23.48 -16.37 13.42
C LYS A 6 -23.86 -14.89 13.46
N LYS A 7 -24.28 -14.38 14.61
CA LYS A 7 -24.59 -12.99 14.68
C LYS A 7 -23.36 -12.20 14.35
N SER A 8 -22.22 -12.49 14.98
CA SER A 8 -20.97 -11.75 14.67
C SER A 8 -20.59 -11.77 13.20
N PHE A 9 -20.59 -12.94 12.62
CA PHE A 9 -20.30 -13.06 11.22
C PHE A 9 -21.22 -12.13 10.38
N ASN A 10 -22.53 -12.18 10.63
CA ASN A 10 -23.48 -11.37 9.91
C ASN A 10 -23.25 -9.90 10.18
N ARG A 11 -22.81 -9.51 11.38
CA ARG A 11 -22.55 -8.10 11.65
C ARG A 11 -21.38 -7.61 10.83
N HIS A 12 -20.34 -8.43 10.68
CA HIS A 12 -19.18 -8.01 9.93
C HIS A 12 -19.48 -8.02 8.43
N LEU A 13 -20.27 -8.99 7.99
CA LEU A 13 -20.64 -9.03 6.60
C LEU A 13 -21.27 -7.69 6.26
N HIS A 14 -22.15 -7.22 7.17
CA HIS A 14 -22.93 -6.00 7.00
C HIS A 14 -22.09 -4.70 7.23
N PHE A 15 -21.47 -4.55 8.42
CA PHE A 15 -20.76 -3.29 8.76
C PHE A 15 -19.28 -3.18 8.29
N THR A 16 -18.57 -4.32 8.26
CA THR A 16 -17.19 -4.34 7.75
C THR A 16 -17.10 -4.56 6.25
N LEU A 17 -17.92 -5.47 5.65
CA LEU A 17 -17.90 -5.66 4.20
C LEU A 17 -18.93 -4.87 3.42
N VAL A 18 -19.91 -4.27 4.08
CA VAL A 18 -20.93 -3.46 3.39
C VAL A 18 -21.68 -4.36 2.37
N LYS A 19 -21.94 -5.62 2.73
CA LYS A 19 -22.62 -6.55 1.82
C LYS A 19 -23.84 -7.21 2.42
N ASP A 20 -24.67 -7.80 1.56
CA ASP A 20 -25.67 -8.73 2.06
C ASP A 20 -25.43 -9.99 1.30
N ARG A 21 -26.22 -11.02 1.61
CA ARG A 21 -26.04 -12.36 1.08
C ARG A 21 -26.26 -12.43 -0.43
N ASN A 22 -26.95 -11.44 -1.01
CA ASN A 22 -27.17 -11.46 -2.45
C ASN A 22 -25.92 -11.19 -3.23
N VAL A 23 -25.12 -10.21 -2.85
CA VAL A 23 -23.91 -9.95 -3.68
C VAL A 23 -22.58 -10.24 -2.99
N ALA A 24 -22.60 -10.96 -1.86
CA ALA A 24 -21.36 -11.22 -1.11
C ALA A 24 -20.55 -12.20 -1.91
N THR A 25 -19.25 -12.05 -1.92
CA THR A 25 -18.37 -12.97 -2.62
C THR A 25 -17.78 -13.90 -1.57
N THR A 26 -17.05 -14.90 -2.04
CA THR A 26 -16.44 -15.87 -1.16
C THR A 26 -15.43 -15.15 -0.32
N ARG A 27 -14.71 -14.21 -0.92
CA ARG A 27 -13.72 -13.41 -0.20
C ARG A 27 -14.39 -12.55 0.89
N ASP A 28 -15.59 -11.99 0.63
CA ASP A 28 -16.35 -11.27 1.64
C ASP A 28 -16.62 -12.17 2.84
N TYR A 29 -17.08 -13.40 2.61
CA TYR A 29 -17.29 -14.34 3.68
C TYR A 29 -16.01 -14.65 4.40
N TYR A 30 -14.92 -14.86 3.67
CA TYR A 30 -13.66 -15.21 4.37
C TYR A 30 -13.33 -14.09 5.33
N PHE A 31 -13.36 -12.85 4.81
CA PHE A 31 -13.09 -11.64 5.61
C PHE A 31 -14.04 -11.51 6.80
N ALA A 32 -15.33 -11.83 6.63
CA ALA A 32 -16.27 -11.71 7.74
C ALA A 32 -15.92 -12.73 8.86
N LEU A 33 -15.55 -13.95 8.50
CA LEU A 33 -15.14 -14.96 9.48
C LEU A 33 -13.85 -14.62 10.15
N ALA A 34 -12.88 -14.14 9.37
CA ALA A 34 -11.59 -13.75 9.91
C ALA A 34 -11.75 -12.71 11.03
N HIS A 35 -12.63 -11.74 10.81
CA HIS A 35 -12.81 -10.67 11.75
C HIS A 35 -13.57 -11.14 12.99
N THR A 36 -14.60 -11.98 12.79
CA THR A 36 -15.36 -12.60 13.89
C THR A 36 -14.37 -13.35 14.76
N VAL A 37 -13.46 -14.09 14.16
CA VAL A 37 -12.46 -14.85 14.91
C VAL A 37 -11.43 -13.96 15.61
N ARG A 38 -10.87 -12.98 14.88
CA ARG A 38 -9.94 -11.99 15.51
C ARG A 38 -10.57 -11.33 16.73
N ASP A 39 -11.88 -11.06 16.68
CA ASP A 39 -12.53 -10.34 17.76
C ASP A 39 -12.42 -11.18 19.03
N HIS A 40 -12.40 -12.51 18.90
CA HIS A 40 -12.28 -13.40 20.05
C HIS A 40 -10.92 -13.42 20.72
N LEU A 41 -9.86 -12.89 20.11
CA LEU A 41 -8.59 -12.91 20.83
C LEU A 41 -8.12 -11.52 21.27
N VAL A 42 -8.89 -10.52 20.90
CA VAL A 42 -8.54 -9.17 21.16
C VAL A 42 -8.38 -8.88 22.68
N GLY A 43 -9.30 -9.39 23.50
CA GLY A 43 -9.24 -9.23 24.94
C GLY A 43 -8.00 -9.82 25.57
N ARG A 44 -7.63 -11.01 25.14
CA ARG A 44 -6.41 -11.61 25.69
C ARG A 44 -5.19 -10.94 25.12
N TRP A 45 -5.31 -10.37 23.93
CA TRP A 45 -4.16 -9.71 23.34
C TRP A 45 -3.80 -8.47 24.14
N ILE A 46 -4.80 -7.63 24.43
CA ILE A 46 -4.64 -6.43 25.27
C ILE A 46 -4.10 -6.82 26.65
N ARG A 47 -4.79 -7.77 27.30
CA ARG A 47 -4.41 -8.30 28.62
C ARG A 47 -3.05 -8.92 28.79
N THR A 48 -2.55 -9.53 27.73
CA THR A 48 -1.25 -10.14 27.89
C THR A 48 -0.14 -9.12 27.72
N GLN A 49 -0.34 -8.11 26.87
CA GLN A 49 0.59 -6.99 26.81
C GLN A 49 0.55 -6.25 28.15
N GLN A 50 -0.64 -6.03 28.72
CA GLN A 50 -0.70 -5.42 30.05
C GLN A 50 0.00 -6.28 31.06
N HIS A 51 -0.31 -7.57 31.11
CA HIS A 51 0.42 -8.47 32.00
C HIS A 51 1.97 -8.36 31.93
N TYR A 52 2.57 -8.34 30.74
CA TYR A 52 4.02 -8.22 30.64
C TYR A 52 4.59 -6.93 31.21
N TYR A 53 3.87 -5.85 31.01
CA TYR A 53 4.21 -4.54 31.56
C TYR A 53 4.12 -4.59 33.06
N ASP A 54 3.05 -5.16 33.61
CA ASP A 54 2.87 -5.11 35.05
C ASP A 54 3.88 -5.92 35.81
N LYS A 55 4.27 -7.09 35.27
CA LYS A 55 5.09 -8.04 36.00
C LYS A 55 6.53 -8.07 35.54
N CYS A 56 6.80 -7.45 34.39
CA CYS A 56 8.09 -7.50 33.75
C CYS A 56 8.84 -8.83 33.87
N PRO A 57 8.31 -9.92 33.30
CA PRO A 57 9.15 -11.09 33.20
C PRO A 57 10.23 -10.76 32.20
N LYS A 58 11.36 -11.44 32.27
CA LYS A 58 12.39 -11.34 31.23
C LYS A 58 11.73 -11.58 29.84
N ARG A 59 11.94 -10.70 28.87
CA ARG A 59 11.31 -10.84 27.55
C ARG A 59 12.22 -11.52 26.52
N VAL A 60 11.63 -12.41 25.69
CA VAL A 60 12.41 -13.09 24.65
C VAL A 60 12.11 -12.47 23.30
N TYR A 61 13.16 -12.11 22.60
CA TYR A 61 13.00 -11.52 21.27
C TYR A 61 13.61 -12.44 20.23
N TYR A 62 12.75 -12.94 19.36
CA TYR A 62 13.22 -13.78 18.27
C TYR A 62 13.38 -12.98 16.99
N LEU A 63 14.62 -12.73 16.59
CA LEU A 63 14.89 -11.76 15.51
C LEU A 63 15.34 -12.53 14.32
N SER A 64 14.61 -12.35 13.22
CA SER A 64 14.66 -13.26 12.05
C SER A 64 14.33 -12.51 10.78
N LEU A 65 15.05 -12.77 9.69
CA LEU A 65 14.67 -12.17 8.41
C LEU A 65 13.48 -12.95 7.83
N GLU A 66 13.05 -14.02 8.48
CA GLU A 66 12.01 -14.87 7.91
C GLU A 66 10.95 -15.45 8.90
N PHE A 67 9.67 -15.32 8.54
CA PHE A 67 8.62 -15.99 9.27
C PHE A 67 7.69 -16.65 8.29
N TYR A 68 7.70 -17.98 8.27
CA TYR A 68 7.01 -18.77 7.26
C TYR A 68 5.70 -19.23 7.85
N MET A 69 4.79 -18.29 8.04
CA MET A 69 3.61 -18.50 8.84
C MET A 69 2.53 -19.35 8.25
N GLY A 70 2.40 -19.38 6.92
CA GLY A 70 1.20 -19.98 6.29
C GLY A 70 -0.08 -19.15 6.51
N ARG A 71 -1.23 -19.84 6.67
CA ARG A 71 -2.52 -19.19 6.96
C ARG A 71 -2.74 -18.99 8.44
N THR A 72 -3.50 -17.96 8.77
CA THR A 72 -3.82 -17.65 10.14
C THR A 72 -5.19 -18.12 10.65
N LEU A 73 -6.21 -18.19 9.78
CA LEU A 73 -7.58 -18.41 10.27
C LEU A 73 -7.74 -19.72 11.02
N GLN A 74 -7.44 -20.84 10.37
CA GLN A 74 -7.67 -22.13 10.98
C GLN A 74 -6.79 -22.30 12.24
N ASN A 75 -5.52 -21.87 12.15
CA ASN A 75 -4.67 -22.03 13.29
C ASN A 75 -5.23 -21.29 14.48
N THR A 76 -5.78 -20.12 14.22
CA THR A 76 -6.33 -19.31 15.28
C THR A 76 -7.59 -19.93 15.83
N MET A 77 -8.51 -20.43 14.99
CA MET A 77 -9.72 -21.09 15.54
C MET A 77 -9.34 -22.23 16.45
N ILE A 78 -8.30 -22.97 16.05
CA ILE A 78 -7.91 -24.15 16.82
C ILE A 78 -7.31 -23.79 18.16
N ASN A 79 -6.42 -22.79 18.16
CA ASN A 79 -5.73 -22.43 19.41
C ASN A 79 -6.68 -21.72 20.37
N LEU A 80 -7.81 -21.23 19.85
CA LEU A 80 -8.80 -20.54 20.67
C LEU A 80 -9.91 -21.49 21.09
N GLY A 81 -9.87 -22.75 20.63
CA GLY A 81 -10.97 -23.74 20.82
C GLY A 81 -12.26 -23.47 20.01
N LEU A 82 -12.23 -22.66 18.93
CA LEU A 82 -13.49 -22.29 18.24
C LEU A 82 -13.83 -23.05 16.95
N GLN A 83 -12.91 -23.89 16.48
CA GLN A 83 -13.06 -24.50 15.20
C GLN A 83 -14.40 -25.18 14.98
N ASN A 84 -14.79 -26.07 15.89
CA ASN A 84 -16.08 -26.76 15.78
C ASN A 84 -17.23 -25.82 15.85
N ALA A 85 -17.16 -24.79 16.70
CA ALA A 85 -18.31 -23.88 16.76
C ALA A 85 -18.40 -23.10 15.45
N CYS A 86 -17.25 -22.69 14.91
CA CYS A 86 -17.25 -21.99 13.62
C CYS A 86 -17.66 -22.91 12.50
N ASP A 87 -17.22 -24.18 12.50
CA ASP A 87 -17.66 -25.06 11.41
C ASP A 87 -19.18 -25.12 11.45
N GLU A 88 -19.72 -25.25 12.65
CA GLU A 88 -21.15 -25.33 12.84
C GLU A 88 -21.89 -24.01 12.44
N ALA A 89 -21.38 -22.87 12.87
CA ALA A 89 -22.03 -21.61 12.52
C ALA A 89 -22.02 -21.48 11.02
N ILE A 90 -20.85 -21.68 10.42
CA ILE A 90 -20.69 -21.36 8.98
C ILE A 90 -21.58 -22.26 8.13
N TYR A 91 -21.59 -23.55 8.53
CA TYR A 91 -22.48 -24.54 7.93
C TYR A 91 -23.94 -24.10 8.04
N GLN A 92 -24.39 -23.69 9.22
CA GLN A 92 -25.78 -23.29 9.37
C GLN A 92 -26.15 -22.09 8.52
N LEU A 93 -25.14 -21.27 8.13
CA LEU A 93 -25.37 -20.10 7.27
C LEU A 93 -25.43 -20.55 5.79
N GLY A 94 -25.27 -21.85 5.54
CA GLY A 94 -25.28 -22.35 4.17
C GLY A 94 -23.97 -22.20 3.45
N LEU A 95 -22.87 -22.03 4.16
CA LEU A 95 -21.54 -21.87 3.51
C LEU A 95 -20.64 -23.01 3.81
N ASP A 96 -19.49 -23.06 3.20
CA ASP A 96 -18.57 -24.15 3.45
C ASP A 96 -17.24 -23.56 3.92
N ILE A 97 -16.82 -23.96 5.12
CA ILE A 97 -15.75 -23.23 5.79
C ILE A 97 -14.42 -23.41 5.09
N GLU A 98 -14.28 -24.58 4.52
CA GLU A 98 -13.09 -24.95 3.79
C GLU A 98 -12.90 -24.09 2.55
N GLU A 99 -13.96 -23.75 1.86
CA GLU A 99 -13.85 -22.78 0.78
C GLU A 99 -13.45 -21.38 1.28
N LEU A 100 -13.95 -20.97 2.45
CA LEU A 100 -13.59 -19.64 2.96
C LEU A 100 -12.16 -19.68 3.31
N GLU A 101 -11.71 -20.83 3.82
CA GLU A 101 -10.29 -20.96 4.22
C GLU A 101 -9.34 -20.83 3.07
N GLU A 102 -9.73 -21.38 1.92
CA GLU A 102 -8.90 -21.29 0.72
C GLU A 102 -8.71 -19.87 0.19
N ILE A 103 -9.60 -18.96 0.51
CA ILE A 103 -9.37 -17.58 0.09
C ILE A 103 -8.07 -16.95 0.71
N GLU A 104 -7.65 -17.38 1.90
CA GLU A 104 -6.56 -16.72 2.57
C GLU A 104 -5.19 -17.00 1.88
N GLU A 105 -4.42 -15.92 1.66
CA GLU A 105 -3.09 -16.02 1.13
C GLU A 105 -2.15 -16.46 2.26
N ASP A 106 -1.26 -17.40 1.96
CA ASP A 106 -0.18 -17.67 2.89
C ASP A 106 0.58 -16.37 3.17
N ALA A 107 1.02 -16.22 4.41
CA ALA A 107 2.09 -15.28 4.69
C ALA A 107 3.39 -16.07 4.44
N GLY A 108 3.82 -16.14 3.16
CA GLY A 108 5.05 -16.86 2.74
C GLY A 108 6.29 -16.02 2.97
N LEU A 109 6.51 -15.51 4.18
CA LEU A 109 7.58 -14.51 4.36
C LEU A 109 8.83 -15.27 4.81
N GLY A 110 9.01 -16.46 4.24
CA GLY A 110 10.19 -17.30 4.45
C GLY A 110 10.41 -18.22 3.24
N ASN A 111 11.57 -18.87 3.22
CA ASN A 111 12.07 -19.70 2.16
C ASN A 111 11.79 -21.19 2.39
N GLY A 112 11.81 -21.61 3.68
CA GLY A 112 11.84 -23.01 4.03
C GLY A 112 12.00 -23.18 5.50
N GLY A 113 12.90 -24.07 5.88
CA GLY A 113 12.97 -24.55 7.26
C GLY A 113 13.34 -23.53 8.30
N LEU A 114 14.31 -22.69 7.97
CA LEU A 114 14.74 -21.65 8.83
C LEU A 114 13.54 -20.76 9.11
N GLY A 115 12.83 -20.35 8.07
CA GLY A 115 11.59 -19.57 8.22
C GLY A 115 10.44 -20.28 8.94
N ARG A 116 10.26 -21.57 8.71
CA ARG A 116 9.20 -22.31 9.36
C ARG A 116 9.60 -22.54 10.79
N LEU A 117 10.90 -22.65 11.05
CA LEU A 117 11.31 -22.88 12.42
C LEU A 117 10.92 -21.65 13.29
N ALA A 118 11.18 -20.43 12.79
CA ALA A 118 10.69 -19.21 13.45
C ALA A 118 9.17 -19.25 13.73
N ALA A 119 8.38 -19.69 12.74
CA ALA A 119 6.92 -19.74 12.95
C ALA A 119 6.52 -20.77 14.03
N CYS A 120 7.11 -21.97 14.01
CA CYS A 120 6.73 -22.99 14.97
C CYS A 120 7.12 -22.52 16.37
N PHE A 121 8.27 -21.86 16.46
CA PHE A 121 8.74 -21.28 17.71
C PHE A 121 7.77 -20.27 18.30
N LEU A 122 7.20 -19.38 17.48
CA LEU A 122 6.28 -18.38 17.99
C LEU A 122 5.09 -19.13 18.56
N ASP A 123 4.59 -20.16 17.86
CA ASP A 123 3.44 -20.89 18.36
C ASP A 123 3.76 -21.55 19.72
N SER A 124 4.94 -22.15 19.84
CA SER A 124 5.34 -22.80 21.06
C SER A 124 5.55 -21.84 22.23
N MET A 125 6.22 -20.72 21.97
CA MET A 125 6.42 -19.70 23.01
C MET A 125 5.13 -19.12 23.55
N ALA A 126 4.14 -18.89 22.68
CA ALA A 126 2.82 -18.45 23.15
C ALA A 126 2.18 -19.51 24.05
N THR A 127 2.30 -20.77 23.65
CA THR A 127 1.58 -21.88 24.32
C THR A 127 2.19 -22.14 25.72
N LEU A 128 3.48 -21.96 25.82
CA LEU A 128 4.22 -22.09 27.05
C LEU A 128 4.12 -20.81 27.86
N GLY A 129 3.43 -19.81 27.34
CA GLY A 129 3.24 -18.55 28.09
C GLY A 129 4.44 -17.64 28.38
N LEU A 130 5.54 -17.74 27.59
CA LEU A 130 6.73 -16.89 27.67
C LEU A 130 6.41 -15.55 27.10
N ALA A 131 7.14 -14.52 27.52
CA ALA A 131 6.81 -13.18 27.14
C ALA A 131 7.65 -12.91 25.94
N ALA A 132 7.21 -13.39 24.78
CA ALA A 132 8.06 -13.47 23.61
C ALA A 132 7.46 -12.68 22.47
N TYR A 133 8.37 -12.11 21.69
CA TYR A 133 7.97 -11.36 20.48
C TYR A 133 8.81 -11.86 19.30
N GLY A 134 8.17 -12.01 18.12
CA GLY A 134 8.88 -12.17 16.85
C GLY A 134 9.12 -10.86 16.14
N TYR A 135 10.33 -10.65 15.66
CA TYR A 135 10.54 -9.43 14.89
C TYR A 135 11.10 -9.69 13.52
N GLY A 136 10.44 -9.13 12.49
CA GLY A 136 10.83 -9.45 11.12
C GLY A 136 10.52 -8.32 10.19
N ILE A 137 10.59 -8.62 8.90
CA ILE A 137 10.25 -7.65 7.87
C ILE A 137 8.91 -8.02 7.26
N ARG A 138 8.06 -7.03 7.09
CA ARG A 138 6.78 -7.26 6.49
C ARG A 138 7.02 -7.16 4.99
N TYR A 139 7.55 -8.21 4.37
CA TYR A 139 7.75 -8.11 2.92
C TYR A 139 6.44 -7.85 2.17
N GLU A 140 6.47 -6.86 1.27
CA GLU A 140 5.28 -6.74 0.41
C GLU A 140 5.02 -7.98 -0.45
N TYR A 141 6.07 -8.71 -0.78
CA TYR A 141 5.96 -9.92 -1.57
C TYR A 141 6.83 -10.98 -0.88
N GLY A 142 6.24 -12.13 -0.61
CA GLY A 142 6.95 -13.23 -0.04
C GLY A 142 7.67 -14.03 -1.08
N ILE A 143 7.91 -15.30 -0.77
CA ILE A 143 8.54 -16.22 -1.68
C ILE A 143 7.60 -16.34 -2.87
N PHE A 144 8.13 -16.32 -4.09
CA PHE A 144 7.29 -16.28 -5.29
C PHE A 144 6.32 -17.47 -5.39
N ASN A 145 5.17 -17.27 -6.04
CA ASN A 145 4.36 -18.41 -6.50
C ASN A 145 5.04 -19.14 -7.67
N GLN A 146 5.20 -20.43 -7.50
CA GLN A 146 5.77 -21.30 -8.52
C GLN A 146 4.67 -21.80 -9.48
N LYS A 147 4.80 -21.42 -10.76
CA LYS A 147 4.09 -22.07 -11.87
C LYS A 147 5.04 -23.07 -12.62
N ILE A 148 4.45 -24.08 -13.23
CA ILE A 148 5.25 -24.96 -14.09
C ILE A 148 4.68 -24.73 -15.51
N ARG A 149 5.44 -24.12 -16.42
CA ARG A 149 4.95 -23.98 -17.81
C ARG A 149 5.80 -24.85 -18.68
N ASP A 150 5.15 -25.80 -19.33
CA ASP A 150 5.85 -26.59 -20.33
C ASP A 150 7.07 -27.27 -19.67
N GLY A 151 6.82 -27.85 -18.50
CA GLY A 151 7.81 -28.56 -17.77
C GLY A 151 8.75 -27.74 -16.92
N TRP A 152 8.77 -26.40 -17.07
CA TRP A 152 9.71 -25.48 -16.29
C TRP A 152 9.08 -24.58 -15.22
N GLN A 153 9.78 -24.43 -14.09
CA GLN A 153 9.41 -23.47 -13.06
C GLN A 153 9.37 -22.10 -13.64
N VAL A 154 8.24 -21.41 -13.50
CA VAL A 154 8.23 -19.97 -13.69
C VAL A 154 7.75 -19.27 -12.40
N GLU A 155 8.29 -18.10 -12.16
CA GLU A 155 8.04 -17.33 -10.95
C GLU A 155 7.01 -16.28 -11.19
N GLU A 156 6.07 -16.17 -10.27
CA GLU A 156 5.12 -15.07 -10.26
C GLU A 156 5.23 -14.36 -8.91
N ALA A 157 5.07 -13.04 -8.92
CA ALA A 157 5.14 -12.22 -7.71
C ALA A 157 4.06 -12.71 -6.72
N ASP A 158 4.45 -12.97 -5.48
CA ASP A 158 3.48 -13.32 -4.47
C ASP A 158 2.89 -12.07 -3.79
N ASP A 159 1.88 -11.50 -4.45
CA ASP A 159 1.23 -10.27 -3.99
C ASP A 159 0.21 -10.48 -2.87
N TRP A 160 0.64 -11.05 -1.74
CA TRP A 160 -0.24 -11.47 -0.68
C TRP A 160 -1.09 -10.35 0.02
N LEU A 161 -0.67 -9.09 -0.07
CA LEU A 161 -1.43 -8.04 0.60
C LEU A 161 -2.37 -7.30 -0.32
N ARG A 162 -2.49 -7.77 -1.55
CA ARG A 162 -3.28 -7.10 -2.57
C ARG A 162 -4.63 -6.72 -1.96
N TYR A 163 -5.30 -7.71 -1.36
CA TYR A 163 -6.69 -7.52 -0.98
C TYR A 163 -6.82 -7.07 0.45
N GLY A 164 -5.71 -6.80 1.12
CA GLY A 164 -5.78 -6.54 2.57
C GLY A 164 -5.48 -7.77 3.43
N ASN A 165 -5.14 -7.54 4.68
CA ASN A 165 -4.81 -8.58 5.63
C ASN A 165 -5.50 -8.33 6.98
N PRO A 166 -6.56 -9.09 7.30
CA PRO A 166 -7.37 -8.81 8.49
C PRO A 166 -6.62 -9.22 9.75
N TRP A 167 -5.43 -9.79 9.60
CA TRP A 167 -4.72 -10.30 10.77
C TRP A 167 -3.63 -9.32 11.24
N GLU A 168 -3.43 -8.20 10.56
CA GLU A 168 -2.36 -7.31 11.01
C GLU A 168 -3.00 -5.99 11.48
N LYS A 169 -2.33 -5.35 12.43
CA LYS A 169 -2.65 -3.99 12.84
C LYS A 169 -1.35 -3.15 12.79
N SER A 170 -1.40 -2.13 11.98
CA SER A 170 -0.43 -1.05 11.86
C SER A 170 -0.25 -0.32 13.23
N ARG A 171 0.96 0.04 13.63
CA ARG A 171 1.18 0.67 14.92
C ARG A 171 1.94 1.99 14.79
N PRO A 172 1.23 3.02 14.34
CA PRO A 172 1.84 4.35 14.05
C PRO A 172 2.67 4.90 15.21
N GLU A 173 2.14 4.79 16.43
CA GLU A 173 2.85 5.31 17.59
C GLU A 173 4.25 4.69 17.75
N PHE A 174 4.56 3.59 17.09
CA PHE A 174 5.90 3.00 17.23
C PHE A 174 6.81 3.09 16.00
N MET A 175 6.38 3.83 14.99
CA MET A 175 7.22 4.21 13.87
C MET A 175 8.57 4.81 14.34
N LEU A 176 9.65 4.48 13.65
CA LEU A 176 11.03 4.69 14.07
C LEU A 176 11.83 5.07 12.81
N PRO A 177 12.79 5.98 12.96
CA PRO A 177 13.63 6.19 11.79
C PRO A 177 14.85 5.25 11.80
N VAL A 178 15.31 4.87 10.62
CA VAL A 178 16.49 4.09 10.42
C VAL A 178 17.41 4.84 9.44
N HIS A 179 18.71 4.80 9.75
CA HIS A 179 19.73 5.62 9.08
C HIS A 179 20.67 4.77 8.24
N PHE A 180 21.13 5.33 7.12
CA PHE A 180 22.01 4.62 6.15
C PHE A 180 23.01 5.63 5.58
N TYR A 181 24.18 5.16 5.09
CA TYR A 181 25.14 6.08 4.43
C TYR A 181 25.75 7.09 5.43
N GLY A 182 25.96 8.33 4.97
CA GLY A 182 26.50 9.34 5.85
C GLY A 182 27.94 9.03 6.21
N LYS A 183 28.34 9.52 7.38
CA LYS A 183 29.72 9.58 7.76
C LYS A 183 29.85 9.82 9.24
N VAL A 184 31.07 9.60 9.73
CA VAL A 184 31.37 9.58 11.14
C VAL A 184 32.29 10.71 11.58
N GLU A 185 31.98 11.35 12.72
CA GLU A 185 32.82 12.38 13.31
C GLU A 185 33.04 12.04 14.79
N HIS A 186 34.30 12.00 15.20
CA HIS A 186 34.65 11.67 16.60
C HIS A 186 34.88 12.96 17.36
N THR A 187 33.83 13.49 17.96
CA THR A 187 33.90 14.80 18.54
C THR A 187 34.18 14.65 20.04
N ASN A 188 34.27 15.77 20.73
CA ASN A 188 34.49 15.76 22.16
C ASN A 188 33.23 15.46 23.01
N THR A 189 32.05 15.32 22.37
CA THR A 189 30.83 14.89 23.07
C THR A 189 30.41 13.44 22.74
N GLY A 190 31.27 12.69 22.04
CA GLY A 190 31.04 11.32 21.61
C GLY A 190 31.07 11.22 20.08
N THR A 191 31.03 9.98 19.55
CA THR A 191 30.99 9.79 18.10
C THR A 191 29.60 10.09 17.50
N LYS A 192 29.57 10.76 16.37
CA LYS A 192 28.33 11.22 15.74
C LYS A 192 28.31 10.65 14.34
N TRP A 193 27.22 9.95 14.02
CA TRP A 193 26.97 9.42 12.67
C TRP A 193 25.99 10.43 12.03
N ILE A 194 26.41 11.09 10.95
CA ILE A 194 25.70 12.27 10.41
C ILE A 194 25.60 12.19 8.88
N ASP A 195 24.96 13.20 8.29
CA ASP A 195 24.40 13.18 6.88
C ASP A 195 23.87 11.85 6.40
N THR A 196 23.09 11.17 7.23
CA THR A 196 22.60 9.86 6.80
C THR A 196 21.32 10.08 5.94
N GLN A 197 20.98 9.08 5.10
CA GLN A 197 19.60 8.98 4.60
C GLN A 197 18.79 8.26 5.65
N VAL A 198 17.55 8.73 5.82
CA VAL A 198 16.56 8.16 6.76
C VAL A 198 15.49 7.39 5.99
N VAL A 199 15.09 6.22 6.50
CA VAL A 199 13.94 5.45 6.02
C VAL A 199 13.13 5.22 7.28
N LEU A 200 11.81 5.39 7.23
CA LEU A 200 11.00 5.12 8.40
C LEU A 200 10.65 3.64 8.42
N ALA A 201 10.53 3.11 9.63
CA ALA A 201 10.11 1.74 9.77
C ALA A 201 8.80 1.77 10.50
N LEU A 202 7.73 1.31 9.86
CA LEU A 202 6.41 1.33 10.49
C LEU A 202 6.05 -0.09 10.87
N PRO A 203 5.80 -0.33 12.15
CA PRO A 203 5.63 -1.72 12.54
C PRO A 203 4.17 -2.14 12.41
N TYR A 204 3.94 -3.41 12.03
CA TYR A 204 2.59 -3.99 11.98
C TYR A 204 2.56 -5.20 12.91
N ASP A 205 1.55 -5.30 13.78
CA ASP A 205 1.44 -6.44 14.70
C ASP A 205 0.43 -7.47 14.22
N THR A 206 0.82 -8.73 14.29
CA THR A 206 -0.04 -9.87 14.09
C THR A 206 -0.09 -10.69 15.41
N PRO A 207 -1.27 -11.17 15.82
CA PRO A 207 -1.38 -11.96 17.06
C PRO A 207 -0.89 -13.36 16.97
N VAL A 208 -0.27 -13.85 18.04
CA VAL A 208 0.24 -15.19 18.09
C VAL A 208 -0.40 -15.89 19.28
N PRO A 209 -1.63 -16.49 19.09
CA PRO A 209 -2.45 -17.00 20.23
C PRO A 209 -1.84 -18.28 20.73
N GLY A 210 -1.62 -18.46 22.04
CA GLY A 210 -1.15 -19.76 22.56
C GLY A 210 -2.21 -20.84 22.38
N TYR A 211 -1.86 -22.10 22.53
CA TYR A 211 -2.90 -23.14 22.43
C TYR A 211 -3.67 -23.22 23.74
N MET A 212 -4.95 -22.89 23.72
CA MET A 212 -5.79 -23.10 24.90
C MET A 212 -5.24 -22.49 26.19
N ASN A 213 -4.92 -21.22 26.16
CA ASN A 213 -4.48 -20.57 27.38
C ASN A 213 -4.87 -19.11 27.27
N ASN A 214 -4.21 -18.26 28.03
CA ASN A 214 -4.65 -16.86 28.08
C ASN A 214 -3.69 -15.92 27.31
N THR A 215 -2.70 -16.48 26.64
CA THR A 215 -1.66 -15.69 26.01
C THR A 215 -1.92 -15.45 24.51
N VAL A 216 -1.79 -14.20 24.10
CA VAL A 216 -1.65 -13.91 22.72
C VAL A 216 -0.43 -13.04 22.72
N ASN A 217 0.63 -13.51 22.09
CA ASN A 217 1.84 -12.74 21.88
C ASN A 217 1.82 -12.03 20.56
N THR A 218 2.92 -11.36 20.25
CA THR A 218 2.94 -10.48 19.11
C THR A 218 4.02 -10.86 18.15
N MET A 219 3.64 -10.82 16.87
CA MET A 219 4.61 -10.81 15.80
C MET A 219 4.68 -9.41 15.23
N ARG A 220 5.82 -8.77 15.41
CA ARG A 220 5.96 -7.38 14.93
C ARG A 220 6.87 -7.33 13.70
N LEU A 221 6.28 -6.86 12.63
CA LEU A 221 6.97 -6.92 11.31
C LEU A 221 7.08 -5.50 10.75
N TRP A 222 8.29 -5.10 10.35
CA TRP A 222 8.53 -3.70 9.97
C TRP A 222 8.31 -3.47 8.48
N SER A 223 7.71 -2.34 8.16
CA SER A 223 7.55 -1.89 6.78
C SER A 223 8.34 -0.60 6.49
N ALA A 224 9.03 -0.54 5.36
CA ALA A 224 9.80 0.67 4.98
C ALA A 224 8.94 1.78 4.36
N ARG A 225 9.13 3.01 4.84
N ARG A 225 9.10 3.00 4.86
CA ARG A 225 8.37 4.19 4.35
CA ARG A 225 8.42 4.12 4.22
C ARG A 225 9.29 5.41 4.20
C ARG A 225 9.46 5.24 4.03
N ALA A 226 9.19 6.13 3.08
CA ALA A 226 10.05 7.28 2.85
C ALA A 226 9.65 8.38 3.85
N PRO A 227 10.61 9.19 4.35
CA PRO A 227 10.25 10.30 5.29
C PRO A 227 9.56 11.45 4.57
N ASN A 228 8.81 12.29 5.27
CA ASN A 228 8.00 13.33 4.58
C ASN A 228 8.63 14.72 4.32
N ASP A 229 9.70 15.06 5.04
CA ASP A 229 10.63 16.13 4.62
C ASP A 229 11.65 15.43 3.68
N PHE A 230 11.36 15.43 2.37
CA PHE A 230 12.10 14.64 1.32
C PHE A 230 13.45 13.99 1.75
N ASP A 239 13.03 17.83 -10.38
CA ASP A 239 11.65 17.58 -10.93
C ASP A 239 10.75 17.04 -9.82
N TYR A 240 9.64 17.69 -9.53
CA TYR A 240 8.74 17.27 -8.43
C TYR A 240 8.17 15.86 -8.62
N ILE A 241 7.63 15.58 -9.81
CA ILE A 241 7.05 14.27 -10.04
C ILE A 241 8.10 13.17 -9.84
N GLN A 242 9.28 13.31 -10.45
CA GLN A 242 10.32 12.32 -10.29
C GLN A 242 10.73 12.11 -8.83
N ALA A 243 10.82 13.19 -8.05
CA ALA A 243 11.18 13.05 -6.64
C ALA A 243 10.08 12.25 -5.88
N VAL A 244 8.81 12.44 -6.21
CA VAL A 244 7.76 11.65 -5.59
C VAL A 244 7.84 10.13 -5.95
N LEU A 245 8.08 9.83 -7.22
CA LEU A 245 8.36 8.47 -7.61
C LEU A 245 9.57 7.88 -6.89
N ASP A 246 10.69 8.62 -6.85
CA ASP A 246 11.92 8.12 -6.20
C ASP A 246 11.72 7.72 -4.72
N ARG A 247 10.64 8.17 -4.09
CA ARG A 247 10.26 7.59 -2.78
C ARG A 247 10.19 6.06 -2.77
N ASN A 248 9.81 5.47 -3.92
CA ASN A 248 9.94 3.98 -4.16
C ASN A 248 11.31 3.41 -3.79
N LEU A 249 12.41 4.13 -4.04
CA LEU A 249 13.73 3.64 -3.61
C LEU A 249 13.82 3.28 -2.12
N ALA A 250 13.31 4.13 -1.27
CA ALA A 250 13.35 3.84 0.16
C ALA A 250 12.47 2.64 0.53
N GLU A 251 11.23 2.66 0.06
CA GLU A 251 10.29 1.59 0.27
C GLU A 251 10.69 0.23 -0.35
N ASN A 252 11.65 0.21 -1.28
CA ASN A 252 12.11 -1.04 -1.82
C ASN A 252 12.76 -1.93 -0.75
N ILE A 253 13.15 -1.36 0.37
CA ILE A 253 13.85 -2.17 1.35
C ILE A 253 13.00 -3.34 1.85
N SER A 254 11.71 -3.14 2.00
CA SER A 254 10.88 -4.25 2.45
C SER A 254 9.97 -4.71 1.33
N ARG A 255 10.38 -4.51 0.10
CA ARG A 255 9.49 -4.96 -0.91
C ARG A 255 9.36 -6.45 -1.06
N VAL A 256 10.47 -7.18 -1.06
CA VAL A 256 10.42 -8.54 -1.47
C VAL A 256 11.39 -9.42 -0.69
N LEU A 257 10.97 -10.67 -0.38
CA LEU A 257 11.84 -11.62 0.29
C LEU A 257 12.97 -12.12 -0.62
N TYR A 258 14.23 -12.13 -0.19
CA TYR A 258 15.25 -12.78 -1.05
C TYR A 258 15.00 -14.26 -1.00
N PRO A 259 14.87 -14.93 -2.16
CA PRO A 259 14.43 -16.32 -2.23
C PRO A 259 15.52 -17.39 -2.34
N ASN A 260 16.70 -17.14 -1.80
CA ASN A 260 17.77 -18.15 -1.77
C ASN A 260 17.64 -19.05 -0.58
N ASP A 261 17.50 -20.34 -0.80
CA ASP A 261 17.50 -21.24 0.32
C ASP A 261 18.98 -21.65 0.33
N ASN A 262 19.67 -21.40 1.43
CA ASN A 262 21.03 -21.92 1.62
C ASN A 262 22.05 -21.43 0.58
N PHE A 263 22.03 -20.15 0.24
CA PHE A 263 23.04 -19.58 -0.65
C PHE A 263 23.16 -18.08 -0.37
N PHE A 264 24.39 -17.59 -0.19
CA PHE A 264 24.68 -16.16 0.02
C PHE A 264 24.87 -15.38 -1.31
N GLU A 265 24.09 -14.34 -1.47
CA GLU A 265 24.10 -13.49 -2.65
C GLU A 265 24.41 -12.15 -1.99
N GLY A 266 25.54 -11.56 -2.32
CA GLY A 266 25.94 -10.40 -1.52
C GLY A 266 25.31 -9.11 -1.98
N LYS A 267 24.00 -9.09 -2.22
CA LYS A 267 23.35 -7.91 -2.77
C LYS A 267 23.18 -6.77 -1.76
N GLU A 268 23.50 -5.55 -2.19
CA GLU A 268 23.29 -4.38 -1.32
C GLU A 268 21.85 -4.21 -0.76
N LEU A 269 20.84 -4.37 -1.59
CA LEU A 269 19.47 -4.28 -1.08
C LEU A 269 19.25 -5.22 0.18
N ARG A 270 19.86 -6.41 0.15
CA ARG A 270 19.78 -7.39 1.23
C ARG A 270 20.48 -6.93 2.49
N LEU A 271 21.62 -6.27 2.34
CA LEU A 271 22.34 -5.72 3.47
C LEU A 271 21.48 -4.67 4.12
N LYS A 272 20.87 -3.84 3.31
CA LYS A 272 19.92 -2.86 3.79
C LYS A 272 18.73 -3.53 4.52
N GLN A 273 18.19 -4.64 4.02
CA GLN A 273 17.08 -5.26 4.71
C GLN A 273 17.51 -5.68 6.12
N GLU A 274 18.75 -6.13 6.23
CA GLU A 274 19.26 -6.73 7.42
C GLU A 274 19.41 -5.62 8.43
N TYR A 275 19.95 -4.47 8.00
CA TYR A 275 20.20 -3.43 8.98
C TYR A 275 18.86 -2.84 9.39
N PHE A 276 18.01 -2.69 8.36
CA PHE A 276 16.66 -2.16 8.57
C PHE A 276 15.99 -2.89 9.73
N VAL A 277 15.97 -4.22 9.73
CA VAL A 277 15.12 -4.92 10.68
C VAL A 277 15.73 -4.88 12.07
N VAL A 278 17.05 -4.85 12.08
CA VAL A 278 17.87 -4.86 13.29
C VAL A 278 17.85 -3.48 14.00
N ALA A 279 17.95 -2.43 13.22
CA ALA A 279 17.94 -1.07 13.80
C ALA A 279 16.56 -0.75 14.43
N ALA A 280 15.49 -0.88 13.64
CA ALA A 280 14.11 -0.76 14.15
C ALA A 280 13.85 -1.70 15.37
N THR A 281 14.28 -2.94 15.25
CA THR A 281 13.99 -3.86 16.33
C THR A 281 14.69 -3.43 17.61
N LEU A 282 15.97 -3.05 17.53
CA LEU A 282 16.73 -2.69 18.75
C LEU A 282 16.16 -1.41 19.34
N GLN A 283 15.86 -0.45 18.50
CA GLN A 283 15.24 0.74 19.06
C GLN A 283 13.96 0.43 19.84
N ASP A 284 13.15 -0.44 19.26
CA ASP A 284 11.88 -0.74 19.84
C ASP A 284 12.11 -1.51 21.13
N ILE A 285 13.10 -2.39 21.16
CA ILE A 285 13.39 -3.06 22.41
C ILE A 285 13.86 -2.07 23.53
N ILE A 286 14.75 -1.16 23.16
CA ILE A 286 15.23 -0.18 24.09
C ILE A 286 14.12 0.75 24.56
N ARG A 287 13.25 1.24 23.66
CA ARG A 287 12.14 2.01 24.19
C ARG A 287 11.26 1.28 25.18
N ARG A 288 10.97 0.02 24.90
CA ARG A 288 10.19 -0.77 25.83
C ARG A 288 10.95 -0.93 27.18
N PHE A 289 12.24 -1.20 27.14
CA PHE A 289 13.00 -1.41 28.36
C PHE A 289 12.94 -0.13 29.25
N LYS A 290 13.22 1.02 28.63
CA LYS A 290 13.23 2.31 29.29
C LYS A 290 11.86 2.74 29.76
N ALA A 291 10.78 2.35 29.09
CA ALA A 291 9.48 2.76 29.59
C ALA A 291 9.03 1.79 30.67
N SER A 292 9.83 0.77 30.98
CA SER A 292 9.33 -0.26 31.89
C SER A 292 9.74 0.01 33.30
N LYS A 293 9.34 -0.90 34.18
CA LYS A 293 9.74 -0.79 35.58
C LYS A 293 11.27 -0.69 35.93
N PHE A 294 12.16 -1.05 35.00
CA PHE A 294 13.62 -0.94 35.19
C PHE A 294 14.29 0.20 34.42
N THR A 302 21.07 4.10 33.72
CA THR A 302 22.06 3.02 33.68
C THR A 302 22.14 2.26 34.99
N VAL A 303 21.07 1.57 35.41
CA VAL A 303 19.74 1.32 34.73
C VAL A 303 19.82 0.18 33.70
N PHE A 304 20.63 0.36 32.66
CA PHE A 304 20.93 -0.67 31.72
C PHE A 304 21.63 -1.88 32.32
N ASP A 305 21.98 -1.83 33.61
CA ASP A 305 22.64 -2.98 34.20
C ASP A 305 21.67 -4.14 34.37
N ALA A 306 20.39 -3.81 34.36
CA ALA A 306 19.33 -4.80 34.40
C ALA A 306 18.88 -5.30 32.99
N PHE A 307 19.41 -4.65 31.94
CA PHE A 307 19.10 -5.02 30.55
C PHE A 307 19.05 -6.56 30.22
N PRO A 308 20.21 -7.28 30.33
CA PRO A 308 20.27 -8.73 30.03
C PRO A 308 19.43 -9.60 30.95
N ASP A 309 18.84 -9.02 31.98
CA ASP A 309 17.98 -9.76 32.88
C ASP A 309 16.55 -9.49 32.49
N GLN A 310 16.38 -8.51 31.62
CA GLN A 310 15.10 -8.21 31.09
C GLN A 310 14.94 -8.49 29.59
N VAL A 311 16.04 -8.73 28.88
CA VAL A 311 15.98 -8.83 27.44
C VAL A 311 16.86 -9.97 27.03
N ALA A 312 16.32 -10.88 26.20
CA ALA A 312 17.12 -11.87 25.49
C ALA A 312 16.84 -11.70 24.00
N ILE A 313 17.89 -11.73 23.19
CA ILE A 313 17.64 -11.63 21.77
C ILE A 313 18.30 -12.81 21.07
N GLN A 314 17.46 -13.65 20.48
CA GLN A 314 17.92 -14.80 19.69
C GLN A 314 18.14 -14.41 18.21
N LEU A 315 19.34 -14.61 17.72
CA LEU A 315 19.66 -14.34 16.34
C LEU A 315 19.43 -15.60 15.49
N ASN A 316 18.46 -15.48 14.58
CA ASN A 316 18.09 -16.59 13.72
C ASN A 316 18.99 -16.58 12.51
N ASP A 317 20.03 -17.40 12.58
CA ASP A 317 21.15 -17.39 11.66
C ASP A 317 21.98 -16.09 11.71
N THR A 318 22.82 -15.82 10.71
CA THR A 318 23.65 -14.63 10.80
C THR A 318 23.00 -13.48 10.09
N HIS A 319 21.83 -13.71 9.49
CA HIS A 319 21.15 -12.57 8.86
C HIS A 319 20.99 -11.32 9.76
N PRO A 320 20.60 -11.48 11.04
CA PRO A 320 20.58 -10.27 11.83
C PRO A 320 21.87 -9.96 12.65
N ALA A 321 23.04 -10.44 12.21
CA ALA A 321 24.33 -10.21 12.92
C ALA A 321 24.64 -8.75 13.27
N LEU A 322 24.30 -7.85 12.36
CA LEU A 322 24.40 -6.41 12.57
C LEU A 322 23.79 -5.97 13.90
N ALA A 323 22.97 -6.80 14.50
CA ALA A 323 22.36 -6.40 15.74
C ALA A 323 23.43 -6.14 16.84
N ILE A 324 24.58 -6.81 16.70
CA ILE A 324 25.63 -6.80 17.72
C ILE A 324 26.33 -5.45 17.72
N PRO A 325 26.91 -5.02 16.59
CA PRO A 325 27.44 -3.64 16.57
C PRO A 325 26.37 -2.57 16.76
N GLU A 326 25.14 -2.78 16.28
CA GLU A 326 24.11 -1.79 16.48
C GLU A 326 23.75 -1.63 17.97
N LEU A 327 23.57 -2.71 18.70
CA LEU A 327 23.34 -2.57 20.14
C LEU A 327 24.55 -1.82 20.78
N MET A 328 25.76 -2.12 20.33
CA MET A 328 26.91 -1.39 20.88
C MET A 328 26.84 0.10 20.52
N ARG A 329 26.42 0.42 19.30
CA ARG A 329 26.30 1.81 18.87
C ARG A 329 25.34 2.58 19.75
N ILE A 330 24.23 1.95 20.11
CA ILE A 330 23.22 2.61 20.94
C ILE A 330 23.77 2.82 22.34
N PHE A 331 24.26 1.78 22.98
CA PHE A 331 24.89 1.86 24.30
C PHE A 331 26.03 2.89 24.35
N VAL A 332 26.93 2.85 23.37
CA VAL A 332 28.03 3.81 23.34
C VAL A 332 27.68 5.23 22.87
N ASP A 333 27.29 5.40 21.61
CA ASP A 333 27.13 6.72 21.06
C ASP A 333 25.91 7.43 21.62
N ILE A 334 24.89 6.68 22.08
CA ILE A 334 23.64 7.35 22.42
C ILE A 334 23.37 7.24 23.89
N GLU A 335 23.52 6.08 24.49
CA GLU A 335 23.33 6.04 25.93
C GLU A 335 24.61 6.42 26.64
N LYS A 336 25.71 6.64 25.93
CA LYS A 336 26.93 7.13 26.58
C LYS A 336 27.51 6.14 27.64
N LEU A 337 27.41 4.84 27.38
CA LEU A 337 28.02 3.84 28.26
C LEU A 337 29.45 3.67 27.86
N PRO A 338 30.31 3.29 28.81
CA PRO A 338 31.66 3.00 28.35
C PRO A 338 31.72 1.68 27.60
N TRP A 339 32.58 1.63 26.59
CA TRP A 339 32.82 0.46 25.79
C TRP A 339 32.81 -0.87 26.57
N SER A 340 33.60 -0.97 27.63
CA SER A 340 33.63 -2.29 28.29
C SER A 340 32.30 -2.69 28.94
N LYS A 341 31.54 -1.73 29.49
CA LYS A 341 30.23 -2.05 30.09
C LYS A 341 29.17 -2.47 29.02
N ALA A 342 29.18 -1.74 27.91
CA ALA A 342 28.28 -1.95 26.79
C ALA A 342 28.54 -3.33 26.22
N TRP A 343 29.82 -3.67 26.03
CA TRP A 343 30.20 -4.97 25.49
C TRP A 343 29.79 -6.15 26.36
N GLU A 344 29.93 -6.00 27.66
CA GLU A 344 29.47 -7.02 28.61
C GLU A 344 27.96 -7.22 28.51
N LEU A 345 27.19 -6.15 28.45
CA LEU A 345 25.73 -6.26 28.41
C LEU A 345 25.28 -6.93 27.09
N THR A 346 26.05 -6.65 26.04
CA THR A 346 25.79 -7.12 24.71
C THR A 346 25.87 -8.64 24.67
N GLN A 347 26.96 -9.19 25.21
CA GLN A 347 27.24 -10.60 25.15
C GLN A 347 26.15 -11.31 25.93
N LYS A 348 25.71 -10.68 26.99
CA LYS A 348 24.70 -11.30 27.81
C LYS A 348 23.32 -11.20 27.19
N THR A 349 23.16 -10.27 26.23
CA THR A 349 21.86 -10.08 25.61
C THR A 349 21.68 -11.04 24.45
N PHE A 350 22.70 -11.19 23.62
CA PHE A 350 22.52 -11.98 22.41
C PHE A 350 22.80 -13.48 22.59
N ALA A 351 22.07 -14.31 21.86
CA ALA A 351 22.50 -15.67 21.57
C ALA A 351 22.22 -15.97 20.09
N TYR A 352 22.98 -16.92 19.56
CA TYR A 352 23.09 -17.14 18.15
C TYR A 352 22.83 -18.61 17.79
N THR A 353 21.93 -18.79 16.80
CA THR A 353 21.61 -20.10 16.27
C THR A 353 22.23 -20.22 14.89
N ASN A 354 23.08 -21.23 14.71
CA ASN A 354 23.74 -21.49 13.43
C ASN A 354 23.00 -22.64 12.68
N HIS A 355 22.54 -22.44 11.44
CA HIS A 355 21.69 -23.46 10.72
C HIS A 355 22.29 -23.84 9.40
N THR A 356 23.56 -23.52 9.25
CA THR A 356 24.18 -23.35 7.95
C THR A 356 25.35 -24.34 7.85
N VAL A 357 25.53 -24.95 6.69
CA VAL A 357 26.56 -25.97 6.54
C VAL A 357 27.43 -25.72 5.33
N LEU A 358 26.81 -25.36 4.23
CA LEU A 358 27.50 -25.26 2.94
C LEU A 358 28.25 -23.93 2.81
N PRO A 359 29.50 -24.00 2.32
CA PRO A 359 30.39 -22.82 2.33
C PRO A 359 29.78 -21.63 1.62
N GLU A 360 29.12 -21.86 0.50
CA GLU A 360 28.53 -20.80 -0.32
C GLU A 360 27.31 -20.09 0.33
N ALA A 361 26.88 -20.63 1.46
CA ALA A 361 25.77 -20.11 2.23
C ALA A 361 26.21 -19.21 3.40
N LEU A 362 27.51 -19.11 3.66
CA LEU A 362 28.09 -18.29 4.76
C LEU A 362 28.02 -16.81 4.43
N GLU A 363 27.54 -16.00 5.37
CA GLU A 363 27.45 -14.57 5.11
C GLU A 363 28.79 -13.87 5.28
N ARG A 364 29.30 -13.36 4.18
CA ARG A 364 30.60 -12.69 4.20
C ARG A 364 30.49 -11.45 3.39
N TRP A 365 30.23 -10.36 4.06
CA TRP A 365 29.98 -9.12 3.36
C TRP A 365 31.28 -8.42 3.07
N PRO A 366 31.42 -7.87 1.88
CA PRO A 366 32.59 -7.01 1.53
C PRO A 366 32.78 -5.79 2.46
N VAL A 367 34.00 -5.58 2.96
CA VAL A 367 34.20 -4.39 3.78
C VAL A 367 33.84 -3.10 3.07
N ASP A 368 34.19 -2.91 1.79
CA ASP A 368 33.79 -1.73 1.01
C ASP A 368 32.30 -1.36 1.08
N LEU A 369 31.47 -2.34 0.78
CA LEU A 369 30.03 -2.23 0.88
C LEU A 369 29.59 -1.83 2.29
N VAL A 370 30.11 -2.49 3.33
CA VAL A 370 29.76 -2.13 4.72
C VAL A 370 30.30 -0.74 5.09
N GLU A 371 31.47 -0.37 4.63
CA GLU A 371 31.94 0.99 4.84
C GLU A 371 31.01 2.07 4.27
N LYS A 372 30.46 1.85 3.09
CA LYS A 372 29.69 2.86 2.43
C LYS A 372 28.30 2.98 3.11
N LEU A 373 27.71 1.83 3.42
CA LEU A 373 26.35 1.80 3.89
C LEU A 373 26.26 2.11 5.39
N LEU A 374 27.25 1.61 6.12
CA LEU A 374 27.19 1.54 7.58
C LEU A 374 28.59 1.92 8.21
N PRO A 375 29.09 3.11 7.89
CA PRO A 375 30.52 3.42 8.26
C PRO A 375 30.80 3.26 9.77
N ARG A 376 29.78 3.49 10.60
CA ARG A 376 29.96 3.44 12.05
C ARG A 376 29.92 2.01 12.64
N HIS A 377 29.08 1.16 12.05
CA HIS A 377 29.11 -0.25 12.33
C HIS A 377 30.42 -0.88 11.87
N LEU A 378 31.05 -0.39 10.82
CA LEU A 378 32.39 -0.89 10.48
C LEU A 378 33.40 -0.57 11.57
N GLU A 379 33.50 0.68 11.98
CA GLU A 379 34.43 1.03 13.08
C GLU A 379 34.21 0.13 14.28
N ILE A 380 32.95 -0.15 14.58
CA ILE A 380 32.60 -0.87 15.80
C ILE A 380 32.97 -2.32 15.73
N ILE A 381 32.77 -2.88 14.55
CA ILE A 381 33.19 -4.23 14.22
C ILE A 381 34.71 -4.33 14.20
N TYR A 382 35.41 -3.33 13.67
CA TYR A 382 36.90 -3.37 13.75
C TYR A 382 37.30 -3.33 15.21
N GLU A 383 36.62 -2.56 16.04
CA GLU A 383 37.02 -2.51 17.43
C GLU A 383 36.79 -3.85 18.15
N ILE A 384 35.63 -4.46 17.89
CA ILE A 384 35.33 -5.79 18.37
C ILE A 384 36.49 -6.74 17.98
N ASN A 385 36.85 -6.76 16.68
CA ASN A 385 37.93 -7.63 16.23
C ASN A 385 39.25 -7.40 16.97
N GLN A 386 39.65 -6.14 17.06
CA GLN A 386 40.85 -5.75 17.80
C GLN A 386 40.94 -6.32 19.26
N LYS A 387 39.92 -6.03 20.08
CA LYS A 387 39.85 -6.49 21.46
C LYS A 387 39.82 -8.02 21.51
N HIS A 388 39.29 -8.64 20.45
CA HIS A 388 39.19 -10.09 20.35
C HIS A 388 40.56 -10.71 19.99
N LEU A 389 41.24 -10.14 19.01
CA LEU A 389 42.55 -10.63 18.59
C LEU A 389 43.67 -10.43 19.59
N ASP A 390 43.62 -9.35 20.37
CA ASP A 390 44.48 -9.21 21.56
C ASP A 390 44.37 -10.36 22.55
N ARG A 391 43.17 -10.74 22.98
CA ARG A 391 43.05 -11.90 23.87
C ARG A 391 43.70 -13.13 23.21
N ILE A 392 43.86 -13.13 21.89
CA ILE A 392 44.38 -14.34 21.26
C ILE A 392 45.91 -14.35 21.13
N VAL A 393 46.48 -13.17 20.85
CA VAL A 393 47.95 -12.94 20.91
C VAL A 393 48.46 -13.29 22.31
N ALA A 394 47.60 -13.08 23.31
CA ALA A 394 47.96 -13.27 24.70
C ALA A 394 47.97 -14.74 25.14
N LEU A 395 46.96 -15.51 24.73
CA LEU A 395 46.87 -16.92 25.08
C LEU A 395 47.76 -17.76 24.14
N PHE A 396 47.89 -17.30 22.90
CA PHE A 396 48.68 -18.04 21.93
C PHE A 396 49.73 -17.19 21.26
N PRO A 397 50.83 -16.89 21.99
CA PRO A 397 51.82 -15.86 21.61
C PRO A 397 52.55 -16.08 20.28
N LYS A 398 52.84 -17.33 19.91
CA LYS A 398 53.48 -17.54 18.61
C LYS A 398 52.55 -18.23 17.61
N ASP A 399 51.22 -18.02 17.73
CA ASP A 399 50.27 -18.68 16.81
C ASP A 399 49.68 -17.77 15.70
N VAL A 400 50.52 -17.35 14.76
CA VAL A 400 50.06 -16.40 13.75
C VAL A 400 48.83 -16.92 12.96
N ASP A 401 48.89 -18.14 12.41
CA ASP A 401 47.78 -18.62 11.58
C ASP A 401 46.41 -18.72 12.32
N ARG A 402 46.46 -18.95 13.63
CA ARG A 402 45.26 -19.01 14.42
C ARG A 402 44.60 -17.65 14.52
N LEU A 403 45.40 -16.58 14.56
CA LEU A 403 44.86 -15.21 14.54
C LEU A 403 44.13 -15.02 13.24
N ARG A 404 44.74 -15.41 12.14
CA ARG A 404 44.08 -15.25 10.86
C ARG A 404 42.80 -16.12 10.76
N ARG A 405 42.70 -17.20 11.52
CA ARG A 405 41.57 -18.07 11.41
C ARG A 405 40.40 -17.50 12.19
N MET A 406 40.68 -16.99 13.39
CA MET A 406 39.68 -16.49 14.27
C MET A 406 39.30 -15.03 14.02
N SER A 407 39.88 -14.42 13.01
CA SER A 407 39.57 -13.03 12.75
C SER A 407 38.14 -12.89 12.18
N LEU A 408 37.47 -11.79 12.54
CA LEU A 408 36.21 -11.43 11.90
C LEU A 408 36.45 -10.88 10.49
N ILE A 409 37.67 -10.50 10.18
CA ILE A 409 37.96 -10.06 8.85
C ILE A 409 38.72 -11.12 8.07
N GLU A 410 38.18 -11.50 6.92
CA GLU A 410 38.81 -12.43 6.00
C GLU A 410 39.54 -11.56 5.06
N GLU A 411 40.84 -11.77 5.00
CA GLU A 411 41.73 -10.70 4.54
C GLU A 411 42.25 -10.78 3.09
N GLU A 412 41.91 -11.84 2.32
CA GLU A 412 42.45 -11.98 0.91
C GLU A 412 42.21 -10.76 -0.04
N GLY A 413 42.06 -11.05 -1.35
CA GLY A 413 41.80 -10.01 -2.35
C GLY A 413 40.70 -9.05 -1.89
N SER A 414 39.45 -9.52 -2.03
CA SER A 414 38.30 -8.88 -1.40
C SER A 414 38.28 -9.19 0.09
N LYS A 415 38.40 -8.13 0.89
CA LYS A 415 38.26 -8.22 2.31
C LYS A 415 36.79 -8.38 2.66
N ARG A 416 36.49 -9.33 3.52
CA ARG A 416 35.10 -9.61 3.89
C ARG A 416 34.97 -9.69 5.42
N ILE A 417 33.82 -9.26 5.93
CA ILE A 417 33.42 -9.57 7.29
C ILE A 417 32.77 -10.96 7.36
N ASN A 418 33.32 -11.82 8.22
CA ASN A 418 32.75 -13.14 8.47
C ASN A 418 31.67 -13.04 9.56
N MET A 419 30.40 -12.91 9.19
CA MET A 419 29.30 -12.64 10.15
C MET A 419 29.14 -13.69 11.22
N ALA A 420 29.47 -14.96 10.92
CA ALA A 420 29.42 -15.99 11.95
C ALA A 420 30.36 -15.67 13.11
N HIS A 421 31.64 -15.37 12.79
CA HIS A 421 32.64 -15.01 13.85
C HIS A 421 32.12 -13.83 14.69
N LEU A 422 31.51 -12.84 14.03
CA LEU A 422 30.88 -11.70 14.76
C LEU A 422 29.79 -12.20 15.71
N CYS A 423 28.95 -13.14 15.24
CA CYS A 423 27.90 -13.67 16.09
C CYS A 423 28.48 -14.47 17.21
N ILE A 424 29.58 -15.18 16.95
CA ILE A 424 30.19 -15.99 18.02
C ILE A 424 30.72 -15.11 19.17
N VAL A 425 31.45 -14.04 18.85
CA VAL A 425 32.08 -13.29 19.96
C VAL A 425 31.09 -12.32 20.68
N GLY A 426 30.08 -11.82 19.97
CA GLY A 426 29.04 -11.04 20.59
C GLY A 426 27.92 -11.81 21.31
N SER A 427 27.97 -13.13 21.37
CA SER A 427 26.87 -13.90 21.96
C SER A 427 27.36 -14.66 23.19
N HIS A 428 26.50 -15.00 24.13
CA HIS A 428 26.93 -15.86 25.23
C HIS A 428 26.59 -17.34 24.98
N ALA A 429 25.80 -17.64 23.95
CA ALA A 429 25.49 -19.02 23.65
C ALA A 429 25.38 -19.09 22.17
N VAL A 430 25.80 -20.22 21.61
CA VAL A 430 25.79 -20.53 20.16
C VAL A 430 25.30 -21.97 20.11
N ASN A 431 24.19 -22.19 19.38
CA ASN A 431 23.64 -23.54 19.15
C ASN A 431 23.48 -23.91 17.66
N GLY A 432 23.71 -25.18 17.37
CA GLY A 432 23.18 -25.83 16.20
C GLY A 432 21.82 -26.41 16.59
N VAL A 433 21.27 -27.19 15.66
CA VAL A 433 19.81 -27.46 15.58
C VAL A 433 19.58 -28.94 15.44
N ALA A 434 20.66 -29.71 15.54
CA ALA A 434 20.54 -31.15 15.78
C ALA A 434 21.85 -31.69 16.36
N LYS A 435 21.78 -32.74 17.18
CA LYS A 435 22.94 -33.35 17.89
C LYS A 435 24.19 -33.43 17.00
N ILE A 436 24.05 -34.03 15.83
CA ILE A 436 25.18 -34.29 15.01
C ILE A 436 25.75 -32.99 14.40
N HIS A 437 24.89 -32.00 14.21
CA HIS A 437 25.26 -30.74 13.56
C HIS A 437 25.98 -29.87 14.55
N SER A 438 25.37 -29.68 15.72
CA SER A 438 25.94 -28.92 16.81
C SER A 438 27.34 -29.44 17.19
N ASP A 439 27.51 -30.76 17.11
CA ASP A 439 28.78 -31.43 17.35
C ASP A 439 29.84 -30.96 16.38
N ILE A 440 29.53 -31.03 15.10
CA ILE A 440 30.48 -30.64 14.11
C ILE A 440 30.70 -29.14 14.11
N VAL A 441 29.67 -28.35 14.47
CA VAL A 441 29.84 -26.89 14.53
C VAL A 441 30.90 -26.51 15.57
N LYS A 442 30.80 -27.22 16.70
CA LYS A 442 31.62 -27.06 17.86
C LYS A 442 33.04 -27.60 17.69
N THR A 443 33.20 -28.82 17.16
CA THR A 443 34.50 -29.48 17.17
C THR A 443 35.32 -29.24 15.90
N LYS A 444 34.68 -28.88 14.80
CA LYS A 444 35.37 -28.70 13.55
C LYS A 444 35.28 -27.25 13.13
N VAL A 445 34.07 -26.80 12.78
CA VAL A 445 33.89 -25.52 12.12
C VAL A 445 34.34 -24.37 13.02
N PHE A 446 34.12 -24.48 14.31
CA PHE A 446 34.47 -23.38 15.21
C PHE A 446 35.32 -23.80 16.39
N LYS A 447 36.10 -24.87 16.19
CA LYS A 447 36.89 -25.47 17.26
C LYS A 447 37.89 -24.48 17.94
N ASP A 448 38.50 -23.59 17.17
CA ASP A 448 39.28 -22.47 17.73
C ASP A 448 38.48 -21.64 18.75
N PHE A 449 37.17 -21.46 18.52
CA PHE A 449 36.34 -20.68 19.43
C PHE A 449 35.87 -21.53 20.61
N SER A 450 35.48 -22.78 20.37
CA SER A 450 34.98 -23.66 21.43
C SER A 450 36.08 -24.17 22.32
N GLU A 451 37.27 -24.43 21.77
CA GLU A 451 38.45 -24.69 22.64
C GLU A 451 38.58 -23.58 23.68
N LEU A 452 38.47 -22.33 23.24
CA LEU A 452 38.50 -21.15 24.12
C LEU A 452 37.34 -21.03 25.08
N GLU A 453 36.14 -21.50 24.67
CA GLU A 453 34.90 -21.25 25.43
C GLU A 453 33.95 -22.42 25.40
N PRO A 454 34.29 -23.56 26.03
CA PRO A 454 33.50 -24.75 25.68
C PRO A 454 31.99 -24.61 25.97
N ASP A 455 31.66 -23.96 27.10
CA ASP A 455 30.26 -23.70 27.53
C ASP A 455 29.43 -22.77 26.64
N LYS A 456 30.05 -21.97 25.82
CA LYS A 456 29.31 -21.20 24.86
C LYS A 456 28.47 -22.12 23.88
N PHE A 457 29.07 -23.21 23.41
CA PHE A 457 28.53 -23.99 22.30
C PHE A 457 27.56 -25.06 22.77
N GLN A 458 26.33 -25.06 22.23
CA GLN A 458 25.23 -25.92 22.75
C GLN A 458 24.52 -26.64 21.62
N ASN A 459 23.66 -27.60 21.96
CA ASN A 459 22.81 -28.17 20.95
C ASN A 459 21.39 -27.85 21.32
N LYS A 460 20.54 -27.56 20.32
CA LYS A 460 19.08 -27.44 20.61
C LYS A 460 18.35 -28.12 19.49
N THR A 461 17.93 -29.35 19.70
CA THR A 461 17.43 -30.08 18.54
C THR A 461 16.08 -29.51 18.09
N ASN A 462 15.95 -29.27 16.78
CA ASN A 462 14.79 -28.61 16.18
C ASN A 462 13.51 -29.35 16.51
N GLY A 463 12.37 -28.68 16.31
CA GLY A 463 11.08 -29.20 16.67
C GLY A 463 10.02 -28.52 15.78
N ILE A 464 8.77 -29.05 15.82
CA ILE A 464 7.68 -28.53 15.00
C ILE A 464 6.50 -28.43 15.92
N THR A 465 5.57 -27.49 15.67
CA THR A 465 4.42 -27.42 16.55
C THR A 465 3.31 -28.47 16.20
N PRO A 466 2.86 -29.22 17.22
CA PRO A 466 1.82 -30.23 16.96
C PRO A 466 0.45 -29.59 16.82
N ARG A 467 0.38 -28.25 16.96
CA ARG A 467 -0.89 -27.60 16.65
C ARG A 467 -1.06 -27.58 15.11
N ARG A 468 -0.30 -26.74 14.42
CA ARG A 468 -0.45 -26.67 12.99
C ARG A 468 -0.18 -28.04 12.36
N TRP A 469 0.79 -28.76 12.89
CA TRP A 469 1.24 -29.98 12.22
C TRP A 469 0.65 -31.33 12.72
N LEU A 470 -0.43 -31.26 13.53
CA LEU A 470 -1.27 -32.42 13.81
C LEU A 470 -2.74 -32.03 13.99
N LEU A 471 -3.06 -31.33 15.07
CA LEU A 471 -4.49 -30.88 15.22
C LEU A 471 -5.02 -30.23 13.98
N LEU A 472 -4.25 -29.38 13.32
CA LEU A 472 -4.75 -28.61 12.20
C LEU A 472 -4.74 -29.43 10.94
N CYS A 473 -3.58 -29.97 10.59
CA CYS A 473 -3.45 -30.64 9.30
C CYS A 473 -4.02 -32.01 9.30
N ASN A 474 -4.21 -32.60 10.47
CA ASN A 474 -4.68 -33.99 10.51
C ASN A 474 -5.73 -34.26 11.60
N PRO A 475 -6.91 -33.66 11.49
CA PRO A 475 -7.95 -33.85 12.55
C PRO A 475 -8.31 -35.33 12.82
N GLY A 476 -8.39 -36.13 11.76
CA GLY A 476 -8.55 -37.61 11.88
C GLY A 476 -7.59 -38.27 12.89
N LEU A 477 -6.29 -38.09 12.68
CA LEU A 477 -5.27 -38.71 13.57
C LEU A 477 -5.33 -38.09 14.98
N ALA A 478 -5.54 -36.79 15.05
CA ALA A 478 -5.54 -36.13 16.30
C ALA A 478 -6.69 -36.60 17.18
N GLU A 479 -7.87 -36.75 16.58
CA GLU A 479 -9.06 -37.32 17.23
C GLU A 479 -8.79 -38.76 17.68
N LEU A 480 -8.22 -39.56 16.77
CA LEU A 480 -7.95 -40.96 17.07
C LEU A 480 -7.09 -41.05 18.33
N ILE A 481 -6.02 -40.26 18.37
CA ILE A 481 -5.11 -40.34 19.50
C ILE A 481 -5.81 -39.89 20.77
N ALA A 482 -6.55 -38.78 20.72
CA ALA A 482 -7.30 -38.25 21.87
C ALA A 482 -8.28 -39.24 22.41
N GLU A 483 -8.99 -39.93 21.50
CA GLU A 483 -9.92 -40.97 21.87
C GLU A 483 -9.20 -42.08 22.69
N LYS A 484 -7.98 -42.44 22.31
CA LYS A 484 -7.25 -43.40 23.14
C LYS A 484 -6.59 -42.87 24.45
N ILE A 485 -5.96 -41.68 24.42
CA ILE A 485 -5.11 -41.29 25.56
C ILE A 485 -5.38 -39.89 26.07
N GLY A 486 -6.55 -39.35 25.78
CA GLY A 486 -6.91 -38.01 26.18
C GLY A 486 -6.14 -36.93 25.41
N GLU A 487 -6.38 -35.68 25.77
CA GLU A 487 -5.85 -34.59 24.97
C GLU A 487 -4.59 -33.87 25.45
N ASP A 488 -3.98 -34.43 26.50
CA ASP A 488 -2.78 -33.86 27.11
C ASP A 488 -1.55 -33.85 26.24
N TYR A 489 -1.49 -34.76 25.28
CA TYR A 489 -0.38 -34.79 24.37
C TYR A 489 -0.15 -33.48 23.57
N VAL A 490 -1.19 -32.66 23.45
CA VAL A 490 -1.07 -31.51 22.59
C VAL A 490 -0.06 -30.54 23.21
N LYS A 491 -0.08 -30.43 24.54
CA LYS A 491 0.86 -29.60 25.27
C LYS A 491 2.03 -30.38 25.85
N ASP A 492 2.01 -31.70 25.79
CA ASP A 492 3.19 -32.45 26.16
C ASP A 492 3.31 -33.66 25.26
N LEU A 493 4.05 -33.49 24.19
CA LEU A 493 3.95 -34.45 23.13
C LEU A 493 4.66 -35.76 23.55
N SER A 494 5.45 -35.72 24.63
CA SER A 494 6.13 -36.95 25.05
C SER A 494 5.06 -37.99 25.43
N GLN A 495 3.89 -37.52 25.81
CA GLN A 495 2.80 -38.40 26.17
C GLN A 495 2.36 -39.31 25.05
N LEU A 496 2.81 -39.06 23.82
CA LEU A 496 2.54 -40.01 22.75
C LEU A 496 3.19 -41.39 22.97
N THR A 497 4.13 -41.52 23.92
CA THR A 497 4.72 -42.84 24.21
C THR A 497 3.67 -43.82 24.74
N LYS A 498 2.61 -43.32 25.36
CA LYS A 498 1.45 -44.12 25.72
C LYS A 498 0.82 -44.88 24.55
N LEU A 499 1.07 -44.44 23.33
CA LEU A 499 0.54 -45.14 22.19
C LEU A 499 1.22 -46.48 22.06
N HIS A 500 2.38 -46.64 22.70
CA HIS A 500 3.07 -47.94 22.69
C HIS A 500 2.21 -49.08 23.16
N SER A 501 1.34 -48.85 24.12
CA SER A 501 0.65 -49.97 24.69
C SER A 501 -0.44 -50.52 23.79
N PHE A 502 -0.57 -50.00 22.57
CA PHE A 502 -1.56 -50.46 21.61
C PHE A 502 -0.94 -51.23 20.47
N LEU A 503 0.32 -51.66 20.58
CA LEU A 503 0.96 -52.41 19.48
C LEU A 503 0.36 -53.81 19.05
N GLY A 504 -0.24 -54.58 19.96
CA GLY A 504 -0.94 -55.76 19.52
C GLY A 504 -2.46 -55.53 19.33
N ASP A 505 -2.93 -54.27 19.37
CA ASP A 505 -4.35 -53.92 19.26
C ASP A 505 -4.81 -53.78 17.79
N ASP A 506 -5.30 -54.88 17.24
CA ASP A 506 -5.69 -55.01 15.85
C ASP A 506 -6.69 -53.94 15.41
N VAL A 507 -7.73 -53.69 16.21
CA VAL A 507 -8.76 -52.68 15.85
C VAL A 507 -8.14 -51.25 15.80
N PHE A 508 -7.24 -50.94 16.72
CA PHE A 508 -6.57 -49.67 16.70
C PHE A 508 -5.64 -49.54 15.45
N LEU A 509 -4.79 -50.52 15.18
CA LEU A 509 -4.04 -50.57 13.91
C LEU A 509 -4.94 -50.38 12.72
N ARG A 510 -6.08 -51.04 12.67
CA ARG A 510 -7.00 -50.80 11.52
C ARG A 510 -7.55 -49.37 11.47
N GLU A 511 -7.80 -48.81 12.65
CA GLU A 511 -8.32 -47.45 12.76
C GLU A 511 -7.31 -46.40 12.22
N LEU A 512 -6.04 -46.66 12.48
CA LEU A 512 -4.99 -45.83 12.12
C LEU A 512 -4.86 -45.85 10.61
N ALA A 513 -4.86 -47.03 10.01
CA ALA A 513 -4.87 -47.12 8.54
C ALA A 513 -6.09 -46.43 7.92
N LYS A 514 -7.21 -46.42 8.62
CA LYS A 514 -8.42 -45.86 8.04
C LYS A 514 -8.30 -44.35 7.98
N VAL A 515 -7.80 -43.79 9.08
CA VAL A 515 -7.39 -42.39 9.08
C VAL A 515 -6.44 -42.03 7.90
N LYS A 516 -5.37 -42.82 7.68
CA LYS A 516 -4.46 -42.57 6.57
C LYS A 516 -5.16 -42.68 5.23
N GLN A 517 -6.05 -43.68 5.13
CA GLN A 517 -6.88 -43.91 3.96
C GLN A 517 -7.74 -42.66 3.59
N GLU A 518 -8.54 -42.17 4.54
CA GLU A 518 -9.23 -40.93 4.35
C GLU A 518 -8.30 -39.80 3.90
N ASN A 519 -7.17 -39.60 4.60
CA ASN A 519 -6.26 -38.55 4.18
C ASN A 519 -5.88 -38.73 2.68
N LYS A 520 -5.63 -39.97 2.26
CA LYS A 520 -5.29 -40.21 0.88
C LYS A 520 -6.41 -39.95 -0.09
N LEU A 521 -7.64 -40.16 0.32
CA LEU A 521 -8.71 -39.93 -0.61
C LEU A 521 -8.92 -38.46 -0.77
N LYS A 522 -9.05 -37.75 0.33
CA LYS A 522 -9.19 -36.29 0.28
C LYS A 522 -8.02 -35.70 -0.54
N PHE A 523 -6.79 -36.15 -0.29
CA PHE A 523 -5.66 -35.66 -1.11
C PHE A 523 -5.65 -36.06 -2.61
N SER A 524 -6.04 -37.30 -2.90
CA SER A 524 -6.27 -37.73 -4.27
C SER A 524 -7.22 -36.84 -5.03
N GLN A 525 -8.34 -36.45 -4.44
CA GLN A 525 -9.27 -35.53 -5.12
C GLN A 525 -8.63 -34.21 -5.53
N PHE A 526 -7.78 -33.71 -4.66
CA PHE A 526 -6.99 -32.57 -4.91
C PHE A 526 -6.06 -32.83 -6.10
N LEU A 527 -5.48 -34.02 -6.18
CA LEU A 527 -4.55 -34.29 -7.27
C LEU A 527 -5.27 -34.49 -8.61
N GLU A 528 -6.50 -34.96 -8.58
CA GLU A 528 -7.20 -35.23 -9.82
C GLU A 528 -7.74 -33.95 -10.33
N THR A 529 -8.20 -33.10 -9.43
CA THR A 529 -8.68 -31.82 -9.87
C THR A 529 -7.53 -30.85 -10.30
N GLU A 530 -6.31 -30.98 -9.80
CA GLU A 530 -5.25 -30.11 -10.28
C GLU A 530 -4.43 -30.66 -11.44
N TYR A 531 -4.09 -31.93 -11.38
CA TYR A 531 -3.26 -32.52 -12.45
C TYR A 531 -4.15 -33.48 -13.20
N LYS A 532 -4.00 -33.61 -14.49
CA LYS A 532 -4.92 -34.59 -15.01
C LYS A 532 -4.26 -35.90 -15.12
N VAL A 533 -4.50 -36.66 -14.05
CA VAL A 533 -3.73 -37.85 -13.73
C VAL A 533 -4.65 -38.66 -12.86
N LYS A 534 -4.94 -39.88 -13.29
CA LYS A 534 -5.76 -40.82 -12.51
C LYS A 534 -4.92 -41.42 -11.33
N ILE A 535 -5.42 -41.29 -10.12
CA ILE A 535 -4.65 -41.75 -8.95
C ILE A 535 -5.12 -43.09 -8.45
N ASN A 536 -4.21 -44.04 -8.42
CA ASN A 536 -4.50 -45.31 -7.79
C ASN A 536 -4.66 -45.13 -6.26
N PRO A 537 -5.89 -45.28 -5.75
CA PRO A 537 -6.15 -44.97 -4.33
C PRO A 537 -5.41 -45.88 -3.33
N SER A 538 -4.95 -47.03 -3.84
CA SER A 538 -4.26 -48.02 -3.02
C SER A 538 -2.70 -48.03 -3.23
N SER A 539 -2.21 -47.12 -4.06
CA SER A 539 -0.78 -46.99 -4.24
C SER A 539 -0.17 -46.41 -2.97
N MET A 540 1.07 -46.80 -2.67
CA MET A 540 1.89 -46.12 -1.66
C MET A 540 2.17 -44.64 -2.08
N PHE A 541 1.87 -43.70 -1.22
CA PHE A 541 2.22 -42.32 -1.55
C PHE A 541 3.61 -42.06 -1.03
N ASP A 542 4.51 -41.92 -1.99
CA ASP A 542 5.93 -41.76 -1.75
C ASP A 542 6.30 -40.27 -2.05
N VAL A 543 6.63 -39.53 -1.00
CA VAL A 543 6.64 -38.06 -1.09
C VAL A 543 7.96 -37.40 -0.68
N GLN A 544 8.54 -36.60 -1.59
CA GLN A 544 9.67 -35.73 -1.31
C GLN A 544 9.28 -34.26 -1.57
N VAL A 545 9.10 -33.49 -0.50
CA VAL A 545 8.71 -32.11 -0.62
C VAL A 545 9.63 -31.33 0.27
N LYS A 546 10.33 -30.36 -0.35
CA LYS A 546 11.36 -29.51 0.25
C LYS A 546 11.89 -28.63 -0.87
N ARG A 547 12.58 -27.57 -0.50
CA ARG A 547 13.17 -26.68 -1.48
C ARG A 547 14.06 -27.53 -2.35
N ILE A 548 14.16 -27.18 -3.63
CA ILE A 548 14.99 -27.95 -4.53
C ILE A 548 16.45 -27.53 -4.42
N HIS A 549 17.28 -28.52 -4.07
CA HIS A 549 18.72 -28.30 -3.97
C HIS A 549 19.42 -29.63 -4.20
N GLU A 550 20.54 -29.56 -4.90
CA GLU A 550 21.44 -30.68 -5.11
C GLU A 550 21.77 -31.44 -3.84
N TYR A 551 22.03 -30.74 -2.76
CA TYR A 551 22.39 -31.50 -1.59
C TYR A 551 21.23 -32.35 -1.11
N LYS A 552 20.02 -31.89 -1.41
CA LYS A 552 18.83 -32.57 -0.92
C LYS A 552 18.59 -33.80 -1.77
N ARG A 553 19.24 -33.83 -2.94
CA ARG A 553 19.18 -34.97 -3.85
C ARG A 553 17.77 -35.42 -4.31
N GLN A 554 16.92 -34.47 -4.67
CA GLN A 554 15.77 -34.80 -5.51
C GLN A 554 16.23 -35.65 -6.72
N LEU A 555 17.49 -35.44 -7.17
CA LEU A 555 18.01 -36.20 -8.36
C LEU A 555 18.03 -37.70 -8.14
N LEU A 556 18.54 -38.04 -6.97
CA LEU A 556 18.64 -39.39 -6.57
C LEU A 556 17.25 -40.03 -6.63
N ASN A 557 16.21 -39.37 -6.10
CA ASN A 557 14.85 -39.90 -6.09
C ASN A 557 14.45 -40.20 -7.53
N CYS A 558 14.81 -39.29 -8.39
CA CYS A 558 14.39 -39.30 -9.75
C CYS A 558 15.02 -40.48 -10.49
N LEU A 559 16.26 -40.80 -10.16
CA LEU A 559 16.92 -42.03 -10.60
C LEU A 559 16.16 -43.27 -10.17
N HIS A 560 15.68 -43.36 -8.93
CA HIS A 560 14.84 -44.50 -8.51
C HIS A 560 13.52 -44.61 -9.28
N VAL A 561 12.91 -43.47 -9.65
CA VAL A 561 11.67 -43.48 -10.38
C VAL A 561 11.91 -44.10 -11.76
N ILE A 562 12.95 -43.66 -12.46
CA ILE A 562 13.25 -44.18 -13.78
C ILE A 562 13.57 -45.69 -13.70
N THR A 563 14.37 -46.08 -12.71
CA THR A 563 14.60 -47.47 -12.36
C THR A 563 13.30 -48.30 -12.22
N MET A 564 12.38 -47.88 -11.35
CA MET A 564 11.06 -48.54 -11.28
C MET A 564 10.36 -48.65 -12.63
N TYR A 565 10.41 -47.59 -13.42
CA TYR A 565 9.78 -47.59 -14.75
C TYR A 565 10.39 -48.70 -15.65
N ASN A 566 11.71 -48.75 -15.71
CA ASN A 566 12.39 -49.76 -16.48
C ASN A 566 12.05 -51.22 -16.04
N ARG A 567 12.18 -51.51 -14.74
CA ARG A 567 11.77 -52.81 -14.17
C ARG A 567 10.37 -53.22 -14.62
N ILE A 568 9.44 -52.26 -14.60
CA ILE A 568 8.08 -52.48 -15.16
C ILE A 568 8.09 -52.76 -16.66
N LYS A 569 8.78 -51.94 -17.45
CA LYS A 569 8.84 -52.11 -18.93
C LYS A 569 9.31 -53.52 -19.35
N LYS A 570 10.48 -53.88 -18.80
CA LYS A 570 11.17 -55.17 -18.93
C LYS A 570 10.39 -56.38 -18.42
N ASP A 571 9.15 -56.22 -17.98
CA ASP A 571 8.55 -57.25 -17.12
C ASP A 571 7.13 -56.94 -16.60
N PRO A 572 6.23 -56.55 -17.51
CA PRO A 572 4.90 -56.02 -17.17
C PRO A 572 3.99 -57.03 -16.50
N LYS A 573 4.53 -58.23 -16.25
CA LYS A 573 3.74 -59.33 -15.70
C LYS A 573 4.15 -59.55 -14.24
N LYS A 574 5.37 -59.12 -13.90
CA LYS A 574 5.95 -59.25 -12.57
C LYS A 574 5.17 -58.37 -11.61
N LEU A 575 4.94 -58.83 -10.37
CA LEU A 575 4.13 -58.02 -9.46
C LEU A 575 4.91 -56.82 -8.93
N PHE A 576 4.27 -55.68 -8.96
CA PHE A 576 4.92 -54.43 -8.68
C PHE A 576 4.07 -53.74 -7.63
N VAL A 577 4.65 -53.39 -6.49
CA VAL A 577 3.88 -52.64 -5.48
C VAL A 577 3.67 -51.20 -5.99
N PRO A 578 2.39 -50.84 -6.29
CA PRO A 578 2.09 -49.55 -6.95
C PRO A 578 2.41 -48.33 -6.06
N ARG A 579 2.99 -47.29 -6.68
CA ARG A 579 3.31 -46.00 -6.05
C ARG A 579 2.72 -44.79 -6.78
N THR A 580 2.32 -43.80 -5.99
CA THR A 580 2.25 -42.44 -6.45
C THR A 580 3.51 -41.73 -5.88
N VAL A 581 4.44 -41.35 -6.76
CA VAL A 581 5.62 -40.62 -6.33
C VAL A 581 5.37 -39.12 -6.48
N ILE A 582 5.38 -38.41 -5.36
CA ILE A 582 5.23 -36.97 -5.33
C ILE A 582 6.52 -36.22 -4.97
N ILE A 583 6.94 -35.37 -5.91
CA ILE A 583 8.09 -34.52 -5.66
C ILE A 583 7.67 -33.06 -5.77
N GLY A 584 8.10 -32.22 -4.82
CA GLY A 584 7.68 -30.82 -4.82
C GLY A 584 8.72 -29.86 -4.27
N GLY A 585 8.70 -28.60 -4.66
CA GLY A 585 9.63 -27.68 -4.05
C GLY A 585 9.96 -26.62 -5.04
N LYS A 586 10.44 -25.50 -4.50
CA LYS A 586 10.75 -24.31 -5.29
C LYS A 586 12.22 -24.23 -5.47
N ALA A 587 12.66 -23.74 -6.63
CA ALA A 587 14.08 -23.57 -6.88
C ALA A 587 14.39 -22.09 -6.77
N ALA A 588 15.49 -21.74 -6.16
CA ALA A 588 15.95 -20.36 -6.18
C ALA A 588 16.03 -20.00 -7.65
N PRO A 589 15.60 -18.76 -8.04
CA PRO A 589 15.47 -18.30 -9.45
C PRO A 589 16.71 -18.34 -10.32
N GLY A 590 17.87 -18.12 -9.75
CA GLY A 590 19.09 -18.20 -10.52
C GLY A 590 19.87 -19.46 -10.17
N TYR A 591 19.20 -20.46 -9.58
CA TYR A 591 19.86 -21.74 -9.32
C TYR A 591 19.59 -22.61 -10.56
N HIS A 592 20.50 -22.57 -11.54
CA HIS A 592 20.29 -23.29 -12.80
C HIS A 592 20.11 -24.84 -12.68
N MET A 593 21.04 -25.49 -11.99
CA MET A 593 20.95 -26.95 -11.78
C MET A 593 19.60 -27.31 -11.14
N ALA A 594 19.21 -26.59 -10.08
CA ALA A 594 17.90 -26.81 -9.47
C ALA A 594 16.76 -26.77 -10.48
N LYS A 595 16.76 -25.74 -11.34
CA LYS A 595 15.79 -25.59 -12.39
C LYS A 595 15.81 -26.77 -13.37
N MET A 596 17.01 -27.22 -13.76
CA MET A 596 17.17 -28.35 -14.68
C MET A 596 16.58 -29.62 -14.06
N ILE A 597 16.78 -29.80 -12.75
CA ILE A 597 16.24 -30.93 -12.02
C ILE A 597 14.71 -30.89 -12.02
N ILE A 598 14.10 -29.72 -11.80
CA ILE A 598 12.64 -29.69 -11.94
C ILE A 598 12.28 -30.23 -13.37
N LYS A 599 12.86 -29.65 -14.43
CA LYS A 599 12.50 -30.04 -15.79
C LYS A 599 12.71 -31.55 -15.99
N LEU A 600 13.79 -32.09 -15.45
CA LEU A 600 13.97 -33.54 -15.51
C LEU A 600 12.76 -34.22 -14.89
N ILE A 601 12.44 -33.92 -13.64
CA ILE A 601 11.28 -34.57 -12.97
C ILE A 601 9.97 -34.53 -13.76
N THR A 602 9.55 -33.36 -14.19
CA THR A 602 8.36 -33.24 -14.96
C THR A 602 8.44 -33.99 -16.30
N SER A 603 9.65 -34.12 -16.89
CA SER A 603 9.87 -34.87 -18.15
C SER A 603 9.63 -36.38 -17.94
N VAL A 604 10.27 -36.90 -16.90
CA VAL A 604 10.05 -38.27 -16.49
C VAL A 604 8.56 -38.54 -16.25
N ALA A 605 7.88 -37.60 -15.59
CA ALA A 605 6.48 -37.81 -15.26
C ALA A 605 5.61 -37.96 -16.52
N ASP A 606 5.81 -37.07 -17.50
CA ASP A 606 5.16 -37.11 -18.80
C ASP A 606 5.24 -38.50 -19.48
N VAL A 607 6.44 -39.06 -19.50
CA VAL A 607 6.64 -40.37 -20.00
C VAL A 607 5.91 -41.41 -19.14
N VAL A 608 6.25 -41.48 -17.85
CA VAL A 608 5.63 -42.48 -16.98
C VAL A 608 4.10 -42.42 -16.94
N ASN A 609 3.53 -41.26 -16.65
CA ASN A 609 2.07 -41.18 -16.52
C ASN A 609 1.28 -41.54 -17.78
N ASN A 610 1.95 -41.50 -18.92
CA ASN A 610 1.31 -41.74 -20.20
C ASN A 610 1.69 -43.06 -20.89
N ASP A 611 2.67 -43.77 -20.36
CA ASP A 611 2.97 -45.06 -20.92
C ASP A 611 1.82 -46.05 -20.66
N PRO A 612 1.27 -46.61 -21.76
CA PRO A 612 0.13 -47.52 -21.51
C PRO A 612 0.57 -48.87 -20.88
N MET A 613 1.83 -49.23 -20.99
CA MET A 613 2.27 -50.46 -20.34
C MET A 613 2.36 -50.33 -18.80
N VAL A 614 2.44 -49.10 -18.31
CA VAL A 614 2.62 -48.84 -16.86
C VAL A 614 1.26 -48.70 -16.20
N GLY A 615 0.39 -47.86 -16.77
CA GLY A 615 -0.92 -47.58 -16.17
C GLY A 615 -0.91 -47.28 -14.66
N SER A 616 -1.80 -47.93 -13.91
CA SER A 616 -1.92 -47.59 -12.50
C SER A 616 -0.87 -48.25 -11.60
N LYS A 617 0.20 -48.79 -12.17
CA LYS A 617 1.33 -49.19 -11.34
C LYS A 617 2.11 -47.99 -10.73
N LEU A 618 2.25 -46.91 -11.49
CA LEU A 618 3.19 -45.84 -11.19
C LEU A 618 2.70 -44.52 -11.76
N LYS A 619 2.42 -43.56 -10.87
CA LYS A 619 2.14 -42.18 -11.24
C LYS A 619 3.19 -41.25 -10.59
N VAL A 620 3.63 -40.23 -11.35
CA VAL A 620 4.59 -39.21 -10.89
C VAL A 620 3.97 -37.80 -10.96
N ILE A 621 4.00 -37.07 -9.85
CA ILE A 621 3.46 -35.71 -9.80
C ILE A 621 4.58 -34.79 -9.35
N PHE A 622 4.87 -33.76 -10.15
CA PHE A 622 5.56 -32.56 -9.65
C PHE A 622 4.55 -31.58 -9.01
N LEU A 623 4.59 -31.53 -7.66
CA LEU A 623 3.63 -30.78 -6.85
C LEU A 623 4.01 -29.29 -6.89
N GLU A 624 3.23 -28.49 -7.61
CA GLU A 624 3.62 -27.08 -7.83
C GLU A 624 3.29 -26.21 -6.63
N ASN A 625 4.13 -25.20 -6.45
CA ASN A 625 3.86 -24.13 -5.48
C ASN A 625 3.87 -24.71 -4.08
N TYR A 626 4.81 -25.60 -3.85
CA TYR A 626 4.91 -26.15 -2.49
C TYR A 626 5.13 -25.01 -1.47
N ARG A 627 4.28 -24.97 -0.46
CA ARG A 627 4.25 -23.90 0.56
C ARG A 627 3.58 -24.50 1.78
N VAL A 628 3.39 -23.71 2.84
CA VAL A 628 2.97 -24.20 4.16
C VAL A 628 1.57 -24.75 4.09
N SER A 629 0.64 -24.02 3.50
CA SER A 629 -0.70 -24.59 3.42
C SER A 629 -0.85 -25.78 2.49
N LEU A 630 0.00 -25.95 1.49
CA LEU A 630 0.03 -27.22 0.75
C LEU A 630 0.80 -28.34 1.50
N ALA A 631 1.86 -28.01 2.24
CA ALA A 631 2.43 -29.02 3.15
C ALA A 631 1.29 -29.63 4.00
N GLU A 632 0.38 -28.78 4.49
CA GLU A 632 -0.69 -29.24 5.37
C GLU A 632 -1.62 -30.22 4.69
N LYS A 633 -1.65 -30.24 3.36
CA LYS A 633 -2.53 -31.18 2.68
C LYS A 633 -1.81 -32.50 2.40
N VAL A 634 -0.53 -32.44 2.06
CA VAL A 634 0.15 -33.58 1.54
C VAL A 634 0.77 -34.45 2.62
N ILE A 635 1.19 -33.83 3.71
CA ILE A 635 1.86 -34.59 4.74
C ILE A 635 0.90 -35.66 5.35
N PRO A 636 -0.31 -35.30 5.81
CA PRO A 636 -1.21 -36.31 6.41
C PRO A 636 -1.53 -37.48 5.48
N ALA A 637 -1.34 -37.27 4.17
CA ALA A 637 -1.63 -38.28 3.13
C ALA A 637 -0.38 -39.10 2.72
N THR A 638 0.75 -38.89 3.39
CA THR A 638 2.00 -39.56 2.98
C THR A 638 2.16 -40.94 3.62
N ASP A 639 2.63 -41.94 2.85
CA ASP A 639 3.07 -43.23 3.43
C ASP A 639 4.55 -43.26 3.64
N LEU A 640 5.29 -42.70 2.69
CA LEU A 640 6.73 -42.78 2.72
C LEU A 640 7.33 -41.41 2.50
N SER A 641 8.17 -41.02 3.43
CA SER A 641 8.75 -39.70 3.44
C SER A 641 10.23 -39.80 3.05
N GLU A 642 10.63 -39.08 2.00
CA GLU A 642 12.01 -39.13 1.46
C GLU A 642 12.84 -38.06 2.12
N GLN A 643 13.89 -38.45 2.83
CA GLN A 643 14.76 -37.52 3.57
C GLN A 643 16.20 -37.94 3.24
N ILE A 644 16.69 -37.58 2.05
CA ILE A 644 17.78 -38.37 1.45
C ILE A 644 19.03 -37.56 1.08
N SER A 645 19.23 -36.50 1.84
CA SER A 645 20.27 -35.57 1.54
C SER A 645 21.57 -36.33 1.83
N THR A 646 22.70 -35.85 1.34
CA THR A 646 23.96 -36.47 1.60
C THR A 646 24.35 -36.28 3.07
N ALA A 647 24.81 -37.34 3.72
CA ALA A 647 25.23 -37.30 5.14
C ALA A 647 26.13 -36.10 5.41
N GLY A 648 25.88 -35.32 6.44
CA GLY A 648 26.67 -34.11 6.66
C GLY A 648 26.22 -32.78 6.04
N THR A 649 25.24 -32.81 5.12
CA THR A 649 24.66 -31.60 4.45
C THR A 649 23.36 -31.01 5.09
N GLU A 650 22.47 -31.84 5.63
CA GLU A 650 21.26 -31.36 6.27
C GLU A 650 21.55 -31.10 7.78
N ALA A 651 21.61 -29.85 8.20
CA ALA A 651 21.76 -29.52 9.60
C ALA A 651 20.81 -30.26 10.54
N SER A 652 19.51 -30.27 10.21
CA SER A 652 18.51 -30.94 11.03
C SER A 652 17.42 -31.52 10.16
N GLY A 653 16.70 -30.65 9.41
CA GLY A 653 15.48 -31.01 8.72
C GLY A 653 14.33 -30.79 9.69
N THR A 654 13.12 -30.53 9.17
CA THR A 654 11.94 -30.41 10.01
C THR A 654 10.78 -31.07 9.28
N GLY A 655 10.85 -31.09 7.95
CA GLY A 655 9.86 -31.83 7.20
C GLY A 655 9.91 -33.25 7.73
N ASN A 656 11.12 -33.83 7.88
CA ASN A 656 11.30 -35.22 8.36
C ASN A 656 10.42 -35.44 9.55
N MET A 657 10.40 -34.47 10.43
CA MET A 657 9.57 -34.52 11.65
C MET A 657 8.05 -34.48 11.39
N LYS A 658 7.61 -33.67 10.44
CA LYS A 658 6.21 -33.56 10.09
C LYS A 658 5.61 -34.90 9.61
N PHE A 659 6.28 -35.63 8.73
CA PHE A 659 5.84 -36.95 8.29
C PHE A 659 5.83 -37.98 9.43
N MET A 660 6.84 -37.96 10.31
CA MET A 660 6.88 -38.91 11.42
C MET A 660 5.62 -38.79 12.31
N LEU A 661 5.27 -37.56 12.65
CA LEU A 661 4.12 -37.31 13.49
C LEU A 661 2.84 -37.67 12.77
N ASN A 662 2.87 -37.61 11.47
CA ASN A 662 1.63 -37.84 10.73
C ASN A 662 1.40 -39.24 10.16
N GLY A 663 2.24 -40.20 10.54
CA GLY A 663 1.94 -41.55 10.20
C GLY A 663 2.58 -41.95 8.89
N ALA A 664 3.73 -41.36 8.57
CA ALA A 664 4.57 -41.83 7.47
C ALA A 664 5.80 -42.59 7.96
N LEU A 665 6.24 -43.57 7.17
CA LEU A 665 7.55 -44.16 7.42
C LEU A 665 8.56 -43.32 6.64
N THR A 666 9.81 -43.37 7.07
CA THR A 666 10.86 -42.54 6.52
C THR A 666 11.93 -43.38 5.89
N ILE A 667 12.28 -43.03 4.66
CA ILE A 667 13.54 -43.52 4.10
C ILE A 667 14.52 -42.41 4.02
N GLY A 668 15.67 -42.63 4.63
CA GLY A 668 16.71 -41.66 4.53
C GLY A 668 18.07 -42.05 5.04
N THR A 669 18.93 -41.03 5.09
CA THR A 669 20.32 -41.18 5.48
C THR A 669 20.47 -40.86 6.95
N MET A 670 21.60 -41.29 7.51
CA MET A 670 21.98 -40.92 8.89
C MET A 670 22.45 -39.45 8.87
N ASP A 671 21.51 -38.52 8.78
CA ASP A 671 21.88 -37.09 8.68
C ASP A 671 20.90 -36.24 9.42
N GLY A 672 21.38 -35.14 9.96
CA GLY A 672 20.50 -34.16 10.56
C GLY A 672 19.69 -34.82 11.65
N ALA A 673 18.43 -34.43 11.78
CA ALA A 673 17.60 -35.01 12.78
C ALA A 673 17.15 -36.43 12.41
N ASN A 674 17.37 -36.91 11.18
CA ASN A 674 17.10 -38.35 10.93
C ASN A 674 17.74 -39.22 12.02
N VAL A 675 19.01 -38.91 12.34
CA VAL A 675 19.73 -39.62 13.42
C VAL A 675 18.93 -39.70 14.73
N GLU A 676 18.36 -38.60 15.18
CA GLU A 676 17.62 -38.65 16.44
C GLU A 676 16.26 -39.32 16.31
N MET A 677 15.66 -39.22 15.14
CA MET A 677 14.44 -39.93 14.83
C MET A 677 14.65 -41.42 15.06
N ALA A 678 15.66 -41.99 14.41
CA ALA A 678 16.17 -43.36 14.70
C ALA A 678 16.47 -43.64 16.18
N GLU A 679 17.14 -42.75 16.90
CA GLU A 679 17.38 -43.07 18.33
C GLU A 679 16.06 -43.33 19.06
N GLU A 680 15.09 -42.42 18.89
CA GLU A 680 13.81 -42.45 19.60
C GLU A 680 12.92 -43.63 19.18
N ALA A 681 12.91 -43.93 17.89
CA ALA A 681 11.95 -44.86 17.31
C ALA A 681 12.57 -46.26 17.18
N GLY A 682 13.90 -46.30 17.16
CA GLY A 682 14.61 -47.54 16.93
C GLY A 682 14.97 -47.60 15.48
N GLU A 683 16.23 -47.84 15.20
CA GLU A 683 16.77 -47.74 13.85
C GLU A 683 16.04 -48.66 12.87
N GLU A 684 15.54 -49.79 13.35
CA GLU A 684 14.95 -50.79 12.49
C GLU A 684 13.57 -50.40 12.09
N ASN A 685 13.01 -49.41 12.80
CA ASN A 685 11.71 -48.81 12.45
C ASN A 685 11.86 -47.63 11.47
N LEU A 686 13.09 -47.29 11.08
CA LEU A 686 13.27 -46.40 9.90
C LEU A 686 13.98 -47.11 8.79
N PHE A 687 13.83 -46.64 7.57
CA PHE A 687 14.58 -47.22 6.49
C PHE A 687 15.82 -46.41 6.24
N ILE A 688 16.82 -46.58 7.07
CA ILE A 688 18.10 -45.96 6.93
C ILE A 688 18.92 -46.68 5.89
N PHE A 689 19.70 -45.91 5.13
CA PHE A 689 20.63 -46.44 4.11
C PHE A 689 21.76 -45.43 3.81
N GLY A 690 22.76 -45.92 3.06
CA GLY A 690 23.74 -45.09 2.38
C GLY A 690 24.92 -44.71 3.22
N MET A 691 25.82 -43.87 2.70
CA MET A 691 27.00 -43.54 3.48
C MET A 691 26.67 -42.69 4.69
N ARG A 692 27.46 -42.87 5.72
CA ARG A 692 27.37 -42.06 6.86
C ARG A 692 28.47 -41.07 6.81
N ILE A 693 28.53 -40.22 7.81
CA ILE A 693 29.45 -39.12 7.78
C ILE A 693 30.94 -39.54 7.64
N ASP A 694 31.34 -40.62 8.31
CA ASP A 694 32.71 -41.20 8.15
C ASP A 694 33.01 -41.80 6.76
N ASP A 695 32.04 -42.55 6.22
CA ASP A 695 32.09 -43.03 4.83
C ASP A 695 32.30 -41.91 3.81
N VAL A 696 31.72 -40.73 4.06
CA VAL A 696 31.82 -39.63 3.12
C VAL A 696 33.23 -38.98 3.15
N ALA A 697 33.73 -38.75 4.37
CA ALA A 697 35.14 -38.38 4.57
C ALA A 697 36.04 -39.34 3.74
N ALA A 698 35.98 -40.63 4.03
CA ALA A 698 36.83 -41.64 3.35
C ALA A 698 36.79 -41.63 1.81
N LEU A 699 35.62 -41.33 1.24
CA LEU A 699 35.46 -41.30 -0.21
C LEU A 699 35.98 -40.01 -0.81
N ASP A 700 36.00 -38.97 -0.01
CA ASP A 700 36.57 -37.71 -0.46
C ASP A 700 38.08 -37.81 -0.50
N LYS A 701 38.63 -38.45 0.54
CA LYS A 701 40.06 -38.64 0.68
C LYS A 701 40.59 -39.54 -0.42
N LYS A 702 39.83 -40.57 -0.75
CA LYS A 702 40.15 -41.49 -1.84
C LYS A 702 40.03 -40.77 -3.18
N GLY A 703 39.07 -39.85 -3.29
CA GLY A 703 38.68 -39.25 -4.58
C GLY A 703 37.47 -39.93 -5.22
N TYR A 704 36.36 -39.21 -5.26
CA TYR A 704 35.14 -39.80 -5.77
C TYR A 704 35.15 -39.81 -7.29
N GLU A 705 35.30 -40.99 -7.89
CA GLU A 705 35.14 -41.15 -9.34
C GLU A 705 33.77 -41.71 -9.62
N ALA A 706 32.92 -40.90 -10.23
CA ALA A 706 31.53 -41.28 -10.48
C ALA A 706 31.41 -42.33 -11.59
N LYS A 707 32.46 -42.43 -12.41
CA LYS A 707 32.48 -43.32 -13.58
C LYS A 707 32.22 -44.76 -13.13
N GLU A 708 32.75 -45.13 -11.97
CA GLU A 708 32.82 -46.52 -11.56
C GLU A 708 31.52 -47.13 -11.15
N TYR A 709 30.53 -46.29 -10.87
CA TYR A 709 29.22 -46.77 -10.42
C TYR A 709 28.32 -46.98 -11.63
N TYR A 710 28.40 -46.04 -12.57
CA TYR A 710 27.75 -46.12 -13.89
C TYR A 710 28.12 -47.37 -14.65
N GLU A 711 29.38 -47.77 -14.54
CA GLU A 711 29.84 -49.01 -15.17
C GLU A 711 29.56 -50.24 -14.32
N ALA A 712 29.67 -50.12 -13.00
CA ALA A 712 29.45 -51.27 -12.10
C ALA A 712 27.98 -51.70 -11.86
N LEU A 713 26.99 -50.90 -12.28
CA LEU A 713 25.59 -51.16 -11.89
C LEU A 713 24.66 -51.03 -13.09
N PRO A 714 24.39 -52.14 -13.79
CA PRO A 714 23.64 -52.02 -15.07
C PRO A 714 22.31 -51.24 -14.98
N GLU A 715 21.64 -51.27 -13.83
CA GLU A 715 20.38 -50.53 -13.70
C GLU A 715 20.56 -49.00 -13.75
N LEU A 716 21.61 -48.51 -13.09
CA LEU A 716 22.03 -47.12 -13.19
C LEU A 716 22.42 -46.75 -14.63
N LYS A 717 23.26 -47.56 -15.27
CA LYS A 717 23.77 -47.26 -16.59
C LYS A 717 22.62 -47.03 -17.58
N LEU A 718 21.56 -47.80 -17.45
CA LEU A 718 20.42 -47.62 -18.34
C LEU A 718 19.76 -46.22 -18.11
N VAL A 719 19.30 -45.98 -16.87
CA VAL A 719 18.76 -44.70 -16.40
C VAL A 719 19.56 -43.52 -17.00
N ILE A 720 20.87 -43.52 -16.76
CA ILE A 720 21.78 -42.49 -17.25
C ILE A 720 21.81 -42.36 -18.76
N ASP A 721 22.01 -43.47 -19.47
CA ASP A 721 21.93 -43.49 -20.94
C ASP A 721 20.64 -42.85 -21.45
N GLN A 722 19.50 -43.28 -20.92
CA GLN A 722 18.21 -42.71 -21.31
C GLN A 722 18.13 -41.15 -21.13
N ILE A 723 18.54 -40.67 -19.96
CA ILE A 723 18.50 -39.24 -19.71
C ILE A 723 19.35 -38.49 -20.78
N ASP A 724 20.56 -39.01 -20.95
CA ASP A 724 21.60 -38.43 -21.79
C ASP A 724 21.39 -38.53 -23.33
N ASN A 725 20.54 -39.47 -23.77
CA ASN A 725 20.33 -39.73 -25.20
C ASN A 725 19.04 -39.19 -25.69
N GLY A 726 18.25 -38.67 -24.76
CA GLY A 726 17.07 -37.94 -25.12
C GLY A 726 15.85 -38.79 -25.00
N PHE A 727 15.98 -39.91 -24.28
CA PHE A 727 14.82 -40.75 -23.97
C PHE A 727 13.68 -39.95 -23.33
N PHE A 728 14.01 -39.14 -22.33
CA PHE A 728 13.02 -38.31 -21.63
C PHE A 728 12.84 -36.92 -22.24
N SER A 729 13.57 -36.62 -23.31
CA SER A 729 13.36 -35.37 -24.05
C SER A 729 13.61 -35.55 -25.55
N PRO A 730 12.69 -36.26 -26.23
CA PRO A 730 12.79 -36.44 -27.69
C PRO A 730 13.08 -35.16 -28.50
N LYS A 731 12.26 -34.12 -28.39
CA LYS A 731 12.48 -32.90 -29.19
C LYS A 731 13.83 -32.18 -28.91
N GLN A 732 14.58 -32.65 -27.91
CA GLN A 732 15.91 -32.08 -27.58
C GLN A 732 16.77 -33.10 -26.87
N PRO A 733 17.37 -34.03 -27.63
CA PRO A 733 18.21 -35.11 -27.12
C PRO A 733 19.23 -34.62 -26.11
N ASP A 734 19.68 -33.38 -26.29
CA ASP A 734 20.79 -32.79 -25.50
C ASP A 734 20.42 -32.12 -24.18
N LEU A 735 19.11 -31.92 -23.94
CA LEU A 735 18.57 -31.13 -22.81
C LEU A 735 19.28 -31.32 -21.46
N PHE A 736 19.51 -32.56 -21.08
CA PHE A 736 20.02 -32.83 -19.74
C PHE A 736 21.55 -32.94 -19.59
N LYS A 737 22.25 -32.56 -20.66
CA LYS A 737 23.70 -32.40 -20.75
C LYS A 737 24.34 -31.89 -19.46
N ASP A 738 23.84 -30.76 -18.95
CA ASP A 738 24.38 -30.15 -17.75
C ASP A 738 24.26 -31.04 -16.51
N ILE A 739 23.15 -31.76 -16.40
CA ILE A 739 22.93 -32.70 -15.31
C ILE A 739 23.96 -33.84 -15.39
N ILE A 740 24.08 -34.44 -16.57
CA ILE A 740 25.06 -35.51 -16.85
C ILE A 740 26.48 -35.06 -16.55
N ASN A 741 26.85 -33.91 -17.06
CA ASN A 741 28.19 -33.40 -16.84
C ASN A 741 28.47 -33.25 -15.33
N MET A 742 27.47 -32.77 -14.60
CA MET A 742 27.65 -32.54 -13.15
C MET A 742 27.79 -33.88 -12.48
N LEU A 743 26.90 -34.80 -12.85
CA LEU A 743 26.88 -36.09 -12.17
C LEU A 743 28.24 -36.80 -12.24
N PHE A 744 28.86 -36.73 -13.43
CA PHE A 744 30.13 -37.37 -13.70
C PHE A 744 31.35 -36.60 -13.25
N TYR A 745 31.33 -35.28 -13.27
CA TYR A 745 32.58 -34.58 -12.94
C TYR A 745 32.53 -33.56 -11.82
N HIS A 746 31.36 -33.23 -11.34
CA HIS A 746 31.25 -32.18 -10.34
C HIS A 746 30.18 -32.41 -9.27
N ASP A 747 29.96 -33.66 -8.85
CA ASP A 747 28.92 -33.96 -7.90
C ASP A 747 29.47 -33.97 -6.51
N ARG A 748 29.32 -32.82 -5.86
CA ARG A 748 29.67 -32.69 -4.46
C ARG A 748 28.88 -33.62 -3.54
N PHE A 749 27.72 -34.11 -4.01
CA PHE A 749 26.78 -34.81 -3.09
C PHE A 749 26.57 -36.30 -3.37
N LYS A 750 27.36 -36.79 -4.34
CA LYS A 750 27.65 -38.21 -4.55
C LYS A 750 26.43 -39.03 -4.81
N VAL A 751 25.64 -38.59 -5.79
CA VAL A 751 24.36 -39.22 -6.06
C VAL A 751 24.55 -40.72 -6.40
N PHE A 752 25.53 -41.05 -7.25
CA PHE A 752 25.77 -42.43 -7.74
C PHE A 752 26.23 -43.39 -6.64
N ALA A 753 27.03 -42.85 -5.70
CA ALA A 753 27.55 -43.58 -4.57
C ALA A 753 26.53 -44.03 -3.55
N ASP A 754 25.35 -43.41 -3.50
CA ASP A 754 24.32 -43.91 -2.59
C ASP A 754 23.22 -44.64 -3.39
N TYR A 755 23.28 -44.57 -4.72
CA TYR A 755 22.26 -45.22 -5.58
C TYR A 755 21.96 -46.68 -5.21
N GLU A 756 22.94 -47.56 -5.35
CA GLU A 756 22.77 -48.95 -4.92
C GLU A 756 22.02 -49.13 -3.61
N ALA A 757 22.61 -48.62 -2.53
CA ALA A 757 22.04 -48.79 -1.20
C ALA A 757 20.60 -48.23 -1.13
N TYR A 758 20.37 -47.14 -1.86
CA TYR A 758 19.10 -46.50 -1.84
C TYR A 758 18.06 -47.33 -2.57
N VAL A 759 18.44 -47.88 -3.73
CA VAL A 759 17.51 -48.73 -4.49
C VAL A 759 17.14 -49.99 -3.73
N LYS A 760 18.15 -50.61 -3.10
CA LYS A 760 17.88 -51.78 -2.26
C LYS A 760 16.90 -51.44 -1.17
N CYS A 761 17.11 -50.26 -0.60
CA CYS A 761 16.35 -49.85 0.51
C CYS A 761 14.90 -49.62 0.06
N GLN A 762 14.69 -48.98 -1.08
CA GLN A 762 13.35 -48.90 -1.67
C GLN A 762 12.61 -50.24 -1.78
N ASP A 763 13.39 -51.28 -2.14
CA ASP A 763 12.85 -52.63 -2.33
C ASP A 763 12.29 -53.13 -1.00
N LYS A 764 13.00 -52.88 0.08
CA LYS A 764 12.47 -53.24 1.39
C LYS A 764 11.18 -52.54 1.79
N VAL A 765 11.01 -51.32 1.29
CA VAL A 765 9.84 -50.57 1.66
C VAL A 765 8.71 -51.18 0.89
N SER A 766 8.95 -51.45 -0.38
CA SER A 766 7.90 -52.11 -1.14
C SER A 766 7.46 -53.41 -0.43
N GLN A 767 8.39 -54.25 0.03
CA GLN A 767 8.03 -55.49 0.75
C GLN A 767 7.17 -55.21 1.92
N LEU A 768 7.64 -54.39 2.85
CA LEU A 768 6.85 -54.10 4.05
C LEU A 768 5.47 -53.51 3.69
N TYR A 769 5.40 -52.67 2.65
CA TYR A 769 4.14 -52.12 2.24
C TYR A 769 3.02 -53.13 1.95
N MET A 770 3.39 -54.21 1.26
CA MET A 770 2.51 -55.39 1.02
C MET A 770 1.97 -56.07 2.29
N ASN A 771 2.55 -55.80 3.46
CA ASN A 771 2.10 -56.37 4.71
C ASN A 771 1.51 -55.31 5.70
N PRO A 772 0.21 -54.93 5.51
CA PRO A 772 -0.41 -53.78 6.22
C PRO A 772 -0.25 -53.85 7.71
N LYS A 773 -0.31 -55.05 8.26
CA LYS A 773 -0.25 -55.19 9.69
C LYS A 773 1.19 -54.89 10.16
N ALA A 774 2.19 -55.29 9.38
CA ALA A 774 3.60 -54.98 9.75
C ALA A 774 3.88 -53.47 9.47
N TRP A 775 3.20 -52.91 8.48
CA TRP A 775 3.50 -51.56 8.09
C TRP A 775 2.99 -50.61 9.16
N ASN A 776 1.78 -50.90 9.63
CA ASN A 776 1.15 -50.08 10.60
C ASN A 776 1.69 -50.22 11.99
N THR A 777 2.25 -51.37 12.25
CA THR A 777 2.92 -51.57 13.53
C THR A 777 4.15 -50.61 13.53
N MET A 778 5.00 -50.68 12.49
CA MET A 778 6.08 -49.73 12.39
C MET A 778 5.64 -48.20 12.46
N VAL A 779 4.66 -47.81 11.63
CA VAL A 779 3.98 -46.48 11.78
C VAL A 779 3.69 -46.13 13.25
N LEU A 780 2.98 -47.01 13.95
CA LEU A 780 2.66 -46.75 15.36
C LEU A 780 3.90 -46.52 16.25
N LYS A 781 4.99 -47.26 16.04
CA LYS A 781 6.20 -47.01 16.79
C LYS A 781 6.81 -45.64 16.42
N ASN A 782 6.68 -45.20 15.17
CA ASN A 782 7.14 -43.87 14.81
C ASN A 782 6.31 -42.78 15.48
N ILE A 783 4.99 -42.80 15.29
CA ILE A 783 4.09 -41.83 15.92
C ILE A 783 4.27 -41.79 17.40
N ALA A 784 4.31 -42.96 18.06
CA ALA A 784 4.49 -43.03 19.51
C ALA A 784 5.87 -42.53 20.03
N ALA A 785 6.87 -42.48 19.14
CA ALA A 785 8.20 -41.94 19.46
C ALA A 785 8.42 -40.48 19.01
N SER A 786 7.39 -39.82 18.52
CA SER A 786 7.67 -38.53 17.86
C SER A 786 7.64 -37.32 18.84
N GLY A 787 7.24 -37.62 20.06
CA GLY A 787 7.21 -36.70 21.20
C GLY A 787 8.40 -35.78 21.28
N LYS A 788 9.62 -36.31 21.17
CA LYS A 788 10.81 -35.44 21.18
C LYS A 788 10.77 -34.17 20.24
N PHE A 789 10.01 -34.25 19.15
CA PHE A 789 10.11 -33.28 18.08
C PHE A 789 9.11 -32.13 18.11
N SER A 790 8.36 -32.05 19.20
CA SER A 790 7.56 -30.90 19.51
C SER A 790 8.48 -29.71 19.76
N SER A 791 8.12 -28.60 19.14
CA SER A 791 8.87 -27.38 19.31
C SER A 791 8.66 -26.82 20.75
N ASP A 792 7.62 -27.29 21.46
CA ASP A 792 7.49 -27.09 22.92
C ASP A 792 8.68 -27.64 23.68
N ARG A 793 9.15 -28.83 23.32
CA ARG A 793 10.34 -29.38 23.98
C ARG A 793 11.54 -28.51 23.65
N THR A 794 11.65 -28.12 22.39
CA THR A 794 12.81 -27.35 21.94
C THR A 794 12.84 -26.03 22.68
N ILE A 795 11.67 -25.38 22.75
CA ILE A 795 11.56 -24.07 23.42
C ILE A 795 11.82 -24.13 24.91
N LYS A 796 11.35 -25.18 25.58
CA LYS A 796 11.78 -25.44 26.98
C LYS A 796 13.29 -25.45 27.14
N GLU A 797 14.00 -26.11 26.20
CA GLU A 797 15.45 -26.19 26.32
C GLU A 797 16.12 -24.84 26.11
N TYR A 798 15.71 -24.07 25.10
CA TYR A 798 16.19 -22.69 24.93
C TYR A 798 15.86 -21.80 26.17
N ALA A 799 14.64 -21.94 26.67
CA ALA A 799 14.26 -21.18 27.87
C ALA A 799 15.16 -21.45 29.11
N GLN A 800 15.53 -22.71 29.28
CA GLN A 800 16.18 -23.08 30.50
C GLN A 800 17.68 -22.89 30.37
N ASN A 801 18.22 -23.12 29.18
CA ASN A 801 19.66 -23.17 29.04
C ASN A 801 20.28 -21.96 28.37
N ILE A 802 19.48 -21.12 27.71
CA ILE A 802 19.98 -19.97 26.98
C ILE A 802 19.38 -18.63 27.48
N TRP A 803 18.07 -18.53 27.48
CA TRP A 803 17.31 -17.29 27.76
C TRP A 803 17.05 -17.01 29.23
N ASN A 804 17.09 -18.08 30.03
CA ASN A 804 16.85 -18.01 31.46
C ASN A 804 15.49 -17.40 31.76
N VAL A 805 14.44 -17.96 31.16
CA VAL A 805 13.06 -17.53 31.42
C VAL A 805 12.22 -18.78 31.74
N GLU A 806 11.07 -18.63 32.38
CA GLU A 806 10.30 -19.80 32.77
C GLU A 806 8.97 -19.87 32.08
N PRO A 807 8.58 -21.07 31.62
CA PRO A 807 7.17 -21.25 31.19
C PRO A 807 6.16 -20.85 32.26
N SER A 808 5.17 -20.06 31.85
CA SER A 808 4.03 -19.69 32.69
C SER A 808 2.87 -20.53 32.16
N ASP A 809 1.65 -19.97 32.16
CA ASP A 809 0.46 -20.70 31.62
C ASP A 809 -0.15 -20.14 30.28
N ASN B 1 -29.50 8.21 19.31
CA ASN B 1 -29.25 7.87 20.75
C ASN B 1 -27.75 7.93 21.09
N VAL B 2 -27.44 8.80 22.02
CA VAL B 2 -26.09 9.03 22.48
C VAL B 2 -25.50 7.78 23.05
N ALA B 3 -26.32 7.09 23.84
CA ALA B 3 -25.78 5.96 24.52
C ALA B 3 -25.29 4.90 23.50
N GLU B 4 -26.00 4.70 22.39
N GLU B 4 -26.02 4.72 22.40
CA GLU B 4 -25.57 3.67 21.43
CA GLU B 4 -25.67 3.74 21.36
C GLU B 4 -24.35 4.10 20.62
C GLU B 4 -24.35 4.12 20.70
N LEU B 5 -24.21 5.41 20.36
CA LEU B 5 -22.93 5.96 19.81
C LEU B 5 -21.68 5.78 20.71
N LYS B 6 -21.83 5.98 22.03
CA LYS B 6 -20.76 5.65 22.99
C LYS B 6 -20.37 4.19 23.01
N LYS B 7 -21.38 3.31 23.14
CA LYS B 7 -21.14 1.89 23.07
C LYS B 7 -20.40 1.56 21.77
N SER B 8 -20.85 2.11 20.64
CA SER B 8 -20.22 1.81 19.32
C SER B 8 -18.78 2.27 19.31
N PHE B 9 -18.56 3.44 19.86
CA PHE B 9 -17.25 4.02 19.86
C PHE B 9 -16.33 3.12 20.67
N ASN B 10 -16.78 2.69 21.85
CA ASN B 10 -16.03 1.73 22.69
C ASN B 10 -15.81 0.32 22.07
N ARG B 11 -16.77 -0.21 21.36
CA ARG B 11 -16.58 -1.49 20.69
C ARG B 11 -15.46 -1.36 19.66
N HIS B 12 -15.46 -0.25 18.92
CA HIS B 12 -14.46 -0.03 17.91
C HIS B 12 -13.09 0.21 18.56
N LEU B 13 -13.01 1.04 19.60
CA LEU B 13 -11.71 1.20 20.19
C LEU B 13 -11.12 -0.15 20.62
N HIS B 14 -11.93 -1.02 21.19
CA HIS B 14 -11.50 -2.34 21.67
C HIS B 14 -11.21 -3.37 20.50
N PHE B 15 -12.20 -3.63 19.64
CA PHE B 15 -12.07 -4.63 18.60
C PHE B 15 -11.36 -4.17 17.32
N THR B 16 -11.53 -2.91 16.95
CA THR B 16 -10.93 -2.42 15.74
C THR B 16 -9.49 -1.84 15.98
N LEU B 17 -9.28 -1.12 17.08
CA LEU B 17 -7.97 -0.49 17.37
C LEU B 17 -7.17 -1.34 18.37
N VAL B 18 -7.83 -2.32 18.98
CA VAL B 18 -7.17 -3.13 19.99
C VAL B 18 -6.53 -2.30 21.16
N LYS B 19 -7.25 -1.26 21.58
CA LYS B 19 -6.71 -0.36 22.57
C LYS B 19 -7.67 -0.27 23.77
N ASP B 20 -7.17 0.06 24.94
CA ASP B 20 -8.06 0.65 25.95
C ASP B 20 -7.75 2.11 26.26
N ARG B 21 -8.56 2.73 27.09
CA ARG B 21 -8.37 4.15 27.38
C ARG B 21 -6.97 4.54 27.88
N ASN B 22 -6.22 3.68 28.60
CA ASN B 22 -4.88 4.10 29.05
C ASN B 22 -3.84 4.30 27.97
N VAL B 23 -3.92 3.56 26.88
CA VAL B 23 -2.86 3.74 25.88
C VAL B 23 -3.38 4.20 24.52
N ALA B 24 -4.66 4.53 24.40
CA ALA B 24 -5.17 4.99 23.16
C ALA B 24 -4.56 6.35 22.82
N THR B 25 -4.24 6.59 21.56
CA THR B 25 -3.79 7.91 21.12
C THR B 25 -4.99 8.63 20.53
N THR B 26 -4.87 9.92 20.26
CA THR B 26 -5.87 10.74 19.59
C THR B 26 -6.29 10.11 18.24
N ARG B 27 -5.30 9.66 17.48
CA ARG B 27 -5.56 8.90 16.25
C ARG B 27 -6.47 7.66 16.46
N ASP B 28 -6.16 6.84 17.46
CA ASP B 28 -7.05 5.74 17.81
C ASP B 28 -8.47 6.26 17.99
N TYR B 29 -8.61 7.36 18.73
CA TYR B 29 -9.93 7.91 19.00
C TYR B 29 -10.61 8.42 17.73
N TYR B 30 -9.81 9.08 16.89
CA TYR B 30 -10.32 9.49 15.58
C TYR B 30 -10.82 8.27 14.75
N PHE B 31 -10.04 7.16 14.71
CA PHE B 31 -10.44 6.04 13.89
C PHE B 31 -11.67 5.39 14.48
N ALA B 32 -11.71 5.32 15.80
CA ALA B 32 -12.85 4.73 16.48
C ALA B 32 -14.13 5.47 16.14
N LEU B 33 -14.10 6.78 16.11
CA LEU B 33 -15.34 7.57 15.80
C LEU B 33 -15.71 7.51 14.30
N ALA B 34 -14.70 7.45 13.47
CA ALA B 34 -14.91 7.39 12.02
C ALA B 34 -15.58 6.05 11.69
N HIS B 35 -15.06 4.97 12.25
CA HIS B 35 -15.74 3.68 12.06
C HIS B 35 -17.16 3.74 12.58
N THR B 36 -17.35 4.35 13.73
CA THR B 36 -18.69 4.47 14.29
C THR B 36 -19.62 5.27 13.36
N VAL B 37 -19.12 6.35 12.81
CA VAL B 37 -19.94 7.16 11.89
C VAL B 37 -20.23 6.40 10.57
N ARG B 38 -19.17 5.83 9.98
CA ARG B 38 -19.31 5.01 8.78
C ARG B 38 -20.34 3.91 8.95
N ASP B 39 -20.31 3.20 10.08
CA ASP B 39 -21.34 2.15 10.38
C ASP B 39 -22.77 2.66 10.25
N HIS B 40 -22.98 3.92 10.59
CA HIS B 40 -24.36 4.47 10.50
C HIS B 40 -24.85 4.76 9.11
N LEU B 41 -23.96 4.75 8.12
CA LEU B 41 -24.45 5.00 6.77
C LEU B 41 -24.49 3.71 5.96
N VAL B 42 -24.07 2.62 6.56
CA VAL B 42 -23.96 1.40 5.78
C VAL B 42 -25.32 0.95 5.30
N GLY B 43 -26.33 0.98 6.17
CA GLY B 43 -27.68 0.59 5.80
C GLY B 43 -28.17 1.40 4.59
N ARG B 44 -27.97 2.72 4.60
CA ARG B 44 -28.41 3.53 3.47
C ARG B 44 -27.60 3.35 2.21
N TRP B 45 -26.32 3.09 2.41
CA TRP B 45 -25.44 2.83 1.31
C TRP B 45 -25.91 1.60 0.53
N ILE B 46 -26.28 0.54 1.27
CA ILE B 46 -26.68 -0.72 0.65
C ILE B 46 -28.01 -0.53 -0.02
N ARG B 47 -28.97 0.04 0.72
CA ARG B 47 -30.32 0.33 0.17
C ARG B 47 -30.28 1.20 -1.10
N THR B 48 -29.40 2.22 -1.11
CA THR B 48 -29.29 3.13 -2.23
C THR B 48 -28.85 2.38 -3.47
N GLN B 49 -27.85 1.48 -3.36
CA GLN B 49 -27.39 0.76 -4.54
C GLN B 49 -28.46 -0.25 -4.91
N GLN B 50 -29.15 -0.80 -3.92
CA GLN B 50 -30.22 -1.76 -4.23
C GLN B 50 -31.38 -1.16 -5.02
N HIS B 51 -31.79 0.03 -4.58
CA HIS B 51 -32.77 0.87 -5.24
C HIS B 51 -32.43 1.17 -6.67
N TYR B 52 -31.17 1.52 -6.96
CA TYR B 52 -30.84 1.96 -8.32
C TYR B 52 -30.96 0.73 -9.20
N TYR B 53 -30.61 -0.41 -8.61
CA TYR B 53 -30.71 -1.63 -9.33
C TYR B 53 -32.16 -1.98 -9.60
N ASP B 54 -33.02 -1.78 -8.62
CA ASP B 54 -34.40 -2.23 -8.75
C ASP B 54 -35.18 -1.36 -9.70
N LYS B 55 -34.90 -0.06 -9.70
CA LYS B 55 -35.71 0.90 -10.44
C LYS B 55 -35.08 1.35 -11.70
N CYS B 56 -33.78 1.08 -11.85
CA CYS B 56 -33.09 1.53 -13.06
C CYS B 56 -33.31 2.97 -13.55
N PRO B 57 -33.13 3.97 -12.67
CA PRO B 57 -33.18 5.30 -13.23
C PRO B 57 -31.93 5.50 -14.11
N LYS B 58 -31.98 6.44 -15.05
CA LYS B 58 -30.80 6.76 -15.83
C LYS B 58 -29.72 7.23 -14.80
N ARG B 59 -28.50 6.75 -15.02
CA ARG B 59 -27.35 6.99 -14.15
C ARG B 59 -26.38 8.09 -14.63
N VAL B 60 -25.91 8.93 -13.71
CA VAL B 60 -24.95 9.99 -14.08
C VAL B 60 -23.55 9.62 -13.63
N TYR B 61 -22.60 9.74 -14.54
CA TYR B 61 -21.25 9.46 -14.20
C TYR B 61 -20.31 10.66 -14.30
N TYR B 62 -19.86 11.16 -13.15
CA TYR B 62 -18.98 12.32 -13.13
C TYR B 62 -17.53 11.87 -13.30
N LEU B 63 -16.97 12.06 -14.51
CA LEU B 63 -15.60 11.56 -14.79
C LEU B 63 -14.52 12.65 -14.68
N SER B 64 -13.57 12.44 -13.76
CA SER B 64 -12.69 13.54 -13.40
C SER B 64 -11.36 13.02 -12.95
N LEU B 65 -10.31 13.76 -13.31
CA LEU B 65 -8.97 13.42 -12.86
C LEU B 65 -8.78 13.90 -11.43
N GLU B 66 -9.76 14.70 -10.96
CA GLU B 66 -9.66 15.36 -9.66
C GLU B 66 -10.94 15.31 -8.79
N PHE B 67 -10.75 15.00 -7.52
CA PHE B 67 -11.81 15.15 -6.50
C PHE B 67 -11.15 15.77 -5.25
N TYR B 68 -11.40 17.06 -5.05
CA TYR B 68 -10.80 17.76 -3.94
C TYR B 68 -11.71 17.65 -2.72
N MET B 69 -11.76 16.48 -2.12
CA MET B 69 -12.76 16.20 -1.08
C MET B 69 -12.53 16.87 0.25
N GLY B 70 -11.28 17.15 0.64
CA GLY B 70 -11.14 17.61 2.03
C GLY B 70 -11.45 16.46 2.99
N ARG B 71 -11.96 16.78 4.19
CA ARG B 71 -12.15 15.79 5.27
C ARG B 71 -13.57 15.35 5.21
N THR B 72 -13.75 14.07 5.56
CA THR B 72 -15.03 13.43 5.54
C THR B 72 -15.82 13.36 6.87
N LEU B 73 -15.14 13.26 8.01
CA LEU B 73 -15.83 12.91 9.27
C LEU B 73 -16.97 13.85 9.64
N GLN B 74 -16.65 15.13 9.78
CA GLN B 74 -17.64 16.12 10.13
C GLN B 74 -18.73 16.28 9.08
N ASN B 75 -18.32 16.25 7.82
CA ASN B 75 -19.27 16.42 6.73
C ASN B 75 -20.28 15.28 6.77
N THR B 76 -19.81 14.08 7.03
CA THR B 76 -20.71 12.92 7.15
C THR B 76 -21.63 13.01 8.40
N MET B 77 -21.09 13.40 9.54
CA MET B 77 -21.94 13.53 10.70
C MET B 77 -23.10 14.49 10.44
N ILE B 78 -22.80 15.67 9.89
CA ILE B 78 -23.84 16.66 9.56
C ILE B 78 -24.86 16.11 8.55
N ASN B 79 -24.41 15.53 7.41
CA ASN B 79 -25.39 15.10 6.43
C ASN B 79 -26.27 13.97 6.95
N LEU B 80 -25.72 13.14 7.87
CA LEU B 80 -26.51 12.06 8.49
C LEU B 80 -27.41 12.56 9.63
N GLY B 81 -27.27 13.82 10.06
CA GLY B 81 -28.05 14.29 11.19
C GLY B 81 -27.52 13.80 12.52
N LEU B 82 -26.22 13.40 12.54
CA LEU B 82 -25.60 12.81 13.72
C LEU B 82 -24.61 13.65 14.46
N GLN B 83 -24.35 14.89 14.04
CA GLN B 83 -23.35 15.75 14.71
C GLN B 83 -23.61 16.02 16.18
N ASN B 84 -24.82 16.52 16.47
CA ASN B 84 -25.22 16.76 17.86
C ASN B 84 -24.99 15.56 18.75
N ALA B 85 -25.55 14.41 18.35
CA ALA B 85 -25.42 13.17 19.10
C ALA B 85 -24.00 12.66 19.22
N CYS B 86 -23.19 12.74 18.15
CA CYS B 86 -21.74 12.39 18.24
C CYS B 86 -20.92 13.29 19.12
N ASP B 87 -20.97 14.59 18.84
CA ASP B 87 -20.50 15.62 19.77
C ASP B 87 -20.80 15.26 21.23
N GLU B 88 -22.07 14.99 21.51
CA GLU B 88 -22.49 14.64 22.84
C GLU B 88 -21.87 13.34 23.41
N ALA B 89 -21.79 12.30 22.58
CA ALA B 89 -21.10 11.02 22.94
C ALA B 89 -19.62 11.23 23.28
N ILE B 90 -18.92 11.99 22.46
CA ILE B 90 -17.50 12.22 22.64
C ILE B 90 -17.21 13.07 23.91
N TYR B 91 -17.98 14.16 24.07
CA TYR B 91 -17.99 14.90 25.31
C TYR B 91 -18.19 14.01 26.57
N GLN B 92 -19.17 13.12 26.58
CA GLN B 92 -19.40 12.31 27.78
C GLN B 92 -18.26 11.31 28.05
N LEU B 93 -17.56 10.88 26.97
CA LEU B 93 -16.43 10.00 27.15
C LEU B 93 -15.23 10.77 27.66
N GLY B 94 -15.35 12.09 27.81
CA GLY B 94 -14.21 12.86 28.30
C GLY B 94 -13.22 13.26 27.23
N LEU B 95 -13.64 13.29 25.97
CA LEU B 95 -12.73 13.64 24.85
C LEU B 95 -13.12 14.93 24.16
N ASP B 96 -12.16 15.48 23.43
CA ASP B 96 -12.28 16.76 22.74
C ASP B 96 -12.49 16.52 21.21
N ILE B 97 -13.71 16.82 20.75
CA ILE B 97 -14.16 16.50 19.42
C ILE B 97 -13.31 17.20 18.34
N GLU B 98 -12.90 18.43 18.61
CA GLU B 98 -12.07 19.21 17.70
C GLU B 98 -10.77 18.47 17.43
N GLU B 99 -10.13 18.08 18.54
CA GLU B 99 -8.90 17.35 18.50
C GLU B 99 -9.01 16.05 17.65
N LEU B 100 -10.11 15.31 17.80
CA LEU B 100 -10.33 14.09 17.01
C LEU B 100 -10.42 14.48 15.56
N GLU B 101 -11.16 15.55 15.30
CA GLU B 101 -11.38 15.99 13.94
C GLU B 101 -10.14 16.51 13.29
N GLU B 102 -9.19 17.08 14.04
CA GLU B 102 -8.06 17.67 13.35
C GLU B 102 -7.09 16.61 12.87
N ILE B 103 -7.17 15.40 13.46
CA ILE B 103 -6.28 14.30 13.14
C ILE B 103 -6.45 13.83 11.66
N GLU B 104 -7.67 13.93 11.15
CA GLU B 104 -7.96 13.41 9.82
C GLU B 104 -7.20 14.21 8.76
N GLU B 105 -6.59 13.49 7.82
CA GLU B 105 -5.94 14.07 6.60
C GLU B 105 -6.94 14.55 5.59
N ASP B 106 -6.64 15.64 4.91
CA ASP B 106 -7.43 16.03 3.74
C ASP B 106 -7.27 14.97 2.64
N ALA B 107 -8.37 14.59 2.01
CA ALA B 107 -8.18 13.87 0.73
C ALA B 107 -7.97 14.97 -0.33
N GLY B 108 -6.72 15.36 -0.58
CA GLY B 108 -6.43 16.55 -1.38
C GLY B 108 -6.13 16.10 -2.78
N LEU B 109 -7.12 15.44 -3.42
CA LEU B 109 -6.93 14.82 -4.73
C LEU B 109 -7.33 15.72 -5.88
N GLY B 110 -7.13 17.02 -5.71
CA GLY B 110 -7.36 18.02 -6.76
C GLY B 110 -6.43 19.19 -6.51
N ASN B 111 -6.45 20.16 -7.43
CA ASN B 111 -5.50 21.25 -7.43
C ASN B 111 -6.10 22.53 -6.85
N GLY B 112 -7.40 22.73 -7.09
CA GLY B 112 -8.08 23.98 -6.80
C GLY B 112 -9.54 23.87 -7.29
N GLY B 113 -10.05 24.85 -8.02
CA GLY B 113 -11.49 24.96 -8.29
C GLY B 113 -12.16 23.86 -9.10
N LEU B 114 -11.48 23.35 -10.13
CA LEU B 114 -11.97 22.24 -10.90
C LEU B 114 -12.20 21.01 -9.99
N GLY B 115 -11.16 20.62 -9.22
CA GLY B 115 -11.32 19.51 -8.31
C GLY B 115 -12.39 19.74 -7.28
N ARG B 116 -12.54 20.97 -6.85
CA ARG B 116 -13.41 21.23 -5.72
C ARG B 116 -14.87 21.28 -6.19
N LEU B 117 -15.07 21.74 -7.43
CA LEU B 117 -16.37 21.67 -8.09
C LEU B 117 -16.90 20.17 -8.17
N ALA B 118 -16.03 19.26 -8.59
CA ALA B 118 -16.40 17.85 -8.60
C ALA B 118 -16.94 17.39 -7.21
N ALA B 119 -16.24 17.79 -6.15
CA ALA B 119 -16.67 17.45 -4.78
C ALA B 119 -18.01 18.11 -4.38
N CYS B 120 -18.23 19.36 -4.72
CA CYS B 120 -19.52 19.98 -4.42
C CYS B 120 -20.61 19.27 -5.20
N PHE B 121 -20.27 18.89 -6.43
CA PHE B 121 -21.22 18.22 -7.28
C PHE B 121 -21.65 16.88 -6.68
N LEU B 122 -20.71 16.12 -6.08
CA LEU B 122 -21.10 14.83 -5.52
C LEU B 122 -22.05 15.09 -4.40
N ASP B 123 -21.73 16.10 -3.56
CA ASP B 123 -22.53 16.32 -2.33
C ASP B 123 -23.96 16.64 -2.78
N SER B 124 -24.07 17.42 -3.86
CA SER B 124 -25.33 17.92 -4.35
C SER B 124 -26.15 16.87 -5.02
N MET B 125 -25.52 16.13 -5.91
CA MET B 125 -26.18 15.03 -6.58
C MET B 125 -26.72 14.07 -5.55
N ALA B 126 -25.99 13.83 -4.45
CA ALA B 126 -26.50 12.85 -3.46
C ALA B 126 -27.64 13.47 -2.69
N THR B 127 -27.53 14.74 -2.35
CA THR B 127 -28.60 15.46 -1.66
C THR B 127 -29.91 15.54 -2.48
N LEU B 128 -29.79 15.59 -3.81
CA LEU B 128 -30.90 15.74 -4.72
C LEU B 128 -31.42 14.36 -5.07
N GLY B 129 -30.72 13.34 -4.62
CA GLY B 129 -31.23 12.01 -4.81
C GLY B 129 -31.00 11.43 -6.17
N LEU B 130 -30.01 11.92 -6.92
CA LEU B 130 -29.72 11.36 -8.24
C LEU B 130 -28.82 10.14 -8.22
N ALA B 131 -28.92 9.29 -9.25
CA ALA B 131 -28.14 8.05 -9.31
C ALA B 131 -26.77 8.38 -9.94
N ALA B 132 -25.92 8.92 -9.10
CA ALA B 132 -24.66 9.48 -9.55
C ALA B 132 -23.47 8.78 -8.93
N TYR B 133 -22.44 8.67 -9.73
CA TYR B 133 -21.22 8.06 -9.29
C TYR B 133 -20.10 9.00 -9.77
N GLY B 134 -19.15 9.28 -8.89
CA GLY B 134 -17.97 9.94 -9.33
C GLY B 134 -16.91 8.89 -9.63
N TYR B 135 -16.14 9.08 -10.69
CA TYR B 135 -15.08 8.13 -11.01
C TYR B 135 -13.80 8.93 -11.15
N GLY B 136 -12.75 8.51 -10.47
CA GLY B 136 -11.49 9.19 -10.54
C GLY B 136 -10.36 8.27 -10.17
N ILE B 137 -9.19 8.85 -9.89
CA ILE B 137 -8.05 8.01 -9.57
C ILE B 137 -7.76 8.10 -8.06
N ARG B 138 -7.42 6.96 -7.45
CA ARG B 138 -7.02 6.96 -6.04
C ARG B 138 -5.55 7.26 -5.92
N TYR B 139 -5.20 8.54 -6.03
CA TYR B 139 -3.76 8.91 -5.96
C TYR B 139 -3.13 8.48 -4.63
N GLU B 140 -1.99 7.83 -4.65
CA GLU B 140 -1.32 7.66 -3.40
C GLU B 140 -0.89 9.04 -2.81
N TYR B 141 -0.59 10.00 -3.65
CA TYR B 141 -0.19 11.29 -3.08
C TYR B 141 -1.01 12.39 -3.72
N GLY B 142 -1.77 13.15 -2.94
CA GLY B 142 -2.56 14.24 -3.49
C GLY B 142 -1.68 15.47 -3.73
N ILE B 143 -2.31 16.63 -3.78
CA ILE B 143 -1.58 17.89 -3.93
C ILE B 143 -0.59 18.02 -2.74
N PHE B 144 0.66 18.38 -3.04
CA PHE B 144 1.74 18.45 -2.02
C PHE B 144 1.41 19.37 -0.82
N ASN B 145 1.91 19.02 0.37
CA ASN B 145 1.94 20.00 1.45
C ASN B 145 3.02 21.05 1.16
N GLN B 146 2.63 22.33 1.24
CA GLN B 146 3.51 23.51 1.05
C GLN B 146 3.98 23.98 2.42
N LYS B 147 5.29 24.13 2.54
CA LYS B 147 5.94 24.78 3.64
C LYS B 147 6.67 26.01 3.05
N ILE B 148 6.95 27.00 3.91
CA ILE B 148 7.70 28.19 3.50
C ILE B 148 9.03 28.16 4.22
N ARG B 149 10.12 28.07 3.45
CA ARG B 149 11.50 28.07 3.96
C ARG B 149 12.21 29.26 3.36
N ASP B 150 12.73 30.11 4.26
CA ASP B 150 13.48 31.31 3.92
C ASP B 150 12.63 32.12 2.96
N GLY B 151 11.33 32.20 3.27
CA GLY B 151 10.33 32.84 2.44
C GLY B 151 9.97 32.24 1.08
N TRP B 152 10.60 31.11 0.73
CA TRP B 152 10.31 30.43 -0.53
C TRP B 152 9.39 29.23 -0.33
N GLN B 153 8.57 28.90 -1.33
CA GLN B 153 7.75 27.68 -1.29
C GLN B 153 8.62 26.42 -1.40
N VAL B 154 8.41 25.49 -0.50
CA VAL B 154 9.08 24.20 -0.55
C VAL B 154 7.98 23.10 -0.55
N GLU B 155 8.16 22.01 -1.29
CA GLU B 155 7.12 20.99 -1.43
C GLU B 155 7.42 19.73 -0.64
N GLU B 156 6.42 19.26 0.10
CA GLU B 156 6.47 17.96 0.78
C GLU B 156 5.42 16.98 0.22
N ALA B 157 5.81 15.71 0.08
CA ALA B 157 4.87 14.70 -0.41
C ALA B 157 3.66 14.61 0.56
N ASP B 158 2.46 14.60 0.00
CA ASP B 158 1.31 14.53 0.82
C ASP B 158 0.89 13.04 0.98
N ASP B 159 1.43 12.37 2.00
CA ASP B 159 1.29 10.94 2.21
C ASP B 159 -0.05 10.58 2.89
N TRP B 160 -1.18 10.90 2.26
CA TRP B 160 -2.44 10.93 3.01
C TRP B 160 -2.94 9.54 3.50
N LEU B 161 -2.46 8.46 2.88
CA LEU B 161 -2.91 7.11 3.17
C LEU B 161 -2.00 6.39 4.14
N ARG B 162 -0.88 7.01 4.54
CA ARG B 162 0.07 6.36 5.44
C ARG B 162 -0.52 5.50 6.57
N TYR B 163 -1.46 6.07 7.32
CA TYR B 163 -2.03 5.38 8.43
C TYR B 163 -3.35 4.69 8.15
N GLY B 164 -3.81 4.72 6.90
CA GLY B 164 -5.08 4.09 6.55
C GLY B 164 -6.17 5.14 6.32
N ASN B 165 -7.25 4.72 5.69
CA ASN B 165 -8.34 5.61 5.34
C ASN B 165 -9.60 4.85 5.67
N PRO B 166 -10.22 5.18 6.80
CA PRO B 166 -11.42 4.46 7.18
C PRO B 166 -12.59 4.80 6.23
N TRP B 167 -12.43 5.74 5.30
CA TRP B 167 -13.61 6.07 4.49
C TRP B 167 -13.66 5.36 3.13
N GLU B 168 -12.73 4.46 2.82
CA GLU B 168 -12.79 3.80 1.54
C GLU B 168 -13.03 2.32 1.76
N LYS B 169 -13.65 1.63 0.81
CA LYS B 169 -13.66 0.21 0.83
C LYS B 169 -13.18 -0.30 -0.54
N SER B 170 -12.10 -1.09 -0.53
CA SER B 170 -11.67 -1.75 -1.77
C SER B 170 -12.78 -2.69 -2.26
N ARG B 171 -12.93 -2.74 -3.59
CA ARG B 171 -13.90 -3.61 -4.27
C ARG B 171 -13.15 -4.61 -5.19
N PRO B 172 -12.42 -5.58 -4.56
CA PRO B 172 -11.63 -6.51 -5.37
C PRO B 172 -12.45 -7.19 -6.51
N GLU B 173 -13.73 -7.42 -6.30
CA GLU B 173 -14.47 -8.15 -7.31
C GLU B 173 -14.60 -7.34 -8.59
N PHE B 174 -14.29 -6.03 -8.55
CA PHE B 174 -14.50 -5.16 -9.72
C PHE B 174 -13.20 -4.74 -10.42
N MET B 175 -12.09 -5.29 -9.94
CA MET B 175 -10.81 -5.22 -10.65
C MET B 175 -10.91 -5.58 -12.12
N LEU B 176 -10.16 -4.83 -12.96
CA LEU B 176 -10.26 -4.77 -14.42
C LEU B 176 -8.87 -4.63 -15.00
N PRO B 177 -8.57 -5.24 -16.17
CA PRO B 177 -7.27 -4.89 -16.76
C PRO B 177 -7.38 -3.69 -17.67
N VAL B 178 -6.28 -2.93 -17.79
CA VAL B 178 -6.14 -1.79 -18.69
C VAL B 178 -4.89 -2.05 -19.52
N HIS B 179 -4.91 -1.60 -20.77
CA HIS B 179 -3.94 -1.97 -21.79
C HIS B 179 -3.14 -0.74 -22.22
N PHE B 180 -1.86 -0.91 -22.54
CA PHE B 180 -1.02 0.22 -22.93
C PHE B 180 -0.01 -0.23 -23.97
N TYR B 181 0.54 0.71 -24.77
CA TYR B 181 1.50 0.36 -25.83
C TYR B 181 0.93 -0.68 -26.86
N GLY B 182 1.75 -1.71 -27.17
CA GLY B 182 1.41 -2.71 -28.21
C GLY B 182 1.36 -2.10 -29.62
N LYS B 183 0.55 -2.69 -30.49
CA LYS B 183 0.47 -2.27 -31.88
C LYS B 183 -0.86 -2.72 -32.50
N VAL B 184 -1.29 -2.06 -33.55
CA VAL B 184 -2.50 -2.45 -34.26
C VAL B 184 -2.23 -3.52 -35.32
N GLU B 185 -3.09 -4.54 -35.38
CA GLU B 185 -3.15 -5.46 -36.52
C GLU B 185 -4.44 -5.31 -37.22
N HIS B 186 -4.38 -5.14 -38.53
CA HIS B 186 -5.59 -5.20 -39.32
C HIS B 186 -5.69 -6.54 -40.01
N THR B 187 -6.70 -7.29 -39.63
CA THR B 187 -6.86 -8.66 -40.09
C THR B 187 -8.25 -8.95 -40.66
N ASN B 188 -8.34 -10.17 -41.20
CA ASN B 188 -9.54 -10.77 -41.77
C ASN B 188 -10.76 -10.60 -40.88
N THR B 189 -10.58 -10.77 -39.56
CA THR B 189 -11.67 -10.61 -38.57
C THR B 189 -11.85 -9.16 -38.07
N GLY B 190 -11.05 -8.23 -38.57
CA GLY B 190 -11.11 -6.83 -38.09
C GLY B 190 -9.80 -6.34 -37.49
N THR B 191 -9.91 -5.22 -36.82
CA THR B 191 -8.73 -4.55 -36.33
C THR B 191 -8.48 -4.87 -34.87
N LYS B 192 -7.29 -5.40 -34.63
CA LYS B 192 -6.89 -5.95 -33.35
C LYS B 192 -5.83 -5.08 -32.68
N TRP B 193 -5.90 -4.92 -31.36
CA TRP B 193 -4.88 -4.22 -30.61
C TRP B 193 -4.11 -5.29 -29.87
N ILE B 194 -2.86 -5.50 -30.23
CA ILE B 194 -2.11 -6.68 -29.77
C ILE B 194 -0.75 -6.32 -29.19
N ASP B 195 -0.14 -7.30 -28.53
CA ASP B 195 1.12 -7.13 -27.80
C ASP B 195 1.11 -6.05 -26.69
N THR B 196 -0.01 -5.84 -26.01
CA THR B 196 -0.09 -4.74 -25.05
C THR B 196 0.51 -5.09 -23.71
N GLN B 197 0.89 -4.07 -22.94
CA GLN B 197 1.21 -4.25 -21.53
C GLN B 197 -0.09 -4.00 -20.75
N VAL B 198 -0.29 -4.81 -19.71
CA VAL B 198 -1.50 -4.80 -18.92
C VAL B 198 -1.22 -4.23 -17.54
N VAL B 199 -2.13 -3.39 -17.02
CA VAL B 199 -2.01 -2.85 -15.69
C VAL B 199 -3.38 -3.06 -15.02
N LEU B 200 -3.42 -3.50 -13.78
CA LEU B 200 -4.69 -3.77 -13.12
C LEU B 200 -5.23 -2.48 -12.47
N ALA B 201 -6.55 -2.32 -12.52
CA ALA B 201 -7.25 -1.27 -11.90
C ALA B 201 -8.15 -1.85 -10.78
N LEU B 202 -7.83 -1.51 -9.54
CA LEU B 202 -8.54 -1.97 -8.38
C LEU B 202 -9.35 -0.79 -7.81
N PRO B 203 -10.68 -0.84 -7.91
CA PRO B 203 -11.43 0.35 -7.46
C PRO B 203 -11.58 0.37 -5.94
N TYR B 204 -11.64 1.57 -5.37
CA TYR B 204 -12.04 1.74 -3.96
C TYR B 204 -13.22 2.69 -3.86
N ASP B 205 -14.22 2.36 -3.02
CA ASP B 205 -15.47 3.16 -2.89
C ASP B 205 -15.47 3.99 -1.59
N THR B 206 -15.74 5.30 -1.72
CA THR B 206 -16.07 6.19 -0.61
C THR B 206 -17.57 6.58 -0.69
N PRO B 207 -18.26 6.58 0.45
CA PRO B 207 -19.68 6.94 0.50
C PRO B 207 -19.83 8.44 0.35
N VAL B 208 -20.89 8.88 -0.30
CA VAL B 208 -21.17 10.27 -0.51
C VAL B 208 -22.61 10.50 -0.03
N PRO B 209 -22.73 10.86 1.24
CA PRO B 209 -24.05 10.95 1.89
C PRO B 209 -24.77 12.20 1.47
N GLY B 210 -26.03 12.04 1.07
CA GLY B 210 -26.92 13.16 0.86
C GLY B 210 -27.24 13.86 2.15
N TYR B 211 -27.64 15.14 2.04
CA TYR B 211 -28.02 15.91 3.26
C TYR B 211 -29.42 15.55 3.72
N MET B 212 -29.52 14.85 4.85
CA MET B 212 -30.81 14.57 5.53
C MET B 212 -31.86 13.90 4.66
N ASN B 213 -31.46 12.86 3.96
CA ASN B 213 -32.36 12.02 3.16
C ASN B 213 -31.78 10.59 3.24
N ASN B 214 -32.31 9.68 2.45
CA ASN B 214 -31.87 8.27 2.56
C ASN B 214 -30.75 7.83 1.60
N THR B 215 -30.15 8.79 0.90
CA THR B 215 -29.21 8.51 -0.18
C THR B 215 -27.75 8.55 0.28
N VAL B 216 -27.06 7.47 0.00
CA VAL B 216 -25.61 7.47 -0.01
C VAL B 216 -25.11 7.00 -1.37
N ASN B 217 -24.53 7.94 -2.11
CA ASN B 217 -23.91 7.61 -3.39
C ASN B 217 -22.46 7.17 -3.21
N THR B 218 -21.84 6.81 -4.33
CA THR B 218 -20.51 6.26 -4.34
C THR B 218 -19.57 7.18 -5.19
N MET B 219 -18.38 7.40 -4.63
CA MET B 219 -17.21 7.87 -5.32
C MET B 219 -16.24 6.67 -5.46
N ARG B 220 -16.04 6.19 -6.69
CA ARG B 220 -15.18 5.04 -7.01
C ARG B 220 -13.88 5.54 -7.61
N LEU B 221 -12.79 5.35 -6.90
CA LEU B 221 -11.49 5.78 -7.39
C LEU B 221 -10.61 4.58 -7.63
N TRP B 222 -9.90 4.63 -8.75
CA TRP B 222 -9.12 3.54 -9.24
C TRP B 222 -7.69 3.61 -8.82
N SER B 223 -7.18 2.43 -8.42
CA SER B 223 -5.80 2.30 -8.04
C SER B 223 -5.08 1.29 -8.94
N ALA B 224 -3.84 1.62 -9.32
CA ALA B 224 -3.11 0.82 -10.32
C ALA B 224 -2.25 -0.23 -9.66
N ARG B 225 -2.33 -1.47 -10.16
N ARG B 225 -2.33 -1.46 -10.18
CA ARG B 225 -1.48 -2.55 -9.63
CA ARG B 225 -1.50 -2.56 -9.68
C ARG B 225 -0.89 -3.37 -10.77
C ARG B 225 -0.83 -3.30 -10.83
N ALA B 226 0.30 -3.94 -10.55
CA ALA B 226 0.98 -4.74 -11.53
C ALA B 226 0.23 -6.07 -11.71
N PRO B 227 0.09 -6.54 -12.96
CA PRO B 227 -0.52 -7.85 -13.22
C PRO B 227 0.33 -9.00 -12.67
N ASN B 228 -0.32 -10.13 -12.70
CA ASN B 228 -0.10 -11.14 -11.78
C ASN B 228 0.05 -12.48 -12.47
N ASP B 229 0.74 -12.62 -13.59
CA ASP B 229 2.05 -12.06 -13.88
C ASP B 229 2.50 -12.38 -15.32
N PHE B 230 3.76 -12.05 -15.71
CA PHE B 230 4.68 -11.24 -14.91
C PHE B 230 4.32 -9.79 -15.14
N ASP B 239 16.79 -10.92 -14.18
CA ASP B 239 16.96 -10.76 -12.75
C ASP B 239 15.60 -10.68 -12.01
N TYR B 240 15.41 -11.61 -11.08
CA TYR B 240 14.13 -11.78 -10.42
C TYR B 240 13.75 -10.64 -9.44
N ILE B 241 14.70 -10.25 -8.60
CA ILE B 241 14.49 -9.21 -7.67
C ILE B 241 14.16 -7.92 -8.41
N GLN B 242 14.95 -7.61 -9.44
CA GLN B 242 14.72 -6.38 -10.23
C GLN B 242 13.36 -6.41 -10.87
N ALA B 243 12.93 -7.60 -11.24
CA ALA B 243 11.62 -7.72 -11.93
C ALA B 243 10.51 -7.49 -10.92
N VAL B 244 10.69 -7.97 -9.67
CA VAL B 244 9.73 -7.63 -8.64
C VAL B 244 9.73 -6.09 -8.38
N LEU B 245 10.90 -5.46 -8.21
CA LEU B 245 10.95 -4.02 -8.00
C LEU B 245 10.29 -3.22 -9.16
N ASP B 246 10.50 -3.60 -10.41
CA ASP B 246 9.85 -2.92 -11.59
C ASP B 246 8.33 -2.99 -11.65
N ARG B 247 7.69 -3.79 -10.82
CA ARG B 247 6.24 -3.69 -10.69
C ARG B 247 5.85 -2.26 -10.26
N ASN B 248 6.78 -1.56 -9.59
CA ASN B 248 6.64 -0.16 -9.28
C ASN B 248 6.21 0.71 -10.48
N LEU B 249 6.70 0.41 -11.67
CA LEU B 249 6.41 1.23 -12.83
C LEU B 249 4.91 1.20 -13.18
N ALA B 250 4.26 0.07 -12.93
CA ALA B 250 2.83 0.01 -13.19
C ALA B 250 2.04 0.79 -12.11
N GLU B 251 2.39 0.58 -10.85
CA GLU B 251 1.80 1.36 -9.81
C GLU B 251 2.11 2.87 -9.92
N ASN B 252 3.21 3.27 -10.55
CA ASN B 252 3.45 4.70 -10.70
C ASN B 252 2.32 5.44 -11.35
N ILE B 253 1.49 4.74 -12.14
CA ILE B 253 0.35 5.45 -12.76
C ILE B 253 -0.60 6.17 -11.78
N SER B 254 -0.88 5.57 -10.63
CA SER B 254 -1.82 6.23 -9.69
C SER B 254 -1.08 6.75 -8.48
N ARG B 255 0.21 7.02 -8.68
CA ARG B 255 1.02 7.43 -7.56
C ARG B 255 0.75 8.85 -7.04
N VAL B 256 0.68 9.85 -7.94
CA VAL B 256 0.68 11.25 -7.51
C VAL B 256 -0.13 12.11 -8.46
N LEU B 257 -0.90 13.02 -7.90
CA LEU B 257 -1.64 13.98 -8.69
C LEU B 257 -0.65 14.99 -9.33
N TYR B 258 -0.73 15.16 -10.66
CA TYR B 258 -0.05 16.33 -11.33
C TYR B 258 -0.53 17.65 -10.79
N PRO B 259 0.39 18.46 -10.22
CA PRO B 259 0.02 19.65 -9.41
C PRO B 259 -0.08 20.98 -10.20
N ASN B 260 -0.42 20.91 -11.48
CA ASN B 260 -0.73 22.04 -12.35
C ASN B 260 -2.14 22.52 -12.23
N ASP B 261 -2.33 23.82 -12.08
CA ASP B 261 -3.64 24.42 -12.14
C ASP B 261 -3.62 25.22 -13.43
N ASN B 262 -4.60 25.01 -14.28
CA ASN B 262 -4.70 25.79 -15.53
C ASN B 262 -3.43 25.84 -16.33
N PHE B 263 -2.74 24.72 -16.45
CA PHE B 263 -1.55 24.66 -17.26
C PHE B 263 -1.35 23.24 -17.75
N PHE B 264 -0.94 23.07 -19.00
CA PHE B 264 -0.84 21.74 -19.57
C PHE B 264 0.62 21.27 -19.68
N GLU B 265 0.94 20.21 -18.95
CA GLU B 265 2.28 19.63 -19.04
C GLU B 265 2.05 18.34 -19.77
N GLY B 266 2.59 18.25 -20.98
CA GLY B 266 2.35 17.06 -21.81
C GLY B 266 3.26 15.89 -21.52
N LYS B 267 3.19 15.35 -20.33
CA LYS B 267 4.04 14.24 -19.92
C LYS B 267 3.37 12.91 -20.18
N GLU B 268 4.17 11.88 -20.50
CA GLU B 268 3.64 10.54 -20.77
C GLU B 268 2.86 9.92 -19.57
N LEU B 269 3.44 10.03 -18.37
CA LEU B 269 2.82 9.50 -17.17
C LEU B 269 1.39 10.07 -17.00
N ARG B 270 1.23 11.36 -17.24
CA ARG B 270 -0.07 12.00 -17.21
C ARG B 270 -0.99 11.43 -18.27
N LEU B 271 -0.46 11.10 -19.44
CA LEU B 271 -1.34 10.57 -20.45
C LEU B 271 -1.74 9.18 -20.02
N LYS B 272 -0.83 8.45 -19.43
CA LYS B 272 -1.24 7.20 -18.84
C LYS B 272 -2.34 7.34 -17.77
N GLN B 273 -2.26 8.36 -16.90
CA GLN B 273 -3.31 8.53 -15.90
C GLN B 273 -4.62 8.70 -16.60
N GLU B 274 -4.60 9.43 -17.70
CA GLU B 274 -5.84 9.78 -18.36
C GLU B 274 -6.47 8.54 -19.03
N TYR B 275 -5.65 7.67 -19.63
CA TYR B 275 -6.20 6.50 -20.25
C TYR B 275 -6.74 5.56 -19.22
N PHE B 276 -5.89 5.33 -18.21
CA PHE B 276 -6.19 4.51 -17.03
C PHE B 276 -7.58 4.75 -16.41
N VAL B 277 -7.88 5.99 -16.09
CA VAL B 277 -9.17 6.24 -15.41
C VAL B 277 -10.30 6.06 -16.37
N VAL B 278 -10.07 6.42 -17.62
CA VAL B 278 -11.09 6.32 -18.69
C VAL B 278 -11.38 4.84 -19.06
N ALA B 279 -10.33 4.03 -19.22
CA ALA B 279 -10.51 2.60 -19.58
C ALA B 279 -11.15 1.78 -18.49
N ALA B 280 -10.68 1.90 -17.25
CA ALA B 280 -11.34 1.25 -16.10
C ALA B 280 -12.80 1.69 -15.95
N THR B 281 -13.02 3.00 -15.97
CA THR B 281 -14.35 3.52 -15.76
C THR B 281 -15.31 3.05 -16.85
N LEU B 282 -14.94 3.17 -18.11
CA LEU B 282 -15.90 2.73 -19.17
C LEU B 282 -16.27 1.25 -19.10
N GLN B 283 -15.26 0.40 -18.88
CA GLN B 283 -15.50 -1.02 -18.63
C GLN B 283 -16.46 -1.27 -17.49
N ASP B 284 -16.25 -0.61 -16.36
CA ASP B 284 -17.15 -0.75 -15.20
C ASP B 284 -18.62 -0.37 -15.49
N ILE B 285 -18.78 0.77 -16.17
CA ILE B 285 -20.07 1.30 -16.58
C ILE B 285 -20.75 0.35 -17.52
N ILE B 286 -19.99 -0.28 -18.39
CA ILE B 286 -20.60 -1.18 -19.37
C ILE B 286 -20.98 -2.49 -18.63
N ARG B 287 -20.15 -2.90 -17.69
CA ARG B 287 -20.44 -4.07 -16.89
C ARG B 287 -21.75 -3.82 -16.11
N ARG B 288 -21.90 -2.64 -15.52
CA ARG B 288 -23.14 -2.32 -14.79
C ARG B 288 -24.37 -2.26 -15.75
N PHE B 289 -24.20 -1.68 -16.94
CA PHE B 289 -25.32 -1.61 -17.89
C PHE B 289 -25.82 -3.01 -18.24
N LYS B 290 -24.88 -3.87 -18.63
CA LYS B 290 -25.14 -5.26 -18.94
C LYS B 290 -25.77 -6.10 -17.81
N ALA B 291 -25.35 -5.90 -16.55
CA ALA B 291 -25.95 -6.61 -15.40
C ALA B 291 -27.30 -6.03 -15.04
N SER B 292 -27.74 -4.99 -15.75
CA SER B 292 -28.89 -4.24 -15.31
C SER B 292 -30.16 -4.94 -15.79
N LYS B 293 -31.28 -4.25 -15.76
CA LYS B 293 -32.47 -4.81 -16.39
C LYS B 293 -32.60 -4.36 -17.84
N PHE B 294 -31.62 -3.59 -18.33
CA PHE B 294 -31.50 -3.26 -19.76
C PHE B 294 -30.24 -3.91 -20.38
N THR B 302 -27.17 -3.50 -30.72
CA THR B 302 -28.62 -3.30 -30.45
C THR B 302 -29.08 -3.79 -29.06
N VAL B 303 -28.28 -4.67 -28.41
CA VAL B 303 -28.29 -4.75 -26.93
C VAL B 303 -27.94 -3.34 -26.32
N PHE B 304 -27.18 -2.51 -27.05
CA PHE B 304 -26.70 -1.21 -26.60
C PHE B 304 -27.56 -0.02 -26.95
N ASP B 305 -28.62 -0.25 -27.67
CA ASP B 305 -29.49 0.82 -28.12
C ASP B 305 -29.91 1.68 -26.96
N ALA B 306 -30.21 1.05 -25.82
CA ALA B 306 -30.71 1.79 -24.68
C ALA B 306 -29.62 2.40 -23.78
N PHE B 307 -28.35 2.15 -24.12
CA PHE B 307 -27.19 2.70 -23.41
C PHE B 307 -27.32 4.18 -23.07
N PRO B 308 -27.51 5.06 -24.07
CA PRO B 308 -27.57 6.46 -23.64
C PRO B 308 -28.83 6.90 -22.88
N ASP B 309 -29.81 6.02 -22.66
CA ASP B 309 -31.01 6.38 -21.89
C ASP B 309 -30.85 5.91 -20.50
N GLN B 310 -29.80 5.13 -20.31
CA GLN B 310 -29.45 4.57 -19.01
C GLN B 310 -28.17 5.21 -18.47
N VAL B 311 -27.38 5.86 -19.34
CA VAL B 311 -26.04 6.34 -19.00
C VAL B 311 -25.79 7.75 -19.53
N ALA B 312 -25.31 8.63 -18.65
CA ALA B 312 -24.84 9.95 -19.04
C ALA B 312 -23.47 10.01 -18.42
N ILE B 313 -22.46 10.39 -19.20
CA ILE B 313 -21.10 10.55 -18.66
C ILE B 313 -20.68 11.99 -18.92
N GLN B 314 -20.38 12.73 -17.84
CA GLN B 314 -19.95 14.11 -17.94
C GLN B 314 -18.42 14.18 -17.93
N LEU B 315 -17.86 14.85 -18.91
CA LEU B 315 -16.41 14.96 -19.10
C LEU B 315 -16.00 16.27 -18.36
N ASN B 316 -15.41 16.11 -17.18
CA ASN B 316 -14.89 17.24 -16.42
C ASN B 316 -13.55 17.77 -17.02
N ASP B 317 -13.72 18.72 -17.96
CA ASP B 317 -12.67 19.33 -18.80
C ASP B 317 -12.16 18.31 -19.79
N THR B 318 -11.01 18.55 -20.44
CA THR B 318 -10.59 17.63 -21.49
C THR B 318 -9.81 16.45 -20.98
N HIS B 319 -9.53 16.42 -19.70
CA HIS B 319 -8.62 15.43 -19.18
C HIS B 319 -9.05 13.98 -19.50
N PRO B 320 -10.36 13.67 -19.39
CA PRO B 320 -10.86 12.35 -19.77
C PRO B 320 -11.36 12.23 -21.19
N ALA B 321 -10.93 13.14 -22.05
CA ALA B 321 -11.38 13.19 -23.43
C ALA B 321 -11.23 11.83 -24.13
N LEU B 322 -10.19 11.08 -23.76
CA LEU B 322 -9.98 9.74 -24.30
C LEU B 322 -11.19 8.78 -24.13
N ALA B 323 -12.10 9.09 -23.20
CA ALA B 323 -13.30 8.28 -23.03
C ALA B 323 -14.05 8.12 -24.36
N ILE B 324 -14.07 9.20 -25.14
CA ILE B 324 -14.74 9.21 -26.41
C ILE B 324 -14.20 8.11 -27.36
N PRO B 325 -12.92 8.16 -27.79
CA PRO B 325 -12.47 7.04 -28.61
C PRO B 325 -12.43 5.68 -27.89
N GLU B 326 -12.43 5.69 -26.56
CA GLU B 326 -12.40 4.39 -25.86
C GLU B 326 -13.76 3.76 -25.97
N LEU B 327 -14.81 4.59 -25.80
CA LEU B 327 -16.15 4.07 -25.95
C LEU B 327 -16.30 3.50 -27.39
N MET B 328 -15.79 4.20 -28.40
CA MET B 328 -15.85 3.69 -29.80
C MET B 328 -15.06 2.39 -29.98
N ARG B 329 -13.87 2.33 -29.38
CA ARG B 329 -13.08 1.13 -29.41
C ARG B 329 -13.91 -0.01 -28.88
N ILE B 330 -14.52 0.17 -27.72
CA ILE B 330 -15.33 -0.92 -27.13
C ILE B 330 -16.52 -1.27 -28.05
N PHE B 331 -17.28 -0.28 -28.48
CA PHE B 331 -18.46 -0.49 -29.29
C PHE B 331 -18.12 -1.19 -30.58
N VAL B 332 -17.04 -0.74 -31.22
CA VAL B 332 -16.65 -1.27 -32.54
C VAL B 332 -15.72 -2.48 -32.52
N ASP B 333 -14.57 -2.42 -31.84
CA ASP B 333 -13.66 -3.55 -31.84
C ASP B 333 -14.12 -4.71 -31.01
N ILE B 334 -14.85 -4.48 -29.96
CA ILE B 334 -15.14 -5.58 -29.08
C ILE B 334 -16.60 -6.00 -29.29
N GLU B 335 -17.51 -5.05 -29.35
CA GLU B 335 -18.90 -5.39 -29.43
C GLU B 335 -19.33 -5.43 -30.91
N LYS B 336 -18.47 -5.04 -31.83
CA LYS B 336 -18.69 -5.27 -33.26
C LYS B 336 -19.87 -4.51 -33.80
N LEU B 337 -20.23 -3.38 -33.21
CA LEU B 337 -21.32 -2.57 -33.74
C LEU B 337 -20.79 -1.84 -34.94
N PRO B 338 -21.68 -1.47 -35.90
CA PRO B 338 -21.18 -0.64 -37.00
C PRO B 338 -20.81 0.73 -36.47
N TRP B 339 -19.72 1.23 -37.03
CA TRP B 339 -19.28 2.60 -36.85
C TRP B 339 -20.40 3.66 -36.73
N SER B 340 -21.25 3.78 -37.73
CA SER B 340 -22.33 4.82 -37.64
C SER B 340 -23.17 4.73 -36.35
N LYS B 341 -23.59 3.53 -36.01
CA LYS B 341 -24.41 3.27 -34.83
C LYS B 341 -23.65 3.59 -33.50
N ALA B 342 -22.42 3.10 -33.40
CA ALA B 342 -21.55 3.42 -32.31
C ALA B 342 -21.32 4.96 -32.13
N TRP B 343 -21.02 5.67 -33.21
CA TRP B 343 -20.83 7.10 -33.13
C TRP B 343 -22.05 7.86 -32.56
N GLU B 344 -23.25 7.47 -32.95
CA GLU B 344 -24.49 8.07 -32.50
C GLU B 344 -24.71 7.82 -30.97
N LEU B 345 -24.39 6.59 -30.53
CA LEU B 345 -24.57 6.24 -29.14
C LEU B 345 -23.54 6.99 -28.29
N THR B 346 -22.30 7.08 -28.78
CA THR B 346 -21.22 7.80 -28.15
C THR B 346 -21.68 9.23 -27.89
N GLN B 347 -22.12 9.93 -28.96
CA GLN B 347 -22.55 11.34 -28.83
C GLN B 347 -23.68 11.49 -27.86
N LYS B 348 -24.61 10.55 -27.87
CA LYS B 348 -25.74 10.67 -26.95
C LYS B 348 -25.32 10.47 -25.46
N THR B 349 -24.22 9.76 -25.24
CA THR B 349 -23.70 9.43 -23.93
C THR B 349 -22.91 10.56 -23.22
N PHE B 350 -22.03 11.24 -23.95
CA PHE B 350 -21.09 12.19 -23.37
C PHE B 350 -21.54 13.65 -23.45
N ALA B 351 -21.20 14.41 -22.45
CA ALA B 351 -21.36 15.83 -22.44
C ALA B 351 -20.04 16.34 -21.85
N TYR B 352 -19.71 17.57 -22.22
CA TYR B 352 -18.35 18.10 -22.02
C TYR B 352 -18.42 19.47 -21.32
N THR B 353 -17.64 19.63 -20.25
CA THR B 353 -17.59 20.89 -19.57
C THR B 353 -16.24 21.53 -19.80
N ASN B 354 -16.27 22.67 -20.46
CA ASN B 354 -15.10 23.44 -20.67
C ASN B 354 -14.85 24.31 -19.42
N HIS B 355 -13.62 24.32 -18.90
CA HIS B 355 -13.32 25.22 -17.77
C HIS B 355 -12.12 26.09 -18.03
N THR B 356 -11.56 26.09 -19.23
CA THR B 356 -10.12 26.37 -19.26
C THR B 356 -9.68 27.77 -19.62
N VAL B 357 -10.23 28.31 -20.74
CA VAL B 357 -9.97 29.73 -21.10
C VAL B 357 -8.58 30.04 -21.76
N LEU B 358 -7.53 29.75 -21.03
CA LEU B 358 -6.17 30.18 -21.28
C LEU B 358 -5.36 29.22 -22.13
N PRO B 359 -4.62 29.73 -23.13
CA PRO B 359 -3.98 28.89 -24.16
C PRO B 359 -2.94 27.90 -23.68
N GLU B 360 -2.29 28.15 -22.55
CA GLU B 360 -1.26 27.22 -22.01
C GLU B 360 -1.97 26.12 -21.20
N ALA B 361 -3.26 26.32 -20.96
CA ALA B 361 -4.05 25.38 -20.23
C ALA B 361 -4.70 24.30 -21.09
N LEU B 362 -4.68 24.48 -22.43
CA LEU B 362 -5.34 23.57 -23.39
C LEU B 362 -4.58 22.27 -23.61
N GLU B 363 -5.21 21.12 -23.51
CA GLU B 363 -4.50 19.86 -23.79
C GLU B 363 -4.37 19.64 -25.27
N ARG B 364 -3.14 19.52 -25.71
CA ARG B 364 -2.84 19.28 -27.10
C ARG B 364 -1.73 18.23 -27.13
N TRP B 365 -2.12 16.95 -27.21
CA TRP B 365 -1.13 15.83 -27.17
C TRP B 365 -0.38 15.56 -28.51
N PRO B 366 0.93 15.42 -28.43
CA PRO B 366 1.70 15.00 -29.58
C PRO B 366 1.23 13.66 -30.15
N VAL B 367 0.76 13.72 -31.38
CA VAL B 367 0.46 12.54 -32.14
C VAL B 367 1.45 11.38 -31.92
N ASP B 368 2.74 11.64 -31.90
CA ASP B 368 3.72 10.56 -31.67
C ASP B 368 3.69 9.88 -30.33
N LEU B 369 3.48 10.65 -29.29
CA LEU B 369 3.27 10.10 -27.97
C LEU B 369 2.00 9.19 -27.95
N VAL B 370 0.89 9.67 -28.49
CA VAL B 370 -0.35 8.90 -28.48
C VAL B 370 -0.19 7.60 -29.23
N GLU B 371 0.57 7.65 -30.34
CA GLU B 371 0.72 6.51 -31.25
C GLU B 371 1.50 5.43 -30.57
N LYS B 372 2.50 5.86 -29.82
CA LYS B 372 3.32 4.94 -29.10
C LYS B 372 2.49 4.31 -27.99
N LEU B 373 1.70 5.11 -27.27
CA LEU B 373 1.05 4.65 -26.07
C LEU B 373 -0.30 3.95 -26.33
N LEU B 374 -1.06 4.56 -27.23
CA LEU B 374 -2.39 4.16 -27.54
C LEU B 374 -2.61 4.18 -29.06
N PRO B 375 -1.90 3.31 -29.79
CA PRO B 375 -1.96 3.37 -31.26
C PRO B 375 -3.40 3.08 -31.83
N ARG B 376 -4.25 2.35 -31.12
CA ARG B 376 -5.54 2.10 -31.67
C ARG B 376 -6.43 3.31 -31.52
N HIS B 377 -6.15 4.12 -30.49
CA HIS B 377 -6.98 5.26 -30.23
C HIS B 377 -6.60 6.35 -31.21
N LEU B 378 -5.34 6.46 -31.55
CA LEU B 378 -4.96 7.38 -32.63
C LEU B 378 -5.78 7.06 -33.90
N GLU B 379 -5.82 5.80 -34.31
CA GLU B 379 -6.57 5.48 -35.52
C GLU B 379 -8.00 5.89 -35.35
N ILE B 380 -8.59 5.58 -34.21
CA ILE B 380 -9.97 6.00 -34.01
C ILE B 380 -10.10 7.54 -34.10
N ILE B 381 -9.12 8.28 -33.59
CA ILE B 381 -9.22 9.74 -33.59
C ILE B 381 -9.14 10.29 -35.05
N TYR B 382 -8.13 9.84 -35.81
CA TYR B 382 -8.01 10.13 -37.23
C TYR B 382 -9.35 9.82 -37.92
N GLU B 383 -9.86 8.62 -37.71
CA GLU B 383 -11.10 8.22 -38.31
C GLU B 383 -12.26 9.15 -37.92
N ILE B 384 -12.36 9.52 -36.65
CA ILE B 384 -13.37 10.53 -36.27
C ILE B 384 -13.21 11.87 -37.01
N ASN B 385 -11.95 12.27 -37.18
CA ASN B 385 -11.61 13.56 -37.77
C ASN B 385 -11.94 13.56 -39.26
N GLN B 386 -11.66 12.46 -39.96
CA GLN B 386 -12.09 12.30 -41.33
C GLN B 386 -13.59 12.51 -41.52
N LYS B 387 -14.44 11.84 -40.76
CA LYS B 387 -15.90 11.92 -40.99
C LYS B 387 -16.37 13.31 -40.77
N HIS B 388 -15.84 13.86 -39.69
CA HIS B 388 -16.15 15.18 -39.24
C HIS B 388 -15.81 16.22 -40.31
N LEU B 389 -14.58 16.16 -40.80
CA LEU B 389 -14.15 17.03 -41.86
C LEU B 389 -14.91 16.77 -43.16
N ASP B 390 -15.22 15.50 -43.48
CA ASP B 390 -15.91 15.19 -44.74
C ASP B 390 -17.21 15.95 -44.72
N ARG B 391 -17.82 15.97 -43.56
CA ARG B 391 -19.09 16.64 -43.45
C ARG B 391 -18.94 18.18 -43.54
N ILE B 392 -17.80 18.72 -43.15
CA ILE B 392 -17.62 20.18 -43.25
C ILE B 392 -17.29 20.64 -44.67
N VAL B 393 -16.47 19.87 -45.38
CA VAL B 393 -16.26 20.03 -46.82
C VAL B 393 -17.64 20.08 -47.53
N ALA B 394 -18.46 19.02 -47.38
CA ALA B 394 -19.78 18.97 -48.01
C ALA B 394 -20.65 20.24 -47.80
N LEU B 395 -20.48 20.91 -46.66
CA LEU B 395 -21.33 22.06 -46.25
C LEU B 395 -20.75 23.42 -46.65
N PHE B 396 -19.42 23.49 -46.78
CA PHE B 396 -18.71 24.72 -47.17
C PHE B 396 -17.57 24.44 -48.14
N PRO B 397 -17.91 24.11 -49.40
CA PRO B 397 -17.05 23.40 -50.37
C PRO B 397 -15.70 24.02 -50.66
N LYS B 398 -15.58 25.33 -50.55
CA LYS B 398 -14.28 25.94 -50.78
C LYS B 398 -13.95 26.98 -49.67
N ASP B 399 -14.36 26.68 -48.42
CA ASP B 399 -13.76 27.34 -47.26
C ASP B 399 -12.56 26.50 -46.85
N VAL B 400 -11.43 26.82 -47.46
CA VAL B 400 -10.19 26.11 -47.23
C VAL B 400 -9.80 26.20 -45.77
N ASP B 401 -9.88 27.38 -45.17
CA ASP B 401 -9.31 27.53 -43.83
C ASP B 401 -10.22 26.99 -42.70
N ARG B 402 -11.50 26.77 -42.98
CA ARG B 402 -12.42 26.26 -41.99
C ARG B 402 -12.03 24.85 -41.63
N LEU B 403 -11.64 24.09 -42.63
CA LEU B 403 -11.09 22.77 -42.41
C LEU B 403 -9.97 22.76 -41.40
N ARG B 404 -9.00 23.66 -41.46
CA ARG B 404 -7.94 23.47 -40.48
C ARG B 404 -8.21 24.08 -39.11
N ARG B 405 -9.17 25.02 -39.06
CA ARG B 405 -9.60 25.62 -37.80
C ARG B 405 -10.43 24.61 -36.98
N MET B 406 -11.05 23.66 -37.70
CA MET B 406 -11.98 22.70 -37.12
C MET B 406 -11.45 21.27 -37.03
N SER B 407 -10.22 21.04 -37.46
CA SER B 407 -9.65 19.70 -37.50
C SER B 407 -9.21 19.34 -36.10
N LEU B 408 -9.39 18.08 -35.70
CA LEU B 408 -8.90 17.67 -34.38
C LEU B 408 -7.38 17.61 -34.35
N ILE B 409 -6.75 17.62 -35.53
CA ILE B 409 -5.29 17.53 -35.62
C ILE B 409 -4.76 18.94 -35.93
N GLU B 410 -3.66 19.31 -35.31
CA GLU B 410 -3.05 20.63 -35.46
C GLU B 410 -1.71 20.41 -36.09
N GLU B 411 -1.45 21.10 -37.19
CA GLU B 411 -0.50 20.50 -38.14
C GLU B 411 0.87 21.13 -38.25
N GLU B 412 0.99 22.42 -37.92
CA GLU B 412 2.30 23.08 -38.02
C GLU B 412 3.33 22.53 -37.00
N GLY B 413 4.43 22.02 -37.57
CA GLY B 413 5.59 21.50 -36.83
C GLY B 413 5.29 20.10 -36.32
N SER B 414 5.25 20.01 -34.99
CA SER B 414 4.96 18.76 -34.24
C SER B 414 3.81 17.84 -34.77
N LYS B 415 2.59 18.38 -34.84
CA LYS B 415 1.36 17.58 -34.92
C LYS B 415 0.90 17.15 -33.51
N ARG B 416 -0.26 17.69 -33.15
CA ARG B 416 -0.87 17.52 -31.88
C ARG B 416 -2.36 17.26 -32.12
N ILE B 417 -2.98 16.48 -31.23
CA ILE B 417 -4.44 16.30 -31.19
C ILE B 417 -5.04 17.35 -30.28
N ASN B 418 -5.97 18.13 -30.81
CA ASN B 418 -6.66 19.16 -30.03
C ASN B 418 -7.80 18.51 -29.27
N MET B 419 -7.62 18.29 -27.97
CA MET B 419 -8.55 17.43 -27.22
C MET B 419 -9.91 18.10 -27.05
N ALA B 420 -9.92 19.43 -27.02
CA ALA B 420 -11.18 20.12 -26.86
C ALA B 420 -12.07 19.92 -28.10
N HIS B 421 -11.48 19.83 -29.30
CA HIS B 421 -12.33 19.52 -30.48
C HIS B 421 -12.84 18.12 -30.43
N LEU B 422 -11.99 17.18 -30.01
CA LEU B 422 -12.41 15.78 -29.79
C LEU B 422 -13.64 15.73 -28.90
N CYS B 423 -13.60 16.47 -27.79
CA CYS B 423 -14.77 16.51 -26.88
C CYS B 423 -16.00 17.17 -27.47
N ILE B 424 -15.82 18.19 -28.32
CA ILE B 424 -16.99 18.81 -28.97
C ILE B 424 -17.70 17.84 -29.93
N VAL B 425 -16.94 17.15 -30.77
CA VAL B 425 -17.62 16.32 -31.79
C VAL B 425 -18.25 15.08 -31.20
N GLY B 426 -17.65 14.58 -30.11
CA GLY B 426 -18.10 13.39 -29.42
C GLY B 426 -19.15 13.63 -28.35
N SER B 427 -19.66 14.84 -28.18
CA SER B 427 -20.64 15.09 -27.11
C SER B 427 -21.89 15.74 -27.67
N HIS B 428 -23.02 15.57 -26.99
CA HIS B 428 -24.22 16.25 -27.40
C HIS B 428 -24.44 17.59 -26.65
N ALA B 429 -23.55 17.94 -25.70
CA ALA B 429 -23.66 19.21 -24.99
C ALA B 429 -22.27 19.63 -24.52
N VAL B 430 -21.95 20.92 -24.75
CA VAL B 430 -20.74 21.52 -24.30
C VAL B 430 -21.19 22.69 -23.46
N ASN B 431 -20.71 22.81 -22.23
CA ASN B 431 -21.08 23.95 -21.38
C ASN B 431 -19.84 24.57 -20.78
N GLY B 432 -19.93 25.89 -20.58
CA GLY B 432 -18.98 26.58 -19.74
C GLY B 432 -19.62 26.84 -18.38
N VAL B 433 -18.93 27.64 -17.58
CA VAL B 433 -19.15 27.60 -16.15
C VAL B 433 -19.60 28.88 -15.50
N ALA B 434 -19.85 29.88 -16.34
CA ALA B 434 -20.45 31.16 -15.91
C ALA B 434 -20.89 31.83 -17.21
N LYS B 435 -21.91 32.69 -17.14
CA LYS B 435 -22.49 33.36 -18.33
C LYS B 435 -21.44 33.97 -19.28
N ILE B 436 -20.52 34.72 -18.70
CA ILE B 436 -19.49 35.39 -19.48
C ILE B 436 -18.57 34.37 -20.19
N HIS B 437 -18.28 33.26 -19.50
CA HIS B 437 -17.34 32.26 -19.98
C HIS B 437 -18.00 31.48 -21.08
N SER B 438 -19.17 30.93 -20.79
CA SER B 438 -19.94 30.18 -21.76
C SER B 438 -20.18 31.03 -23.01
N ASP B 439 -20.41 32.32 -22.82
CA ASP B 439 -20.58 33.15 -24.01
C ASP B 439 -19.29 33.22 -24.88
N ILE B 440 -18.15 33.52 -24.29
CA ILE B 440 -16.87 33.42 -24.99
C ILE B 440 -16.57 32.04 -25.69
N VAL B 441 -16.73 30.94 -24.95
CA VAL B 441 -16.59 29.59 -25.50
C VAL B 441 -17.44 29.46 -26.78
N LYS B 442 -18.67 29.91 -26.68
CA LYS B 442 -19.68 29.77 -27.72
C LYS B 442 -19.48 30.67 -28.96
N THR B 443 -19.35 31.99 -28.77
CA THR B 443 -19.36 32.91 -29.89
C THR B 443 -17.94 33.22 -30.40
N LYS B 444 -16.93 32.86 -29.62
CA LYS B 444 -15.57 33.22 -29.91
C LYS B 444 -14.71 31.96 -30.12
N VAL B 445 -14.39 31.25 -29.03
CA VAL B 445 -13.40 30.16 -29.12
C VAL B 445 -13.87 29.01 -30.01
N PHE B 446 -15.13 28.60 -29.89
CA PHE B 446 -15.64 27.52 -30.76
C PHE B 446 -16.80 28.00 -31.64
N LYS B 447 -16.70 29.27 -32.05
CA LYS B 447 -17.54 29.90 -33.05
C LYS B 447 -17.77 29.00 -34.27
N ASP B 448 -16.70 28.48 -34.85
CA ASP B 448 -16.88 27.57 -35.97
C ASP B 448 -17.86 26.43 -35.62
N PHE B 449 -17.82 25.93 -34.37
CA PHE B 449 -18.59 24.74 -33.99
C PHE B 449 -20.05 25.02 -33.62
N SER B 450 -20.29 26.09 -32.87
CA SER B 450 -21.64 26.48 -32.48
C SER B 450 -22.51 27.09 -33.59
N GLU B 451 -21.91 27.64 -34.66
CA GLU B 451 -22.74 28.05 -35.83
C GLU B 451 -23.37 26.83 -36.46
N LEU B 452 -22.63 25.73 -36.51
CA LEU B 452 -23.05 24.46 -37.10
C LEU B 452 -24.12 23.73 -36.25
N GLU B 453 -24.09 23.96 -34.94
CA GLU B 453 -25.13 23.45 -34.07
C GLU B 453 -25.20 24.28 -32.81
N PRO B 454 -25.99 25.38 -32.82
CA PRO B 454 -25.97 26.33 -31.68
C PRO B 454 -26.56 25.73 -30.39
N ASP B 455 -27.66 24.98 -30.55
CA ASP B 455 -28.30 24.25 -29.44
C ASP B 455 -27.35 23.34 -28.64
N LYS B 456 -26.16 23.04 -29.19
CA LYS B 456 -25.22 22.23 -28.45
C LYS B 456 -24.52 22.95 -27.26
N PHE B 457 -24.20 24.22 -27.43
CA PHE B 457 -23.47 24.98 -26.43
C PHE B 457 -24.38 25.52 -25.37
N GLN B 458 -24.02 25.38 -24.08
CA GLN B 458 -24.89 25.92 -23.02
C GLN B 458 -24.06 26.59 -21.92
N ASN B 459 -24.76 27.17 -20.95
CA ASN B 459 -24.12 27.68 -19.76
C ASN B 459 -24.63 26.91 -18.58
N LYS B 460 -23.77 26.60 -17.62
CA LYS B 460 -24.21 26.19 -16.25
C LYS B 460 -23.29 26.91 -15.27
N THR B 461 -23.79 27.97 -14.66
CA THR B 461 -22.99 28.75 -13.74
C THR B 461 -22.67 27.84 -12.56
N ASN B 462 -21.38 27.83 -12.18
CA ASN B 462 -20.89 27.03 -11.04
C ASN B 462 -21.66 27.32 -9.77
N GLY B 463 -21.49 26.45 -8.78
CA GLY B 463 -22.06 26.70 -7.44
C GLY B 463 -21.23 25.95 -6.42
N ILE B 464 -21.53 26.15 -5.14
CA ILE B 464 -20.81 25.50 -4.04
C ILE B 464 -21.84 24.85 -3.14
N THR B 465 -21.43 23.83 -2.39
CA THR B 465 -22.43 23.20 -1.58
C THR B 465 -22.56 23.95 -0.27
N PRO B 466 -23.79 24.29 0.13
CA PRO B 466 -23.94 25.00 1.39
C PRO B 466 -23.88 24.07 2.60
N ARG B 467 -23.66 22.78 2.38
CA ARG B 467 -23.30 21.92 3.52
C ARG B 467 -21.90 22.21 4.02
N ARG B 468 -20.87 21.93 3.23
CA ARG B 468 -19.50 22.14 3.71
C ARG B 468 -19.22 23.63 3.96
N TRP B 469 -19.79 24.45 3.08
CA TRP B 469 -19.33 25.82 2.94
C TRP B 469 -20.21 26.80 3.71
N LEU B 470 -21.12 26.28 4.54
CA LEU B 470 -21.89 27.13 5.45
C LEU B 470 -22.18 26.40 6.74
N LEU B 471 -22.94 25.31 6.65
CA LEU B 471 -23.24 24.53 7.89
C LEU B 471 -22.02 24.08 8.64
N LEU B 472 -21.02 23.56 7.92
CA LEU B 472 -19.89 22.92 8.58
C LEU B 472 -18.83 23.96 8.98
N CYS B 473 -18.37 24.75 8.01
CA CYS B 473 -17.36 25.76 8.27
C CYS B 473 -17.86 26.94 9.13
N ASN B 474 -19.15 27.24 9.10
CA ASN B 474 -19.58 28.43 9.80
C ASN B 474 -20.85 28.18 10.62
N PRO B 475 -20.75 27.34 11.67
CA PRO B 475 -22.00 27.02 12.44
C PRO B 475 -22.58 28.32 13.11
N GLY B 476 -21.69 29.21 13.57
CA GLY B 476 -22.05 30.57 13.98
C GLY B 476 -23.12 31.16 13.05
N LEU B 477 -22.82 31.26 11.75
CA LEU B 477 -23.69 31.95 10.82
C LEU B 477 -24.89 31.15 10.45
N ALA B 478 -24.67 29.85 10.20
CA ALA B 478 -25.80 28.96 9.93
C ALA B 478 -26.90 29.09 11.00
N GLU B 479 -26.52 29.11 12.29
CA GLU B 479 -27.50 29.18 13.36
C GLU B 479 -28.22 30.54 13.38
N LEU B 480 -27.47 31.64 13.26
CA LEU B 480 -28.10 32.96 13.21
C LEU B 480 -29.19 33.01 12.16
N ILE B 481 -28.83 32.51 10.97
CA ILE B 481 -29.79 32.45 9.87
C ILE B 481 -30.96 31.57 10.22
N ALA B 482 -30.72 30.53 11.02
CA ALA B 482 -31.78 29.56 11.29
C ALA B 482 -32.71 30.12 12.35
N GLU B 483 -32.13 30.89 13.27
CA GLU B 483 -32.90 31.63 14.27
C GLU B 483 -33.89 32.57 13.60
N LYS B 484 -33.44 33.30 12.57
CA LYS B 484 -34.28 34.31 11.97
C LYS B 484 -35.23 33.77 10.92
N ILE B 485 -34.90 32.66 10.25
CA ILE B 485 -35.70 32.24 9.08
C ILE B 485 -35.99 30.74 8.92
N GLY B 486 -35.63 29.90 9.87
CA GLY B 486 -35.84 28.46 9.70
C GLY B 486 -34.65 27.72 9.09
N GLU B 487 -34.77 26.42 8.94
CA GLU B 487 -33.64 25.62 8.50
C GLU B 487 -33.84 25.15 7.05
N ASP B 488 -34.87 25.69 6.42
CA ASP B 488 -35.31 25.37 5.07
C ASP B 488 -34.29 25.72 4.00
N TYR B 489 -33.51 26.75 4.30
CA TYR B 489 -32.52 27.27 3.38
C TYR B 489 -31.45 26.25 3.04
N VAL B 490 -31.32 25.24 3.87
CA VAL B 490 -30.25 24.28 3.65
C VAL B 490 -30.52 23.45 2.41
N LYS B 491 -31.77 23.04 2.22
CA LYS B 491 -32.16 22.34 1.00
C LYS B 491 -32.54 23.27 -0.19
N ASP B 492 -32.83 24.53 0.09
CA ASP B 492 -33.20 25.49 -0.95
C ASP B 492 -32.63 26.88 -0.64
N LEU B 493 -31.45 27.12 -1.18
CA LEU B 493 -30.67 28.24 -0.74
C LEU B 493 -31.34 29.61 -1.11
N SER B 494 -32.23 29.59 -2.09
CA SER B 494 -32.87 30.83 -2.55
C SER B 494 -33.63 31.50 -1.38
N GLN B 495 -33.96 30.73 -0.35
CA GLN B 495 -34.64 31.27 0.81
C GLN B 495 -33.83 32.25 1.64
N LEU B 496 -32.55 32.40 1.33
CA LEU B 496 -31.72 33.39 1.98
C LEU B 496 -32.30 34.79 1.72
N THR B 497 -33.02 34.98 0.60
CA THR B 497 -33.69 36.30 0.34
C THR B 497 -34.58 36.78 1.48
N LYS B 498 -35.09 35.88 2.31
CA LYS B 498 -35.84 36.26 3.48
C LYS B 498 -35.05 37.12 4.48
N LEU B 499 -33.72 37.13 4.41
CA LEU B 499 -32.97 37.86 5.44
C LEU B 499 -33.03 39.35 5.13
N HIS B 500 -33.66 39.67 3.99
CA HIS B 500 -33.96 41.04 3.57
C HIS B 500 -34.86 41.78 4.55
N SER B 501 -35.76 41.05 5.20
CA SER B 501 -36.70 41.69 6.08
C SER B 501 -36.00 42.12 7.38
N PHE B 502 -34.67 41.94 7.45
CA PHE B 502 -33.91 42.44 8.59
C PHE B 502 -33.01 43.62 8.24
N LEU B 503 -33.17 44.13 7.03
CA LEU B 503 -32.56 45.42 6.69
C LEU B 503 -32.79 46.56 7.72
N GLY B 504 -33.95 46.60 8.38
CA GLY B 504 -34.08 47.46 9.54
C GLY B 504 -33.01 47.13 10.57
N ASP B 505 -33.21 45.95 11.15
CA ASP B 505 -32.74 45.55 12.44
C ASP B 505 -31.26 45.78 12.78
N ASP B 506 -30.98 46.88 13.48
CA ASP B 506 -29.65 47.09 14.07
C ASP B 506 -29.26 45.93 15.01
N VAL B 507 -30.25 45.26 15.61
CA VAL B 507 -29.98 44.15 16.51
C VAL B 507 -29.39 43.02 15.68
N PHE B 508 -30.08 42.66 14.61
CA PHE B 508 -29.58 41.65 13.71
C PHE B 508 -28.21 42.03 13.14
N LEU B 509 -28.07 43.29 12.71
CA LEU B 509 -26.79 43.78 12.22
C LEU B 509 -25.62 43.69 13.21
N ARG B 510 -25.90 43.75 14.50
CA ARG B 510 -24.88 43.54 15.54
C ARG B 510 -24.66 42.03 15.76
N GLU B 511 -25.68 41.21 15.48
CA GLU B 511 -25.56 39.77 15.66
C GLU B 511 -24.62 39.12 14.61
N LEU B 512 -24.76 39.61 13.38
CA LEU B 512 -23.94 39.27 12.24
C LEU B 512 -22.47 39.70 12.35
N ALA B 513 -22.23 40.95 12.74
CA ALA B 513 -20.89 41.39 13.13
C ALA B 513 -20.33 40.54 14.29
N LYS B 514 -21.21 40.04 15.12
CA LYS B 514 -20.79 39.24 16.26
C LYS B 514 -20.26 37.83 15.82
N VAL B 515 -21.06 37.10 15.06
CA VAL B 515 -20.61 35.90 14.37
C VAL B 515 -19.21 36.09 13.66
N LYS B 516 -19.08 37.17 12.88
CA LYS B 516 -17.86 37.44 12.12
C LYS B 516 -16.68 37.59 13.09
N GLN B 517 -16.98 38.21 14.24
CA GLN B 517 -16.01 38.60 15.23
C GLN B 517 -15.39 37.36 15.79
N GLU B 518 -16.27 36.43 16.23
CA GLU B 518 -15.87 35.15 16.82
C GLU B 518 -15.03 34.31 15.88
N ASN B 519 -15.46 34.28 14.62
CA ASN B 519 -14.73 33.56 13.60
C ASN B 519 -13.33 34.15 13.51
N LYS B 520 -13.23 35.49 13.56
CA LYS B 520 -11.92 36.17 13.49
C LYS B 520 -11.06 35.95 14.73
N LEU B 521 -11.68 35.89 15.89
CA LEU B 521 -10.96 35.53 17.11
C LEU B 521 -10.46 34.07 17.02
N LYS B 522 -11.37 33.14 16.77
CA LYS B 522 -11.00 31.74 16.55
C LYS B 522 -9.78 31.60 15.60
N PHE B 523 -9.88 32.17 14.41
CA PHE B 523 -8.82 32.13 13.42
C PHE B 523 -7.53 32.84 13.86
N SER B 524 -7.67 33.85 14.72
CA SER B 524 -6.48 34.53 15.29
C SER B 524 -5.71 33.66 16.29
N GLN B 525 -6.42 32.89 17.13
CA GLN B 525 -5.79 31.86 17.96
C GLN B 525 -4.89 31.02 17.05
N PHE B 526 -5.49 30.34 16.06
CA PHE B 526 -4.74 29.64 15.02
C PHE B 526 -3.54 30.48 14.48
N LEU B 527 -3.80 31.63 13.89
CA LEU B 527 -2.72 32.36 13.22
C LEU B 527 -1.50 32.58 14.07
N GLU B 528 -1.69 32.81 15.37
CA GLU B 528 -0.58 33.32 16.14
C GLU B 528 0.25 32.21 16.76
N THR B 529 -0.36 31.03 16.98
CA THR B 529 0.37 29.83 17.37
C THR B 529 1.35 29.34 16.24
N GLU B 530 1.14 29.84 15.01
CA GLU B 530 1.85 29.38 13.83
C GLU B 530 2.72 30.45 13.19
N TYR B 531 2.28 31.70 13.23
CA TYR B 531 3.11 32.77 12.72
C TYR B 531 3.49 33.64 13.91
N LYS B 532 4.66 34.23 13.86
CA LYS B 532 5.14 34.95 15.04
C LYS B 532 4.36 36.26 15.26
N VAL B 533 4.28 37.09 14.22
CA VAL B 533 3.24 38.13 14.05
C VAL B 533 2.12 38.32 15.13
N LYS B 534 1.85 39.60 15.46
CA LYS B 534 0.76 39.97 16.39
C LYS B 534 -0.44 40.56 15.64
N ILE B 535 -1.57 39.83 15.67
CA ILE B 535 -2.82 40.24 14.98
C ILE B 535 -3.64 41.25 15.75
N ASN B 536 -3.79 42.42 15.17
CA ASN B 536 -4.82 43.36 15.55
C ASN B 536 -6.26 42.78 15.36
N PRO B 537 -6.98 42.44 16.47
CA PRO B 537 -8.34 41.85 16.33
C PRO B 537 -9.37 42.81 15.74
N SER B 538 -9.12 44.11 15.82
CA SER B 538 -10.04 45.07 15.23
C SER B 538 -9.73 45.47 13.75
N SER B 539 -8.72 44.86 13.15
CA SER B 539 -8.42 45.08 11.72
C SER B 539 -9.40 44.33 10.84
N MET B 540 -9.70 44.91 9.68
CA MET B 540 -10.33 44.26 8.56
C MET B 540 -9.42 43.11 8.09
N PHE B 541 -9.95 41.87 8.16
CA PHE B 541 -9.29 40.71 7.49
C PHE B 541 -9.54 40.74 5.97
N ASP B 542 -8.46 41.05 5.25
CA ASP B 542 -8.43 41.16 3.80
C ASP B 542 -7.64 39.96 3.17
N VAL B 543 -8.33 39.16 2.34
CA VAL B 543 -7.95 37.78 2.06
C VAL B 543 -7.98 37.50 0.57
N GLN B 544 -6.86 37.04 0.01
CA GLN B 544 -6.82 36.42 -1.27
C GLN B 544 -6.23 34.99 -1.13
N VAL B 545 -7.07 33.98 -1.25
CA VAL B 545 -6.64 32.58 -1.14
C VAL B 545 -7.12 31.83 -2.35
N LYS B 546 -6.16 31.31 -3.11
CA LYS B 546 -6.45 30.58 -4.32
C LYS B 546 -5.07 30.23 -4.91
N ARG B 547 -5.04 29.35 -5.90
CA ARG B 547 -3.76 28.93 -6.47
C ARG B 547 -2.99 30.15 -6.95
N ILE B 548 -1.68 30.10 -6.79
CA ILE B 548 -0.83 31.21 -7.28
C ILE B 548 -0.73 31.12 -8.80
N HIS B 549 -1.29 32.11 -9.51
N HIS B 549 -1.17 32.20 -9.44
CA HIS B 549 -1.13 32.27 -10.97
CA HIS B 549 -1.01 32.42 -10.86
C HIS B 549 -1.14 33.75 -11.41
C HIS B 549 -0.58 33.85 -11.19
N GLU B 550 -0.38 34.10 -12.46
CA GLU B 550 -0.25 35.50 -12.89
C GLU B 550 -1.62 36.06 -13.22
N TYR B 551 -2.44 35.27 -13.91
CA TYR B 551 -3.81 35.67 -14.24
C TYR B 551 -4.69 36.09 -13.06
N LYS B 552 -4.37 35.58 -11.88
CA LYS B 552 -5.20 35.72 -10.71
C LYS B 552 -4.74 36.97 -9.99
N ARG B 553 -3.50 37.39 -10.28
CA ARG B 553 -2.92 38.71 -9.88
C ARG B 553 -2.76 38.99 -8.37
N GLN B 554 -2.34 37.96 -7.61
CA GLN B 554 -1.75 38.16 -6.30
C GLN B 554 -0.70 39.28 -6.29
N LEU B 555 0.03 39.41 -7.40
CA LEU B 555 0.98 40.51 -7.63
C LEU B 555 0.33 41.87 -7.42
N LEU B 556 -0.78 42.14 -8.13
CA LEU B 556 -1.55 43.37 -7.97
C LEU B 556 -1.89 43.64 -6.53
N ASN B 557 -2.34 42.62 -5.80
CA ASN B 557 -2.68 42.77 -4.40
C ASN B 557 -1.42 43.26 -3.62
N CYS B 558 -0.30 42.68 -3.99
CA CYS B 558 0.96 42.91 -3.37
C CYS B 558 1.43 44.36 -3.63
N LEU B 559 1.29 44.84 -4.87
CA LEU B 559 1.47 46.26 -5.21
C LEU B 559 0.61 47.21 -4.41
N HIS B 560 -0.60 46.80 -4.06
CA HIS B 560 -1.41 47.57 -3.12
C HIS B 560 -0.87 47.49 -1.68
N VAL B 561 -0.43 46.31 -1.25
CA VAL B 561 0.07 46.22 0.10
C VAL B 561 1.25 47.20 0.30
N ILE B 562 2.13 47.25 -0.69
CA ILE B 562 3.31 48.09 -0.63
C ILE B 562 2.85 49.57 -0.67
N THR B 563 1.86 49.85 -1.54
CA THR B 563 1.26 51.16 -1.70
C THR B 563 0.74 51.63 -0.36
N MET B 564 0.13 50.72 0.36
CA MET B 564 -0.36 51.04 1.67
C MET B 564 0.81 51.34 2.63
N TYR B 565 1.88 50.54 2.58
CA TYR B 565 3.05 50.73 3.45
C TYR B 565 3.70 52.09 3.16
N ASN B 566 3.88 52.40 1.89
CA ASN B 566 4.50 53.63 1.50
C ASN B 566 3.68 54.86 1.96
N ARG B 567 2.38 54.65 2.18
CA ARG B 567 1.53 55.72 2.69
C ARG B 567 1.64 55.87 4.18
N ILE B 568 1.84 54.77 4.89
CA ILE B 568 1.92 54.86 6.37
C ILE B 568 3.21 55.55 6.78
N LYS B 569 4.29 55.28 6.02
CA LYS B 569 5.63 55.79 6.30
C LYS B 569 5.68 57.32 6.17
N LYS B 570 5.29 57.81 5.00
CA LYS B 570 5.23 59.24 4.71
C LYS B 570 4.20 60.03 5.53
N ASP B 571 3.33 59.37 6.31
CA ASP B 571 2.36 60.12 7.10
C ASP B 571 1.94 59.35 8.34
N PRO B 572 2.92 59.08 9.22
CA PRO B 572 2.85 58.16 10.35
C PRO B 572 1.71 58.47 11.26
N LYS B 573 1.04 59.57 10.97
CA LYS B 573 0.17 60.20 11.94
C LYS B 573 -1.24 60.21 11.38
N LYS B 574 -1.33 60.17 10.05
CA LYS B 574 -2.59 60.21 9.33
C LYS B 574 -3.47 58.98 9.66
N LEU B 575 -4.78 59.10 9.47
CA LEU B 575 -5.69 58.04 9.87
C LEU B 575 -5.66 56.84 8.90
N PHE B 576 -5.55 55.66 9.49
CA PHE B 576 -5.44 54.42 8.73
C PHE B 576 -6.41 53.40 9.29
N VAL B 577 -7.25 52.85 8.41
CA VAL B 577 -8.13 51.75 8.82
C VAL B 577 -7.29 50.48 8.78
N PRO B 578 -7.07 49.88 9.98
CA PRO B 578 -6.13 48.76 10.08
C PRO B 578 -6.58 47.54 9.23
N ARG B 579 -5.61 46.82 8.68
CA ARG B 579 -5.85 45.60 7.87
C ARG B 579 -4.93 44.48 8.35
N THR B 580 -5.48 43.28 8.40
CA THR B 580 -4.63 42.12 8.25
C THR B 580 -4.81 41.59 6.85
N VAL B 581 -3.72 41.64 6.07
CA VAL B 581 -3.74 41.19 4.72
C VAL B 581 -3.20 39.76 4.66
N ILE B 582 -4.12 38.86 4.26
CA ILE B 582 -3.86 37.43 4.10
C ILE B 582 -3.88 37.07 2.61
N ILE B 583 -2.76 36.47 2.17
CA ILE B 583 -2.61 35.94 0.82
C ILE B 583 -2.00 34.55 0.92
N GLY B 584 -2.63 33.57 0.27
CA GLY B 584 -2.25 32.17 0.42
C GLY B 584 -2.59 31.40 -0.83
N GLY B 585 -1.83 30.33 -1.07
CA GLY B 585 -2.11 29.38 -2.16
C GLY B 585 -0.86 28.67 -2.58
N LYS B 586 -1.02 27.58 -3.29
CA LYS B 586 0.15 26.81 -3.78
C LYS B 586 0.54 27.24 -5.16
N ALA B 587 1.84 27.24 -5.43
CA ALA B 587 2.32 27.43 -6.79
C ALA B 587 2.68 26.05 -7.37
N ALA B 588 2.31 25.77 -8.64
CA ALA B 588 2.80 24.55 -9.31
C ALA B 588 4.35 24.48 -9.13
N PRO B 589 4.90 23.30 -8.91
CA PRO B 589 6.34 23.22 -8.64
C PRO B 589 7.28 23.67 -9.77
N GLY B 590 6.89 23.46 -11.01
CA GLY B 590 7.65 24.04 -12.10
C GLY B 590 7.28 25.47 -12.50
N TYR B 591 6.47 26.20 -11.74
CA TYR B 591 5.97 27.55 -12.18
C TYR B 591 6.85 28.69 -11.59
N HIS B 592 7.93 29.00 -12.30
CA HIS B 592 8.89 30.00 -11.86
C HIS B 592 8.27 31.33 -11.39
N MET B 593 7.40 31.91 -12.20
CA MET B 593 6.90 33.20 -11.83
C MET B 593 6.06 33.20 -10.54
N ALA B 594 5.21 32.17 -10.40
CA ALA B 594 4.40 31.96 -9.21
C ALA B 594 5.27 31.80 -7.94
N LYS B 595 6.36 31.03 -8.05
CA LYS B 595 7.28 30.96 -6.92
C LYS B 595 7.95 32.32 -6.58
N MET B 596 8.29 33.13 -7.58
CA MET B 596 8.86 34.51 -7.32
C MET B 596 7.84 35.40 -6.65
N ILE B 597 6.61 35.29 -7.14
CA ILE B 597 5.49 36.01 -6.54
C ILE B 597 5.31 35.66 -5.05
N ILE B 598 5.41 34.38 -4.71
CA ILE B 598 5.43 34.00 -3.30
C ILE B 598 6.62 34.61 -2.56
N LYS B 599 7.81 34.54 -3.14
CA LYS B 599 8.98 35.14 -2.48
C LYS B 599 8.76 36.62 -2.24
N LEU B 600 8.27 37.30 -3.27
CA LEU B 600 7.94 38.71 -3.12
C LEU B 600 7.00 38.95 -1.93
N ILE B 601 5.88 38.21 -1.84
CA ILE B 601 4.89 38.45 -0.78
C ILE B 601 5.52 38.26 0.58
N THR B 602 6.28 37.19 0.76
CA THR B 602 6.91 36.95 2.05
C THR B 602 8.03 38.00 2.42
N SER B 603 8.76 38.51 1.40
CA SER B 603 9.74 39.62 1.51
C SER B 603 9.05 40.90 1.97
N VAL B 604 7.99 41.29 1.24
CA VAL B 604 7.12 42.39 1.67
C VAL B 604 6.61 42.16 3.08
N ALA B 605 6.06 40.99 3.37
CA ALA B 605 5.57 40.76 4.73
C ALA B 605 6.67 41.08 5.77
N ASP B 606 7.90 40.62 5.54
CA ASP B 606 8.95 40.75 6.52
C ASP B 606 9.24 42.19 6.90
N VAL B 607 9.23 43.04 5.87
CA VAL B 607 9.45 44.44 6.04
C VAL B 607 8.31 45.15 6.80
N VAL B 608 7.08 44.94 6.32
CA VAL B 608 5.92 45.56 6.89
C VAL B 608 5.74 45.11 8.33
N ASN B 609 6.02 43.85 8.58
CA ASN B 609 5.67 43.30 9.87
C ASN B 609 6.53 43.77 11.04
N ASN B 610 7.80 44.07 10.76
CA ASN B 610 8.75 44.36 11.84
C ASN B 610 9.02 45.85 11.99
N ASP B 611 8.49 46.63 11.04
CA ASP B 611 8.50 48.08 11.09
C ASP B 611 7.61 48.67 12.18
N PRO B 612 8.24 49.27 13.20
CA PRO B 612 7.50 49.79 14.38
C PRO B 612 6.80 51.12 14.05
N MET B 613 7.34 51.83 13.06
CA MET B 613 6.63 52.92 12.36
C MET B 613 5.19 52.55 12.00
N VAL B 614 5.00 51.35 11.45
CA VAL B 614 3.67 50.90 11.05
C VAL B 614 2.96 50.17 12.20
N GLY B 615 3.69 49.34 12.93
CA GLY B 615 3.12 48.68 14.12
C GLY B 615 1.82 47.94 13.83
N SER B 616 0.80 48.16 14.66
CA SER B 616 -0.48 47.45 14.56
C SER B 616 -1.39 47.95 13.42
N LYS B 617 -0.93 48.88 12.62
CA LYS B 617 -1.78 49.35 11.54
C LYS B 617 -1.97 48.30 10.42
N LEU B 618 -0.96 47.49 10.19
CA LEU B 618 -1.02 46.64 9.02
C LEU B 618 -0.06 45.47 9.11
N LYS B 619 -0.64 44.27 9.06
CA LYS B 619 0.07 43.03 9.13
C LYS B 619 -0.13 42.18 7.83
N VAL B 620 0.95 41.53 7.35
CA VAL B 620 0.84 40.72 6.14
C VAL B 620 1.21 39.30 6.50
N ILE B 621 0.33 38.36 6.14
CA ILE B 621 0.59 36.94 6.35
C ILE B 621 0.54 36.20 5.01
N PHE B 622 1.58 35.43 4.71
CA PHE B 622 1.45 34.40 3.69
C PHE B 622 0.85 33.15 4.35
N LEU B 623 -0.37 32.75 3.96
CA LEU B 623 -1.00 31.55 4.52
C LEU B 623 -0.49 30.26 3.87
N GLU B 624 0.39 29.53 4.58
CA GLU B 624 0.97 28.26 4.09
C GLU B 624 -0.06 27.14 3.90
N ASN B 625 0.14 26.38 2.83
CA ASN B 625 -0.56 25.12 2.71
C ASN B 625 -2.05 25.30 2.62
N TYR B 626 -2.46 26.24 1.78
CA TYR B 626 -3.85 26.51 1.59
C TYR B 626 -4.48 25.29 0.91
N ARG B 627 -5.52 24.76 1.54
CA ARG B 627 -6.16 23.54 1.14
C ARG B 627 -7.59 23.54 1.69
N VAL B 628 -8.38 22.54 1.32
CA VAL B 628 -9.81 22.59 1.67
C VAL B 628 -10.02 22.80 3.18
N SER B 629 -9.36 22.04 4.03
CA SER B 629 -9.82 22.13 5.42
C SER B 629 -9.32 23.44 6.01
N LEU B 630 -8.34 24.06 5.37
CA LEU B 630 -7.91 25.38 5.83
C LEU B 630 -8.87 26.50 5.36
N ALA B 631 -9.39 26.37 4.13
CA ALA B 631 -10.35 27.31 3.56
C ALA B 631 -11.55 27.38 4.47
N GLU B 632 -11.88 26.24 5.07
CA GLU B 632 -12.99 26.14 6.00
C GLU B 632 -12.78 26.98 7.24
N LYS B 633 -11.52 27.23 7.60
CA LYS B 633 -11.16 28.11 8.73
C LYS B 633 -11.04 29.57 8.29
N VAL B 634 -10.47 29.85 7.12
CA VAL B 634 -10.15 31.22 6.85
C VAL B 634 -11.32 31.97 6.25
N ILE B 635 -12.12 31.31 5.43
CA ILE B 635 -13.25 31.96 4.79
C ILE B 635 -14.22 32.61 5.77
N PRO B 636 -14.70 31.88 6.81
CA PRO B 636 -15.65 32.55 7.67
C PRO B 636 -15.03 33.70 8.47
N ALA B 637 -13.70 33.82 8.48
CA ALA B 637 -13.07 34.89 9.24
C ALA B 637 -12.78 36.12 8.35
N THR B 638 -13.26 36.13 7.11
CA THR B 638 -12.86 37.16 6.16
C THR B 638 -13.86 38.33 6.09
N ASP B 639 -13.31 39.54 5.97
CA ASP B 639 -14.12 40.76 5.83
C ASP B 639 -14.19 41.14 4.38
N LEU B 640 -13.05 40.98 3.69
CA LEU B 640 -12.94 41.37 2.30
C LEU B 640 -12.22 40.32 1.43
N SER B 641 -12.91 39.94 0.37
CA SER B 641 -12.53 38.82 -0.45
C SER B 641 -11.96 39.44 -1.70
N GLU B 642 -10.73 39.05 -2.06
CA GLU B 642 -10.04 39.58 -3.24
C GLU B 642 -10.27 38.69 -4.45
N GLN B 643 -10.94 39.20 -5.46
CA GLN B 643 -11.24 38.38 -6.63
C GLN B 643 -10.88 39.17 -7.89
N ILE B 644 -9.58 39.27 -8.16
CA ILE B 644 -9.03 40.35 -8.99
C ILE B 644 -8.35 39.91 -10.25
N SER B 645 -8.80 38.79 -10.78
CA SER B 645 -8.29 38.27 -12.04
C SER B 645 -8.65 39.27 -13.13
N THR B 646 -7.79 39.37 -14.13
CA THR B 646 -7.99 40.17 -15.33
C THR B 646 -9.22 39.74 -16.07
N ALA B 647 -10.02 40.72 -16.47
CA ALA B 647 -11.32 40.44 -17.08
C ALA B 647 -11.10 39.50 -18.22
N GLY B 648 -11.88 38.42 -18.19
CA GLY B 648 -11.90 37.42 -19.26
C GLY B 648 -10.99 36.23 -18.97
N THR B 649 -10.35 36.19 -17.80
CA THR B 649 -9.45 35.07 -17.50
C THR B 649 -9.99 33.98 -16.56
N GLU B 650 -10.81 34.36 -15.60
CA GLU B 650 -11.37 33.43 -14.64
C GLU B 650 -12.64 33.03 -15.26
N ALA B 651 -12.66 31.78 -15.75
CA ALA B 651 -13.85 31.17 -16.28
C ALA B 651 -15.05 31.34 -15.31
N SER B 652 -14.89 30.99 -14.04
CA SER B 652 -15.94 31.25 -13.12
C SER B 652 -15.45 31.75 -11.77
N GLY B 653 -14.64 30.96 -11.07
CA GLY B 653 -14.35 31.18 -9.66
C GLY B 653 -15.40 30.49 -8.83
N THR B 654 -14.96 29.98 -7.68
CA THR B 654 -15.89 29.44 -6.67
C THR B 654 -15.54 29.93 -5.26
N GLY B 655 -14.27 30.25 -5.02
CA GLY B 655 -13.86 30.96 -3.79
C GLY B 655 -14.75 32.18 -3.62
N ASN B 656 -14.87 32.95 -4.70
CA ASN B 656 -15.73 34.15 -4.67
C ASN B 656 -17.08 33.83 -4.07
N MET B 657 -17.68 32.72 -4.45
CA MET B 657 -18.98 32.35 -3.87
C MET B 657 -18.90 31.92 -2.38
N LYS B 658 -17.81 31.30 -1.97
CA LYS B 658 -17.65 30.84 -0.63
C LYS B 658 -17.68 32.03 0.35
N PHE B 659 -16.95 33.08 0.03
CA PHE B 659 -16.86 34.30 0.77
C PHE B 659 -18.19 35.04 0.80
N MET B 660 -18.83 35.20 -0.35
CA MET B 660 -20.12 35.85 -0.41
C MET B 660 -21.07 35.17 0.54
N LEU B 661 -21.02 33.86 0.60
CA LEU B 661 -21.97 33.18 1.45
C LEU B 661 -21.59 33.31 2.95
N ASN B 662 -20.34 33.67 3.27
CA ASN B 662 -19.85 33.61 4.64
C ASN B 662 -19.65 35.01 5.31
N GLY B 663 -20.18 36.04 4.64
CA GLY B 663 -20.27 37.34 5.26
C GLY B 663 -19.12 38.23 4.95
N ALA B 664 -18.44 38.02 3.82
CA ALA B 664 -17.38 38.92 3.43
C ALA B 664 -17.92 39.80 2.32
N LEU B 665 -17.31 40.97 2.14
CA LEU B 665 -17.61 41.76 0.93
C LEU B 665 -16.54 41.49 -0.13
N THR B 666 -16.89 41.78 -1.37
CA THR B 666 -16.00 41.45 -2.46
C THR B 666 -15.39 42.65 -3.20
N ILE B 667 -14.09 42.64 -3.36
CA ILE B 667 -13.47 43.54 -4.27
C ILE B 667 -13.01 42.69 -5.45
N GLY B 668 -13.40 43.06 -6.66
CA GLY B 668 -13.00 42.31 -7.84
C GLY B 668 -13.44 42.88 -9.17
N THR B 669 -12.92 42.32 -10.25
CA THR B 669 -13.25 42.68 -11.62
C THR B 669 -14.57 42.05 -12.15
N MET B 670 -15.09 42.58 -13.24
CA MET B 670 -16.19 41.95 -13.92
C MET B 670 -15.71 40.70 -14.69
N ASP B 671 -15.45 39.62 -13.97
CA ASP B 671 -14.90 38.43 -14.58
C ASP B 671 -15.63 37.28 -13.96
N GLY B 672 -15.74 36.20 -14.70
CA GLY B 672 -16.30 34.95 -14.17
C GLY B 672 -17.62 35.14 -13.50
N ALA B 673 -17.81 34.50 -12.36
CA ALA B 673 -19.08 34.57 -11.66
C ALA B 673 -19.25 35.82 -10.80
N ASN B 674 -18.22 36.67 -10.78
CA ASN B 674 -18.30 37.96 -10.14
C ASN B 674 -19.37 38.77 -10.83
N VAL B 675 -19.46 38.63 -12.14
CA VAL B 675 -20.50 39.32 -12.85
C VAL B 675 -21.87 38.89 -12.32
N GLU B 676 -22.02 37.60 -12.10
CA GLU B 676 -23.31 37.12 -11.75
C GLU B 676 -23.61 37.43 -10.33
N MET B 677 -22.58 37.59 -9.51
CA MET B 677 -22.82 37.95 -8.08
C MET B 677 -23.30 39.37 -8.00
N ALA B 678 -22.71 40.23 -8.86
CA ALA B 678 -23.11 41.62 -8.93
C ALA B 678 -24.56 41.70 -9.39
N GLU B 679 -24.90 40.95 -10.45
CA GLU B 679 -26.27 40.92 -10.89
C GLU B 679 -27.20 40.62 -9.76
N GLU B 680 -26.81 39.68 -8.89
CA GLU B 680 -27.71 39.18 -7.82
C GLU B 680 -27.78 40.08 -6.60
N ALA B 681 -26.69 40.74 -6.24
CA ALA B 681 -26.68 41.53 -5.02
C ALA B 681 -26.98 42.99 -5.29
N GLY B 682 -26.86 43.36 -6.57
CA GLY B 682 -26.80 44.75 -6.96
C GLY B 682 -25.36 45.16 -7.04
N GLU B 683 -24.93 45.57 -8.23
CA GLU B 683 -23.57 46.01 -8.49
C GLU B 683 -22.97 46.98 -7.45
N GLU B 684 -23.80 47.76 -6.79
CA GLU B 684 -23.30 48.72 -5.80
C GLU B 684 -23.04 48.06 -4.45
N ASN B 685 -23.45 46.81 -4.31
CA ASN B 685 -23.22 46.09 -3.08
C ASN B 685 -21.95 45.21 -3.14
N LEU B 686 -21.22 45.37 -4.22
CA LEU B 686 -19.91 44.79 -4.37
C LEU B 686 -18.96 45.89 -4.85
N PHE B 687 -17.67 45.69 -4.61
CA PHE B 687 -16.66 46.64 -5.09
C PHE B 687 -16.08 46.29 -6.43
N ILE B 688 -16.80 46.62 -7.50
CA ILE B 688 -16.30 46.38 -8.85
C ILE B 688 -15.37 47.50 -9.30
N PHE B 689 -14.45 47.16 -10.18
CA PHE B 689 -13.40 48.07 -10.55
C PHE B 689 -12.69 47.44 -11.73
N GLY B 690 -12.04 48.28 -12.52
CA GLY B 690 -11.06 47.86 -13.51
C GLY B 690 -11.67 47.70 -14.88
N MET B 691 -10.81 47.36 -15.84
CA MET B 691 -11.21 47.06 -17.19
C MET B 691 -12.29 45.97 -17.23
N ARG B 692 -13.35 46.18 -18.01
CA ARG B 692 -14.27 45.10 -18.34
C ARG B 692 -13.57 44.38 -19.49
N ILE B 693 -14.18 43.31 -20.00
CA ILE B 693 -13.52 42.51 -21.03
C ILE B 693 -13.29 43.23 -22.38
N ASP B 694 -14.17 44.17 -22.76
CA ASP B 694 -13.95 45.05 -23.94
C ASP B 694 -12.68 45.92 -23.86
N ASP B 695 -12.45 46.53 -22.71
CA ASP B 695 -11.24 47.34 -22.48
C ASP B 695 -9.97 46.50 -22.61
N VAL B 696 -10.04 45.22 -22.28
CA VAL B 696 -8.86 44.39 -22.47
C VAL B 696 -8.63 44.20 -23.95
N ALA B 697 -9.70 43.83 -24.67
CA ALA B 697 -9.73 43.79 -26.12
C ALA B 697 -9.14 45.09 -26.77
N ALA B 698 -9.66 46.26 -26.40
CA ALA B 698 -9.16 47.57 -26.86
C ALA B 698 -7.67 47.76 -26.53
N LEU B 699 -7.32 47.59 -25.27
CA LEU B 699 -5.91 47.71 -24.90
C LEU B 699 -5.02 46.73 -25.67
N ASP B 700 -5.51 45.53 -25.97
CA ASP B 700 -4.69 44.55 -26.73
C ASP B 700 -4.37 45.11 -28.08
N LYS B 701 -5.45 45.39 -28.82
CA LYS B 701 -5.44 45.93 -30.17
C LYS B 701 -4.50 47.11 -30.34
N LYS B 702 -4.56 48.07 -29.42
CA LYS B 702 -3.70 49.23 -29.43
C LYS B 702 -2.28 48.93 -28.90
N GLY B 703 -2.12 47.80 -28.19
CA GLY B 703 -0.81 47.37 -27.65
C GLY B 703 -0.58 47.80 -26.21
N TYR B 704 -0.09 46.89 -25.38
CA TYR B 704 0.07 47.21 -23.97
C TYR B 704 1.45 47.75 -23.70
N GLU B 705 1.52 49.02 -23.31
CA GLU B 705 2.80 49.60 -23.00
C GLU B 705 2.81 49.87 -21.55
N ALA B 706 3.42 48.94 -20.82
CA ALA B 706 3.41 48.98 -19.37
C ALA B 706 4.14 50.19 -18.81
N LYS B 707 5.23 50.58 -19.46
CA LYS B 707 6.13 51.68 -19.02
C LYS B 707 5.38 52.98 -18.70
N GLU B 708 4.38 53.29 -19.53
CA GLU B 708 3.53 54.45 -19.39
C GLU B 708 2.85 54.63 -18.04
N TYR B 709 2.13 53.59 -17.58
CA TYR B 709 1.38 53.67 -16.31
C TYR B 709 2.38 53.94 -15.18
N TYR B 710 3.60 53.43 -15.34
CA TYR B 710 4.73 53.63 -14.38
C TYR B 710 5.21 55.10 -14.32
N GLU B 711 5.30 55.75 -15.49
CA GLU B 711 5.60 57.20 -15.60
C GLU B 711 4.45 58.01 -15.05
N ALA B 712 3.26 57.68 -15.54
CA ALA B 712 2.06 58.45 -15.25
C ALA B 712 1.63 58.42 -13.79
N LEU B 713 2.04 57.41 -13.03
CA LEU B 713 1.49 57.28 -11.69
C LEU B 713 2.58 57.25 -10.67
N PRO B 714 2.77 58.39 -9.96
CA PRO B 714 3.66 58.55 -8.80
C PRO B 714 3.64 57.39 -7.78
N GLU B 715 2.48 56.95 -7.28
CA GLU B 715 2.48 55.89 -6.25
C GLU B 715 2.97 54.51 -6.73
N LEU B 716 2.65 54.20 -7.98
CA LEU B 716 3.11 52.98 -8.58
C LEU B 716 4.63 52.98 -8.69
N LYS B 717 5.16 54.05 -9.28
CA LYS B 717 6.59 54.18 -9.54
C LYS B 717 7.44 53.89 -8.30
N LEU B 718 7.04 54.46 -7.16
CA LEU B 718 7.76 54.26 -5.93
C LEU B 718 7.85 52.74 -5.63
N VAL B 719 6.68 52.12 -5.56
CA VAL B 719 6.51 50.69 -5.38
C VAL B 719 7.45 49.89 -6.30
N ILE B 720 7.38 50.11 -7.59
CA ILE B 720 8.31 49.45 -8.49
C ILE B 720 9.78 49.80 -8.14
N ASP B 721 10.07 51.04 -7.78
CA ASP B 721 11.49 51.37 -7.59
C ASP B 721 11.99 50.57 -6.41
N GLN B 722 11.17 50.49 -5.37
CA GLN B 722 11.58 49.74 -4.19
C GLN B 722 11.94 48.27 -4.49
N ILE B 723 11.08 47.63 -5.30
CA ILE B 723 11.16 46.21 -5.60
C ILE B 723 12.43 45.93 -6.44
N ASP B 724 12.61 46.75 -7.50
CA ASP B 724 13.70 46.63 -8.45
C ASP B 724 15.11 46.90 -7.84
N ASN B 725 15.14 47.60 -6.69
CA ASN B 725 16.35 48.19 -6.10
C ASN B 725 16.86 47.51 -4.85
N GLY B 726 16.00 46.72 -4.20
CA GLY B 726 16.43 45.92 -3.05
C GLY B 726 15.78 46.38 -1.77
N PHE B 727 14.86 47.33 -1.84
CA PHE B 727 14.15 47.68 -0.62
C PHE B 727 13.66 46.41 0.05
N PHE B 728 13.01 45.53 -0.73
CA PHE B 728 12.46 44.31 -0.15
C PHE B 728 13.41 43.10 -0.11
N SER B 729 14.54 43.17 -0.82
CA SER B 729 15.63 42.20 -0.68
C SER B 729 17.04 42.83 -0.57
N PRO B 730 17.33 43.51 0.57
CA PRO B 730 18.64 44.21 0.75
C PRO B 730 19.83 43.29 0.47
N LYS B 731 19.91 42.16 1.18
CA LYS B 731 20.94 41.17 0.92
C LYS B 731 21.03 40.73 -0.54
N GLN B 732 19.97 40.91 -1.33
CA GLN B 732 20.00 40.42 -2.72
C GLN B 732 19.35 41.38 -3.74
N PRO B 733 19.85 42.63 -3.86
CA PRO B 733 19.00 43.65 -4.50
C PRO B 733 18.40 43.38 -5.89
N ASP B 734 18.99 42.45 -6.64
CA ASP B 734 18.43 42.07 -7.95
C ASP B 734 17.46 40.89 -7.95
N LEU B 735 17.08 40.45 -6.76
CA LEU B 735 16.18 39.31 -6.53
C LEU B 735 14.93 39.24 -7.43
N PHE B 736 14.22 40.35 -7.55
CA PHE B 736 12.95 40.43 -8.31
C PHE B 736 13.05 40.91 -9.77
N LYS B 737 14.26 40.82 -10.31
CA LYS B 737 14.56 41.19 -11.70
C LYS B 737 13.57 40.58 -12.72
N ASP B 738 13.28 39.28 -12.59
CA ASP B 738 12.38 38.58 -13.52
C ASP B 738 10.93 39.08 -13.40
N ILE B 739 10.51 39.47 -12.20
CA ILE B 739 9.20 40.11 -12.00
C ILE B 739 9.04 41.46 -12.74
N ILE B 740 9.88 42.43 -12.33
CA ILE B 740 9.99 43.74 -13.01
C ILE B 740 10.08 43.50 -14.51
N ASN B 741 10.99 42.65 -14.90
CA ASN B 741 11.08 42.29 -16.27
C ASN B 741 9.71 41.97 -16.89
N MET B 742 8.96 41.04 -16.30
CA MET B 742 7.67 40.58 -16.87
C MET B 742 6.60 41.67 -16.83
N LEU B 743 6.52 42.38 -15.73
CA LEU B 743 5.57 43.48 -15.58
C LEU B 743 5.80 44.52 -16.68
N PHE B 744 7.07 44.78 -16.96
CA PHE B 744 7.38 45.85 -17.90
C PHE B 744 7.25 45.45 -19.34
N TYR B 745 7.58 44.22 -19.68
CA TYR B 745 7.68 43.84 -21.10
C TYR B 745 6.84 42.65 -21.55
N HIS B 746 6.34 41.85 -20.61
CA HIS B 746 5.68 40.57 -20.95
C HIS B 746 4.44 40.23 -20.13
N ASP B 747 3.73 41.22 -19.61
CA ASP B 747 2.59 40.96 -18.76
C ASP B 747 1.29 40.83 -19.54
N ARG B 748 0.95 39.59 -19.88
CA ARG B 748 -0.35 39.27 -20.51
C ARG B 748 -1.57 39.67 -19.71
N PHE B 749 -1.38 39.99 -18.43
CA PHE B 749 -2.50 40.22 -17.52
C PHE B 749 -2.64 41.67 -16.98
N LYS B 750 -1.82 42.55 -17.57
CA LYS B 750 -2.01 44.00 -17.51
C LYS B 750 -2.21 44.46 -16.10
N VAL B 751 -1.27 44.11 -15.25
CA VAL B 751 -1.32 44.49 -13.84
C VAL B 751 -1.39 46.01 -13.68
N PHE B 752 -0.42 46.73 -14.24
CA PHE B 752 -0.36 48.18 -14.07
C PHE B 752 -1.63 48.78 -14.65
N ALA B 753 -2.14 48.22 -15.70
CA ALA B 753 -3.35 48.81 -16.29
C ALA B 753 -4.57 48.86 -15.34
N ASP B 754 -4.57 48.08 -14.27
CA ASP B 754 -5.69 48.02 -13.33
C ASP B 754 -5.29 48.56 -11.97
N TYR B 755 -4.01 48.93 -11.83
CA TYR B 755 -3.48 49.44 -10.58
C TYR B 755 -4.26 50.63 -9.99
N GLU B 756 -4.58 51.62 -10.82
CA GLU B 756 -5.18 52.86 -10.37
C GLU B 756 -6.63 52.66 -9.95
N ALA B 757 -7.44 52.06 -10.82
CA ALA B 757 -8.80 51.75 -10.43
C ALA B 757 -8.87 50.84 -9.18
N TYR B 758 -7.91 49.91 -9.06
CA TYR B 758 -7.81 49.02 -7.90
C TYR B 758 -7.50 49.76 -6.59
N VAL B 759 -6.48 50.64 -6.63
CA VAL B 759 -6.20 51.45 -5.41
C VAL B 759 -7.30 52.42 -5.03
N LYS B 760 -8.00 53.03 -5.99
CA LYS B 760 -9.16 53.90 -5.64
C LYS B 760 -10.30 53.09 -5.02
N CYS B 761 -10.67 52.00 -5.67
CA CYS B 761 -11.58 50.98 -5.10
C CYS B 761 -11.21 50.57 -3.67
N GLN B 762 -9.94 50.29 -3.40
CA GLN B 762 -9.61 49.91 -2.02
C GLN B 762 -9.87 50.99 -1.01
N ASP B 763 -9.60 52.24 -1.37
CA ASP B 763 -9.89 53.43 -0.53
C ASP B 763 -11.41 53.48 -0.19
N LYS B 764 -12.26 53.29 -1.20
CA LYS B 764 -13.72 53.15 -0.95
C LYS B 764 -14.04 52.03 0.06
N VAL B 765 -13.34 50.89 -0.06
CA VAL B 765 -13.52 49.77 0.88
C VAL B 765 -13.14 50.19 2.30
N SER B 766 -11.96 50.82 2.42
CA SER B 766 -11.44 51.27 3.74
C SER B 766 -12.38 52.24 4.42
N GLN B 767 -13.02 53.11 3.66
CA GLN B 767 -13.95 54.06 4.29
C GLN B 767 -15.35 53.53 4.63
N LEU B 768 -15.81 52.52 3.88
CA LEU B 768 -17.04 51.87 4.29
C LEU B 768 -16.89 51.08 5.62
N TYR B 769 -15.67 50.61 5.92
CA TYR B 769 -15.42 49.68 7.02
C TYR B 769 -15.44 50.41 8.37
N MET B 770 -15.14 51.71 8.29
CA MET B 770 -15.21 52.61 9.42
C MET B 770 -16.66 52.81 9.82
N ASN B 771 -17.59 52.44 8.96
CA ASN B 771 -18.99 52.55 9.29
C ASN B 771 -19.64 51.19 9.46
N PRO B 772 -19.58 50.63 10.69
CA PRO B 772 -20.15 49.29 10.97
C PRO B 772 -21.56 49.02 10.46
N LYS B 773 -22.45 49.97 10.60
CA LYS B 773 -23.83 49.73 10.24
C LYS B 773 -23.97 49.62 8.72
N ALA B 774 -23.20 50.41 7.98
CA ALA B 774 -23.30 50.41 6.51
C ALA B 774 -22.55 49.22 5.86
N TRP B 775 -21.32 48.94 6.36
CA TRP B 775 -20.59 47.70 6.07
C TRP B 775 -21.49 46.46 6.21
N ASN B 776 -22.00 46.23 7.42
CA ASN B 776 -22.86 45.09 7.69
C ASN B 776 -24.20 45.12 6.97
N THR B 777 -24.59 46.29 6.48
CA THR B 777 -25.84 46.39 5.71
C THR B 777 -25.55 45.78 4.36
N MET B 778 -24.40 46.14 3.78
CA MET B 778 -23.97 45.55 2.51
C MET B 778 -23.71 44.00 2.63
N VAL B 779 -23.09 43.57 3.73
CA VAL B 779 -22.85 42.15 4.02
C VAL B 779 -24.16 41.38 4.01
N LEU B 780 -25.17 41.94 4.65
CA LEU B 780 -26.49 41.33 4.66
C LEU B 780 -27.09 41.12 3.25
N LYS B 781 -26.93 42.11 2.38
CA LYS B 781 -27.43 42.02 1.00
C LYS B 781 -26.63 41.03 0.17
N ASN B 782 -25.34 40.90 0.47
CA ASN B 782 -24.56 39.84 -0.14
C ASN B 782 -25.04 38.41 0.27
N ILE B 783 -25.24 38.15 1.57
CA ILE B 783 -25.68 36.82 2.03
C ILE B 783 -27.08 36.49 1.51
N ALA B 784 -28.02 37.45 1.61
CA ALA B 784 -29.40 37.26 1.09
C ALA B 784 -29.46 37.06 -0.42
N ALA B 785 -28.41 37.45 -1.08
CA ALA B 785 -28.37 37.27 -2.54
C ALA B 785 -27.61 36.01 -2.99
N SER B 786 -27.01 35.25 -2.07
CA SER B 786 -26.12 34.17 -2.51
C SER B 786 -26.79 32.87 -2.93
N GLY B 787 -28.11 32.74 -2.71
CA GLY B 787 -28.88 31.55 -3.08
C GLY B 787 -28.58 30.90 -4.41
N LYS B 788 -28.46 31.73 -5.45
CA LYS B 788 -28.24 31.24 -6.81
C LYS B 788 -26.97 30.33 -6.95
N PHE B 789 -26.09 30.47 -5.97
CA PHE B 789 -24.74 29.91 -5.97
C PHE B 789 -24.61 28.56 -5.25
N SER B 790 -25.71 28.04 -4.78
CA SER B 790 -25.75 26.70 -4.28
C SER B 790 -25.48 25.77 -5.46
N SER B 791 -24.54 24.83 -5.29
CA SER B 791 -24.38 23.74 -6.25
C SER B 791 -25.68 22.96 -6.49
N ASP B 792 -26.64 23.03 -5.58
CA ASP B 792 -27.94 22.33 -5.80
C ASP B 792 -28.65 22.92 -7.06
N ARG B 793 -28.63 24.26 -7.18
CA ARG B 793 -29.20 24.97 -8.35
C ARG B 793 -28.43 24.53 -9.59
N THR B 794 -27.10 24.62 -9.55
CA THR B 794 -26.26 24.11 -10.63
C THR B 794 -26.69 22.70 -11.06
N ILE B 795 -26.77 21.75 -10.11
CA ILE B 795 -27.02 20.37 -10.45
C ILE B 795 -28.41 20.16 -11.06
N LYS B 796 -29.49 20.74 -10.48
CA LYS B 796 -30.83 20.70 -11.17
C LYS B 796 -30.76 21.14 -12.65
N GLU B 797 -30.01 22.20 -12.95
CA GLU B 797 -29.82 22.62 -14.36
C GLU B 797 -29.18 21.58 -15.22
N TYR B 798 -28.07 20.98 -14.78
CA TYR B 798 -27.45 19.90 -15.53
C TYR B 798 -28.41 18.75 -15.67
N ALA B 799 -29.10 18.41 -14.59
CA ALA B 799 -30.02 17.30 -14.64
C ALA B 799 -31.11 17.53 -15.73
N GLN B 800 -31.79 18.66 -15.70
CA GLN B 800 -32.94 18.85 -16.58
C GLN B 800 -32.50 19.13 -18.02
N ASN B 801 -31.32 19.71 -18.24
CA ASN B 801 -30.93 20.09 -19.60
C ASN B 801 -29.81 19.35 -20.21
N ILE B 802 -29.13 18.48 -19.47
CA ILE B 802 -28.02 17.79 -20.10
C ILE B 802 -28.13 16.29 -19.93
N TRP B 803 -28.34 15.85 -18.69
CA TRP B 803 -28.37 14.43 -18.33
C TRP B 803 -29.75 13.82 -18.56
N ASN B 804 -30.78 14.67 -18.58
CA ASN B 804 -32.15 14.21 -18.70
C ASN B 804 -32.52 13.23 -17.56
N VAL B 805 -32.21 13.61 -16.34
CA VAL B 805 -32.60 12.85 -15.15
C VAL B 805 -33.38 13.76 -14.17
N GLU B 806 -33.99 13.14 -13.17
CA GLU B 806 -34.83 13.87 -12.21
C GLU B 806 -34.41 13.67 -10.75
N PRO B 807 -34.34 14.78 -10.00
CA PRO B 807 -34.13 14.64 -8.54
C PRO B 807 -35.25 13.81 -7.90
N SER B 808 -34.96 13.04 -6.85
CA SER B 808 -35.99 12.26 -6.13
C SER B 808 -35.64 12.06 -4.65
N ASP B 809 -36.26 11.07 -4.00
CA ASP B 809 -35.92 10.66 -2.59
C ASP B 809 -36.37 9.20 -2.16
#